data_4RV1
#
_entry.id   4RV1
#
_cell.length_a   99.265
_cell.length_b   99.265
_cell.length_c   432.183
_cell.angle_alpha   90.000
_cell.angle_beta   90.000
_cell.angle_gamma   120.000
#
_symmetry.space_group_name_H-M   'P 32 2 1'
#
loop_
_entity.id
_entity.type
_entity.pdbx_description
1 polymer 'Engineered Protein OR497'
2 non-polymer 'ACETATE ION'
3 water water
#
_entity_poly.entity_id   1
_entity_poly.type   'polypeptide(L)'
_entity_poly.pdbx_seq_one_letter_code
;MNDVEKLVKLLTSTDSETQKEAARDLAEIASGPASAIKAIVDAGGVEVLVKLLTSTDSEVQKEAARALANIASGPDEAIK
AIVDAGGVEVLVKLLTSTDSEVQKEAARALANIASGPDEAIKAIVDAGGVEVLVKLLTSTDSEVQKEAARALANIASGPD
EAIKAIVDAGGVEVLVKLLTSTDSEVQKEAARALANIASGPTSAIKAIVDAGGVEVLVKLLTSTDSEVQKEAARALANIA
SGPDEAIKAIVDAGGVEVLVKLLTSTDSEVQKEAARALANIASGPDEAIKAIVDAGGVEVLVKLLTSTDSEVQKEAARAL
ANIASGPDEAIKAIVDAGGVEVLVKLLTSTDSEVQKEAARALANIASGPTSAIKAIVDAGGVEVLQKLLTSTDSEVQKEA
QRALENIKSGGWLEHHHHHH
;
_entity_poly.pdbx_strand_id   A,B,C,D,E,F
#
loop_
_chem_comp.id
_chem_comp.type
_chem_comp.name
_chem_comp.formula
ACT non-polymer 'ACETATE ION' 'C2 H3 O2 -1'
#
# COMPACT_ATOMS: atom_id res chain seq x y z
N MET A 1 31.37 -27.29 13.97
CA MET A 1 30.55 -26.75 12.86
C MET A 1 29.48 -25.80 13.37
N ASN A 2 29.34 -24.67 12.68
CA ASN A 2 28.37 -23.63 13.03
C ASN A 2 26.98 -23.93 12.47
N ASP A 3 26.01 -23.15 12.91
CA ASP A 3 24.61 -23.27 12.48
C ASP A 3 24.46 -23.67 11.00
N VAL A 4 25.08 -22.89 10.12
CA VAL A 4 25.03 -23.12 8.69
C VAL A 4 25.56 -24.48 8.25
N GLU A 5 26.80 -24.78 8.64
CA GLU A 5 27.44 -26.05 8.29
C GLU A 5 26.60 -27.27 8.67
N LYS A 6 26.04 -27.24 9.87
CA LYS A 6 25.22 -28.35 10.35
C LYS A 6 24.00 -28.53 9.46
N LEU A 7 23.56 -27.44 8.85
CA LEU A 7 22.40 -27.45 7.95
C LEU A 7 22.79 -28.09 6.63
N VAL A 8 23.94 -27.70 6.10
CA VAL A 8 24.44 -28.22 4.84
C VAL A 8 24.58 -29.74 4.93
N LYS A 9 25.07 -30.20 6.09
CA LYS A 9 25.27 -31.62 6.34
C LYS A 9 23.90 -32.29 6.41
N LEU A 10 22.96 -31.60 7.05
CA LEU A 10 21.59 -32.09 7.24
C LEU A 10 20.81 -32.09 5.94
N LEU A 11 21.49 -31.76 4.85
CA LEU A 11 20.87 -31.69 3.52
C LEU A 11 20.93 -33.03 2.77
N THR A 12 21.90 -33.86 3.15
CA THR A 12 22.09 -35.16 2.54
C THR A 12 21.62 -36.31 3.42
N SER A 13 20.58 -36.07 4.21
CA SER A 13 20.00 -37.09 5.08
C SER A 13 19.15 -38.07 4.28
N THR A 14 19.11 -39.32 4.75
CA THR A 14 18.34 -40.35 4.06
C THR A 14 16.85 -40.08 4.28
N ASP A 15 16.52 -39.32 5.32
CA ASP A 15 15.12 -39.01 5.60
C ASP A 15 14.71 -37.73 4.86
N SER A 16 13.88 -37.90 3.82
CA SER A 16 13.42 -36.79 3.02
C SER A 16 12.96 -35.60 3.86
N GLU A 17 12.18 -35.86 4.90
CA GLU A 17 11.70 -34.79 5.73
C GLU A 17 12.83 -33.97 6.35
N THR A 18 13.81 -34.64 6.96
CA THR A 18 14.94 -33.94 7.56
C THR A 18 15.56 -33.03 6.50
N GLN A 19 15.61 -33.56 5.28
CA GLN A 19 16.19 -32.90 4.12
C GLN A 19 15.47 -31.61 3.74
N LYS A 20 14.17 -31.70 3.43
CA LYS A 20 13.38 -30.54 3.06
C LYS A 20 13.51 -29.44 4.12
N GLU A 21 13.61 -29.83 5.37
CA GLU A 21 13.70 -28.88 6.47
C GLU A 21 15.03 -28.13 6.47
N ALA A 22 16.07 -28.72 5.90
CA ALA A 22 17.37 -28.07 5.87
C ALA A 22 17.39 -27.04 4.75
N ALA A 23 16.75 -27.37 3.63
CA ALA A 23 16.70 -26.45 2.50
C ALA A 23 15.89 -25.23 2.92
N ARG A 24 14.82 -25.48 3.67
CA ARG A 24 13.95 -24.41 4.16
C ARG A 24 14.70 -23.45 5.06
N ASP A 25 15.59 -23.98 5.90
CA ASP A 25 16.34 -23.13 6.82
C ASP A 25 17.47 -22.38 6.14
N LEU A 26 18.03 -22.96 5.08
CA LEU A 26 19.10 -22.31 4.34
C LEU A 26 18.46 -21.21 3.50
N ALA A 27 17.27 -21.48 2.98
CA ALA A 27 16.56 -20.50 2.18
C ALA A 27 16.27 -19.26 3.03
N GLU A 28 15.78 -19.50 4.24
CA GLU A 28 15.46 -18.43 5.17
C GLU A 28 16.70 -17.57 5.45
N ILE A 29 17.84 -18.22 5.58
CA ILE A 29 19.10 -17.53 5.81
C ILE A 29 19.50 -16.72 4.59
N ALA A 30 19.36 -17.33 3.42
CA ALA A 30 19.74 -16.69 2.18
C ALA A 30 18.93 -15.43 1.89
N SER A 31 17.84 -15.25 2.59
CA SER A 31 17.00 -14.08 2.36
C SER A 31 17.38 -12.92 3.27
N GLY A 32 18.47 -13.11 4.01
CA GLY A 32 18.96 -12.08 4.92
C GLY A 32 20.02 -11.22 4.23
N PRO A 33 21.02 -10.73 4.98
CA PRO A 33 22.11 -9.89 4.47
C PRO A 33 23.10 -10.66 3.62
N ALA A 34 23.85 -9.94 2.77
CA ALA A 34 24.83 -10.57 1.91
C ALA A 34 25.75 -11.51 2.69
N SER A 35 26.27 -11.02 3.81
CA SER A 35 27.16 -11.80 4.65
C SER A 35 26.67 -13.22 4.94
N ALA A 36 25.35 -13.37 5.04
CA ALA A 36 24.76 -14.67 5.31
C ALA A 36 24.80 -15.58 4.08
N ILE A 37 24.65 -14.99 2.90
CA ILE A 37 24.68 -15.76 1.68
C ILE A 37 26.10 -16.26 1.45
N LYS A 38 27.08 -15.53 1.95
CA LYS A 38 28.47 -15.95 1.80
C LYS A 38 28.71 -17.14 2.71
N ALA A 39 28.09 -17.10 3.89
CA ALA A 39 28.22 -18.16 4.88
C ALA A 39 27.81 -19.51 4.32
N ILE A 40 26.79 -19.50 3.45
CA ILE A 40 26.31 -20.73 2.85
C ILE A 40 27.35 -21.18 1.80
N VAL A 41 27.66 -20.28 0.88
CA VAL A 41 28.62 -20.55 -0.18
C VAL A 41 29.88 -21.19 0.40
N ASP A 42 30.45 -20.55 1.41
CA ASP A 42 31.66 -21.06 2.05
C ASP A 42 31.44 -22.49 2.56
N ALA A 43 30.37 -22.68 3.33
CA ALA A 43 30.03 -23.99 3.89
C ALA A 43 29.88 -25.03 2.79
N GLY A 44 29.81 -24.58 1.55
CA GLY A 44 29.67 -25.50 0.44
C GLY A 44 28.24 -25.89 0.16
N GLY A 45 27.31 -25.04 0.60
CA GLY A 45 25.89 -25.31 0.39
C GLY A 45 25.40 -25.31 -1.04
N VAL A 46 25.97 -24.43 -1.87
CA VAL A 46 25.58 -24.32 -3.28
C VAL A 46 25.69 -25.60 -4.08
N GLU A 47 26.83 -26.28 -3.96
CA GLU A 47 27.06 -27.53 -4.69
C GLU A 47 26.07 -28.59 -4.25
N VAL A 48 25.87 -28.70 -2.93
CA VAL A 48 24.96 -29.68 -2.37
C VAL A 48 23.53 -29.41 -2.85
N LEU A 49 23.08 -28.17 -2.68
CA LEU A 49 21.74 -27.78 -3.10
C LEU A 49 21.49 -28.13 -4.57
N VAL A 50 22.50 -27.89 -5.42
CA VAL A 50 22.33 -28.18 -6.82
C VAL A 50 22.10 -29.66 -7.09
N LYS A 51 22.74 -30.54 -6.31
CA LYS A 51 22.52 -31.97 -6.50
C LYS A 51 21.06 -32.34 -6.18
N LEU A 52 20.52 -31.73 -5.13
CA LEU A 52 19.14 -31.97 -4.74
C LEU A 52 18.16 -31.50 -5.81
N LEU A 53 18.64 -30.72 -6.78
CA LEU A 53 17.77 -30.25 -7.84
C LEU A 53 17.34 -31.42 -8.71
N THR A 54 18.11 -32.50 -8.64
CA THR A 54 17.82 -33.70 -9.41
C THR A 54 17.18 -34.79 -8.57
N SER A 55 16.74 -34.43 -7.38
CA SER A 55 16.06 -35.38 -6.49
C SER A 55 14.82 -35.89 -7.21
N THR A 56 14.29 -37.01 -6.76
CA THR A 56 13.09 -37.55 -7.39
C THR A 56 11.87 -37.06 -6.61
N ASP A 57 12.12 -36.28 -5.57
CA ASP A 57 11.07 -35.71 -4.74
C ASP A 57 10.86 -34.28 -5.25
N SER A 58 9.78 -34.07 -5.98
CA SER A 58 9.48 -32.76 -6.54
C SER A 58 9.49 -31.69 -5.46
N GLU A 59 9.19 -32.09 -4.22
CA GLU A 59 9.17 -31.14 -3.12
C GLU A 59 10.59 -30.86 -2.62
N VAL A 60 11.45 -31.86 -2.66
CA VAL A 60 12.83 -31.63 -2.23
C VAL A 60 13.48 -30.71 -3.25
N GLN A 61 12.99 -30.79 -4.48
CA GLN A 61 13.52 -29.95 -5.53
C GLN A 61 13.17 -28.52 -5.21
N LYS A 62 11.86 -28.27 -5.09
CA LYS A 62 11.34 -26.95 -4.78
C LYS A 62 12.05 -26.21 -3.66
N GLU A 63 12.30 -26.89 -2.56
CA GLU A 63 12.94 -26.27 -1.42
C GLU A 63 14.40 -25.94 -1.65
N ALA A 64 15.06 -26.67 -2.55
CA ALA A 64 16.47 -26.43 -2.84
C ALA A 64 16.61 -25.31 -3.87
N ALA A 65 15.62 -25.22 -4.75
CA ALA A 65 15.62 -24.22 -5.80
C ALA A 65 15.39 -22.87 -5.15
N ARG A 66 14.40 -22.81 -4.29
CA ARG A 66 14.05 -21.60 -3.55
C ARG A 66 15.31 -21.11 -2.83
N ALA A 67 16.07 -22.05 -2.29
CA ALA A 67 17.31 -21.77 -1.58
C ALA A 67 18.34 -21.15 -2.53
N LEU A 68 18.46 -21.72 -3.74
CA LEU A 68 19.41 -21.21 -4.72
C LEU A 68 18.97 -19.84 -5.21
N ALA A 69 17.70 -19.72 -5.60
CA ALA A 69 17.15 -18.44 -6.07
C ALA A 69 17.48 -17.31 -5.09
N ASN A 70 17.34 -17.58 -3.79
CA ASN A 70 17.62 -16.57 -2.79
C ASN A 70 19.11 -16.27 -2.69
N ILE A 71 19.95 -17.26 -2.99
CA ILE A 71 21.39 -17.07 -2.93
C ILE A 71 21.81 -16.30 -4.19
N ALA A 72 21.03 -16.49 -5.25
CA ALA A 72 21.29 -15.83 -6.52
C ALA A 72 20.97 -14.34 -6.48
N SER A 73 20.33 -13.87 -5.43
CA SER A 73 20.01 -12.45 -5.33
C SER A 73 21.11 -11.70 -4.57
N GLY A 74 22.12 -12.45 -4.14
CA GLY A 74 23.25 -11.86 -3.43
C GLY A 74 24.30 -11.33 -4.39
N PRO A 75 25.55 -11.13 -3.93
CA PRO A 75 26.62 -10.61 -4.79
C PRO A 75 27.05 -11.56 -5.91
N ASP A 76 27.79 -11.02 -6.88
CA ASP A 76 28.27 -11.80 -8.04
C ASP A 76 28.95 -13.10 -7.62
N GLU A 77 29.74 -13.02 -6.56
CA GLU A 77 30.47 -14.14 -5.98
C GLU A 77 29.53 -15.33 -5.79
N ALA A 78 28.35 -15.06 -5.25
CA ALA A 78 27.38 -16.12 -5.02
C ALA A 78 26.85 -16.64 -6.35
N ILE A 79 26.52 -15.72 -7.25
CA ILE A 79 26.00 -16.09 -8.58
C ILE A 79 27.00 -16.96 -9.32
N LYS A 80 28.29 -16.66 -9.19
CA LYS A 80 29.29 -17.47 -9.88
C LYS A 80 29.33 -18.88 -9.29
N ALA A 81 29.16 -18.98 -7.97
CA ALA A 81 29.18 -20.27 -7.31
C ALA A 81 28.15 -21.21 -7.94
N ILE A 82 26.92 -20.73 -8.12
CA ILE A 82 25.87 -21.55 -8.73
C ILE A 82 26.28 -21.96 -10.14
N VAL A 83 26.77 -20.98 -10.90
CA VAL A 83 27.21 -21.20 -12.27
C VAL A 83 28.30 -22.26 -12.31
N ASP A 84 29.30 -22.11 -11.45
CA ASP A 84 30.42 -23.05 -11.38
C ASP A 84 29.92 -24.43 -10.98
N ALA A 85 29.02 -24.46 -10.01
CA ALA A 85 28.47 -25.72 -9.54
C ALA A 85 27.62 -26.40 -10.61
N GLY A 86 27.53 -25.77 -11.78
CA GLY A 86 26.75 -26.34 -12.87
C GLY A 86 25.25 -26.21 -12.69
N GLY A 87 24.84 -25.23 -11.89
CA GLY A 87 23.43 -25.01 -11.61
C GLY A 87 22.55 -24.45 -12.72
N VAL A 88 23.10 -23.64 -13.62
CA VAL A 88 22.31 -23.06 -14.69
C VAL A 88 21.67 -24.11 -15.61
N GLU A 89 22.49 -25.05 -16.08
CA GLU A 89 22.02 -26.10 -16.97
C GLU A 89 20.86 -26.86 -16.33
N VAL A 90 21.01 -27.20 -15.05
CA VAL A 90 19.99 -27.93 -14.32
C VAL A 90 18.70 -27.12 -14.20
N LEU A 91 18.84 -25.94 -13.61
CA LEU A 91 17.69 -25.06 -13.42
C LEU A 91 16.94 -24.96 -14.73
N VAL A 92 17.68 -24.88 -15.83
CA VAL A 92 17.05 -24.78 -17.13
C VAL A 92 16.18 -26.00 -17.40
N LYS A 93 16.60 -27.18 -16.98
CA LYS A 93 15.77 -28.37 -17.19
C LYS A 93 14.55 -28.28 -16.33
N LEU A 94 14.73 -27.84 -15.07
CA LEU A 94 13.60 -27.68 -14.16
C LEU A 94 12.56 -26.71 -14.70
N LEU A 95 12.95 -25.92 -15.70
CA LEU A 95 12.00 -24.97 -16.26
C LEU A 95 10.82 -25.69 -16.87
N THR A 96 11.05 -26.89 -17.38
CA THR A 96 9.98 -27.66 -18.03
C THR A 96 9.25 -28.62 -17.09
N SER A 97 9.46 -28.49 -15.80
CA SER A 97 8.85 -29.36 -14.82
C SER A 97 7.33 -29.33 -14.82
N THR A 98 6.72 -30.36 -14.22
CA THR A 98 5.27 -30.45 -14.14
C THR A 98 4.78 -29.74 -12.89
N ASP A 99 5.58 -29.82 -11.82
CA ASP A 99 5.23 -29.16 -10.58
C ASP A 99 5.52 -27.68 -10.82
N SER A 100 4.44 -26.90 -10.95
CA SER A 100 4.55 -25.47 -11.20
C SER A 100 5.37 -24.78 -10.12
N GLU A 101 5.34 -25.30 -8.90
CA GLU A 101 6.12 -24.70 -7.83
C GLU A 101 7.62 -24.90 -8.04
N VAL A 102 8.00 -25.81 -8.92
CA VAL A 102 9.41 -26.03 -9.18
C VAL A 102 9.79 -25.05 -10.29
N GLN A 103 8.85 -24.82 -11.20
CA GLN A 103 9.07 -23.90 -12.29
C GLN A 103 9.31 -22.49 -11.76
N LYS A 104 8.41 -22.03 -10.90
CA LYS A 104 8.49 -20.71 -10.31
C LYS A 104 9.86 -20.45 -9.65
N GLU A 105 10.30 -21.37 -8.79
CA GLU A 105 11.60 -21.21 -8.14
C GLU A 105 12.76 -21.33 -9.13
N ALA A 106 12.62 -22.18 -10.14
CA ALA A 106 13.69 -22.32 -11.11
C ALA A 106 13.81 -21.01 -11.88
N ALA A 107 12.68 -20.51 -12.38
CA ALA A 107 12.65 -19.26 -13.15
C ALA A 107 13.11 -18.09 -12.29
N ARG A 108 12.64 -18.03 -11.06
CA ARG A 108 13.04 -16.95 -10.18
C ARG A 108 14.55 -17.05 -10.00
N ALA A 109 15.05 -18.27 -9.81
CA ALA A 109 16.48 -18.45 -9.63
C ALA A 109 17.20 -17.94 -10.88
N LEU A 110 16.79 -18.43 -12.04
CA LEU A 110 17.44 -18.00 -13.27
C LEU A 110 17.38 -16.50 -13.42
N ALA A 111 16.21 -15.91 -13.21
CA ALA A 111 16.06 -14.46 -13.35
C ALA A 111 17.03 -13.73 -12.44
N ASN A 112 17.13 -14.17 -11.19
CA ASN A 112 18.05 -13.51 -10.28
C ASN A 112 19.48 -13.65 -10.79
N ILE A 113 19.75 -14.72 -11.54
CA ILE A 113 21.09 -14.92 -12.06
C ILE A 113 21.36 -14.00 -13.23
N ALA A 114 20.34 -13.77 -14.04
CA ALA A 114 20.49 -12.91 -15.21
C ALA A 114 20.70 -11.44 -14.86
N SER A 115 20.50 -11.10 -13.59
CA SER A 115 20.67 -9.72 -13.17
C SER A 115 22.12 -9.47 -12.79
N GLY A 116 22.95 -10.52 -12.87
CA GLY A 116 24.35 -10.39 -12.53
C GLY A 116 25.17 -9.96 -13.72
N PRO A 117 26.48 -10.27 -13.74
CA PRO A 117 27.40 -9.90 -14.82
C PRO A 117 26.99 -10.48 -16.15
N ASP A 118 27.61 -10.02 -17.24
CA ASP A 118 27.29 -10.52 -18.56
C ASP A 118 27.66 -12.01 -18.67
N GLU A 119 28.65 -12.44 -17.89
CA GLU A 119 29.06 -13.84 -17.91
C GLU A 119 27.89 -14.74 -17.50
N ALA A 120 27.23 -14.38 -16.41
CA ALA A 120 26.09 -15.13 -15.90
C ALA A 120 24.96 -15.17 -16.94
N ILE A 121 24.85 -14.12 -17.75
CA ILE A 121 23.82 -14.09 -18.77
C ILE A 121 24.23 -14.99 -19.93
N LYS A 122 25.52 -15.02 -20.20
CA LYS A 122 26.05 -15.85 -21.28
C LYS A 122 25.75 -17.31 -20.96
N ALA A 123 25.98 -17.67 -19.69
CA ALA A 123 25.77 -19.01 -19.16
C ALA A 123 24.33 -19.48 -19.39
N ILE A 124 23.36 -18.63 -19.07
CA ILE A 124 21.97 -18.97 -19.29
C ILE A 124 21.69 -19.15 -20.79
N VAL A 125 22.22 -18.24 -21.60
CA VAL A 125 22.02 -18.34 -23.04
C VAL A 125 22.73 -19.57 -23.61
N ASP A 126 23.97 -19.79 -23.20
CA ASP A 126 24.74 -20.94 -23.69
C ASP A 126 24.06 -22.24 -23.32
N ALA A 127 23.29 -22.22 -22.23
CA ALA A 127 22.59 -23.41 -21.74
C ALA A 127 21.23 -23.56 -22.41
N GLY A 128 21.00 -22.81 -23.46
CA GLY A 128 19.72 -22.90 -24.14
C GLY A 128 18.57 -22.45 -23.26
N GLY A 129 18.88 -21.61 -22.28
CA GLY A 129 17.85 -21.15 -21.38
C GLY A 129 16.83 -20.21 -21.98
N VAL A 130 17.27 -19.36 -22.90
CA VAL A 130 16.37 -18.38 -23.50
C VAL A 130 15.12 -18.97 -24.13
N GLU A 131 15.27 -19.85 -25.11
CA GLU A 131 14.07 -20.40 -25.75
C GLU A 131 13.10 -21.00 -24.73
N VAL A 132 13.61 -21.75 -23.77
CA VAL A 132 12.70 -22.32 -22.78
C VAL A 132 11.96 -21.17 -22.12
N LEU A 133 12.71 -20.23 -21.54
CA LEU A 133 12.13 -19.06 -20.89
C LEU A 133 11.11 -18.37 -21.80
N VAL A 134 11.42 -18.25 -23.09
CA VAL A 134 10.48 -17.61 -23.99
C VAL A 134 9.14 -18.36 -24.04
N LYS A 135 9.19 -19.68 -23.85
CA LYS A 135 7.97 -20.46 -23.85
C LYS A 135 7.18 -20.21 -22.57
N LEU A 136 7.89 -20.06 -21.47
CA LEU A 136 7.23 -19.80 -20.20
C LEU A 136 6.48 -18.47 -20.16
N LEU A 137 6.77 -17.57 -21.09
CA LEU A 137 6.06 -16.28 -21.10
C LEU A 137 4.57 -16.48 -21.28
N THR A 138 4.17 -17.65 -21.81
CA THR A 138 2.76 -17.93 -22.01
C THR A 138 2.22 -18.97 -21.03
N SER A 139 3.00 -19.28 -20.01
CA SER A 139 2.58 -20.22 -18.98
C SER A 139 1.26 -19.74 -18.39
N THR A 140 0.51 -20.68 -17.82
CA THR A 140 -0.77 -20.37 -17.23
C THR A 140 -0.64 -19.94 -15.79
N ASP A 141 0.51 -20.20 -15.18
CA ASP A 141 0.73 -19.78 -13.79
C ASP A 141 1.27 -18.35 -13.80
N SER A 142 0.47 -17.41 -13.31
CA SER A 142 0.86 -16.01 -13.28
C SER A 142 2.27 -15.81 -12.74
N GLU A 143 2.63 -16.53 -11.69
CA GLU A 143 3.94 -16.38 -11.10
C GLU A 143 5.10 -16.88 -11.94
N VAL A 144 4.91 -17.99 -12.63
CA VAL A 144 5.97 -18.54 -13.46
C VAL A 144 6.19 -17.55 -14.60
N GLN A 145 5.08 -17.03 -15.09
CA GLN A 145 5.13 -16.08 -16.20
C GLN A 145 5.83 -14.78 -15.81
N LYS A 146 5.68 -14.37 -14.55
CA LYS A 146 6.30 -13.15 -14.09
C LYS A 146 7.81 -13.36 -13.97
N GLU A 147 8.24 -14.43 -13.31
CA GLU A 147 9.67 -14.69 -13.19
C GLU A 147 10.35 -14.83 -14.55
N ALA A 148 9.64 -15.41 -15.51
CA ALA A 148 10.20 -15.56 -16.85
C ALA A 148 10.41 -14.19 -17.49
N ALA A 149 9.39 -13.35 -17.46
CA ALA A 149 9.51 -12.01 -18.05
C ALA A 149 10.66 -11.23 -17.40
N ARG A 150 10.82 -11.40 -16.10
CA ARG A 150 11.86 -10.70 -15.39
C ARG A 150 13.20 -11.24 -15.83
N ALA A 151 13.24 -12.54 -16.10
CA ALA A 151 14.48 -13.17 -16.51
C ALA A 151 14.87 -12.66 -17.89
N LEU A 152 13.95 -12.66 -18.83
CA LEU A 152 14.28 -12.18 -20.17
C LEU A 152 14.68 -10.72 -20.12
N ALA A 153 13.97 -9.91 -19.33
CA ALA A 153 14.29 -8.49 -19.24
C ALA A 153 15.73 -8.34 -18.80
N ASN A 154 16.17 -9.13 -17.83
CA ASN A 154 17.55 -9.03 -17.35
C ASN A 154 18.54 -9.47 -18.43
N ILE A 155 18.24 -10.54 -19.12
CA ILE A 155 19.11 -11.05 -20.17
C ILE A 155 19.20 -10.02 -21.31
N ALA A 156 18.11 -9.30 -21.55
CA ALA A 156 18.10 -8.31 -22.63
C ALA A 156 18.96 -7.11 -22.25
N SER A 157 19.32 -7.02 -20.98
CA SER A 157 20.15 -5.91 -20.53
C SER A 157 21.58 -6.41 -20.47
N GLY A 158 21.91 -7.34 -21.38
CA GLY A 158 23.24 -7.92 -21.45
C GLY A 158 23.82 -7.89 -22.86
N PRO A 159 24.84 -8.71 -23.16
CA PRO A 159 25.48 -8.76 -24.48
C PRO A 159 24.49 -8.89 -25.63
N ASP A 160 24.93 -8.50 -26.82
CA ASP A 160 24.08 -8.59 -28.01
C ASP A 160 23.68 -10.03 -28.28
N GLU A 161 24.59 -10.97 -28.00
CA GLU A 161 24.32 -12.39 -28.21
C GLU A 161 23.05 -12.77 -27.45
N ALA A 162 22.87 -12.14 -26.30
CA ALA A 162 21.71 -12.37 -25.47
C ALA A 162 20.47 -11.81 -26.18
N ILE A 163 20.53 -10.55 -26.56
CA ILE A 163 19.41 -9.93 -27.25
C ILE A 163 19.04 -10.75 -28.48
N LYS A 164 20.04 -11.14 -29.26
CA LYS A 164 19.79 -11.91 -30.48
C LYS A 164 19.14 -13.25 -30.17
N ALA A 165 19.53 -13.86 -29.06
CA ALA A 165 18.93 -15.14 -28.69
C ALA A 165 17.40 -14.97 -28.55
N ILE A 166 16.99 -13.95 -27.81
CA ILE A 166 15.58 -13.69 -27.60
C ILE A 166 14.87 -13.43 -28.93
N VAL A 167 15.46 -12.58 -29.75
CA VAL A 167 14.88 -12.23 -31.05
C VAL A 167 14.78 -13.46 -31.94
N ASP A 168 15.86 -14.22 -32.00
CA ASP A 168 15.94 -15.44 -32.81
C ASP A 168 15.22 -16.62 -32.17
N ALA A 169 14.30 -16.33 -31.26
CA ALA A 169 13.54 -17.36 -30.59
C ALA A 169 12.08 -16.93 -30.57
N GLY A 170 11.76 -15.95 -31.41
CA GLY A 170 10.40 -15.42 -31.48
C GLY A 170 10.00 -14.65 -30.24
N GLY A 171 10.97 -14.35 -29.37
CA GLY A 171 10.66 -13.63 -28.14
C GLY A 171 10.01 -12.25 -28.21
N VAL A 172 10.47 -11.41 -29.13
CA VAL A 172 9.93 -10.06 -29.25
C VAL A 172 8.44 -10.02 -29.46
N GLU A 173 7.95 -10.84 -30.38
CA GLU A 173 6.51 -10.90 -30.67
C GLU A 173 5.75 -11.25 -29.40
N VAL A 174 6.28 -12.22 -28.66
CA VAL A 174 5.68 -12.71 -27.42
C VAL A 174 5.69 -11.68 -26.30
N LEU A 175 6.76 -10.90 -26.21
CA LEU A 175 6.85 -9.86 -25.20
C LEU A 175 5.92 -8.73 -25.58
N VAL A 176 5.86 -8.40 -26.87
CA VAL A 176 4.97 -7.34 -27.33
C VAL A 176 3.51 -7.65 -27.04
N LYS A 177 3.17 -8.93 -26.97
CA LYS A 177 1.80 -9.35 -26.68
C LYS A 177 1.55 -9.23 -25.19
N LEU A 178 2.61 -9.40 -24.41
CA LEU A 178 2.56 -9.29 -22.96
C LEU A 178 2.42 -7.84 -22.51
N LEU A 179 2.64 -6.90 -23.43
CA LEU A 179 2.52 -5.49 -23.10
C LEU A 179 1.08 -5.20 -22.77
N THR A 180 0.17 -5.85 -23.49
CA THR A 180 -1.25 -5.66 -23.25
C THR A 180 -1.78 -6.71 -22.27
N SER A 181 -0.94 -7.10 -21.33
CA SER A 181 -1.31 -8.08 -20.32
C SER A 181 -2.31 -7.48 -19.34
N THR A 182 -2.61 -8.24 -18.29
CA THR A 182 -3.54 -7.80 -17.27
C THR A 182 -2.82 -7.63 -15.94
N ASP A 183 -1.74 -8.39 -15.76
CA ASP A 183 -0.93 -8.34 -14.54
C ASP A 183 0.06 -7.18 -14.58
N SER A 184 -0.09 -6.22 -13.67
CA SER A 184 0.80 -5.06 -13.62
C SER A 184 2.25 -5.44 -13.80
N GLU A 185 2.73 -6.36 -12.96
CA GLU A 185 4.10 -6.82 -12.98
C GLU A 185 4.58 -7.44 -14.30
N VAL A 186 3.76 -8.29 -14.91
CA VAL A 186 4.14 -8.91 -16.18
C VAL A 186 4.35 -7.85 -17.25
N GLN A 187 3.40 -6.92 -17.32
CA GLN A 187 3.42 -5.80 -18.25
C GLN A 187 4.68 -4.92 -18.12
N LYS A 188 5.00 -4.51 -16.89
CA LYS A 188 6.19 -3.69 -16.62
C LYS A 188 7.44 -4.45 -17.09
N GLU A 189 7.55 -5.71 -16.69
CA GLU A 189 8.71 -6.53 -17.09
C GLU A 189 8.85 -6.61 -18.62
N ALA A 190 7.75 -6.89 -19.30
CA ALA A 190 7.81 -6.99 -20.75
C ALA A 190 8.25 -5.67 -21.37
N ALA A 191 7.80 -4.55 -20.78
CA ALA A 191 8.16 -3.23 -21.28
C ALA A 191 9.63 -2.99 -21.08
N ARG A 192 10.14 -3.39 -19.92
CA ARG A 192 11.56 -3.24 -19.63
C ARG A 192 12.35 -4.07 -20.62
N ALA A 193 11.87 -5.29 -20.84
CA ALA A 193 12.50 -6.21 -21.77
C ALA A 193 12.72 -5.56 -23.14
N LEU A 194 11.64 -5.07 -23.73
CA LEU A 194 11.70 -4.45 -25.04
C LEU A 194 12.60 -3.18 -25.08
N ALA A 195 12.57 -2.36 -24.04
CA ALA A 195 13.44 -1.20 -24.01
C ALA A 195 14.87 -1.74 -24.00
N ASN A 196 15.11 -2.80 -23.24
CA ASN A 196 16.44 -3.40 -23.21
C ASN A 196 16.80 -3.92 -24.60
N ILE A 197 15.81 -4.50 -25.29
CA ILE A 197 16.05 -5.05 -26.61
C ILE A 197 16.24 -3.93 -27.63
N ALA A 198 15.41 -2.88 -27.54
CA ALA A 198 15.50 -1.76 -28.46
C ALA A 198 16.81 -0.97 -28.33
N SER A 199 17.57 -1.21 -27.28
CA SER A 199 18.85 -0.51 -27.12
C SER A 199 19.99 -1.28 -27.76
N GLY A 200 19.67 -2.41 -28.41
CA GLY A 200 20.66 -3.22 -29.08
C GLY A 200 20.82 -2.87 -30.56
N PRO A 201 21.42 -3.77 -31.36
CA PRO A 201 21.61 -3.51 -32.79
C PRO A 201 20.32 -3.30 -33.57
N THR A 202 20.45 -2.93 -34.84
CA THR A 202 19.29 -2.66 -35.69
C THR A 202 18.40 -3.88 -35.87
N SER A 203 19.01 -5.04 -36.02
CA SER A 203 18.27 -6.28 -36.17
C SER A 203 17.20 -6.28 -35.10
N ALA A 204 17.62 -5.95 -33.88
CA ALA A 204 16.75 -5.91 -32.72
C ALA A 204 15.60 -4.92 -32.85
N ILE A 205 15.92 -3.66 -33.13
CA ILE A 205 14.89 -2.63 -33.26
C ILE A 205 13.92 -3.01 -34.38
N LYS A 206 14.46 -3.56 -35.45
CA LYS A 206 13.62 -3.96 -36.58
C LYS A 206 12.66 -5.07 -36.15
N ALA A 207 13.17 -6.04 -35.38
CA ALA A 207 12.33 -7.13 -34.90
C ALA A 207 11.13 -6.58 -34.11
N ILE A 208 11.38 -5.61 -33.22
CA ILE A 208 10.32 -4.98 -32.43
C ILE A 208 9.32 -4.26 -33.33
N VAL A 209 9.83 -3.57 -34.34
CA VAL A 209 8.96 -2.84 -35.26
C VAL A 209 8.11 -3.77 -36.11
N ASP A 210 8.69 -4.90 -36.52
CA ASP A 210 7.97 -5.85 -37.36
C ASP A 210 6.90 -6.63 -36.59
N ALA A 211 7.01 -6.65 -35.26
CA ALA A 211 6.03 -7.36 -34.45
C ALA A 211 4.93 -6.40 -33.99
N GLY A 212 4.92 -5.19 -34.56
CA GLY A 212 3.90 -4.22 -34.21
C GLY A 212 4.03 -3.60 -32.82
N GLY A 213 5.18 -3.85 -32.18
CA GLY A 213 5.42 -3.32 -30.84
C GLY A 213 5.26 -1.81 -30.70
N VAL A 214 5.70 -1.05 -31.70
CA VAL A 214 5.60 0.41 -31.62
C VAL A 214 4.22 0.92 -31.28
N GLU A 215 3.21 0.48 -32.03
CA GLU A 215 1.83 0.91 -31.78
C GLU A 215 1.50 0.64 -30.32
N VAL A 216 1.77 -0.59 -29.89
CA VAL A 216 1.48 -0.99 -28.52
C VAL A 216 2.20 -0.08 -27.55
N LEU A 217 3.51 0.08 -27.73
CA LEU A 217 4.27 0.96 -26.83
C LEU A 217 3.69 2.37 -26.77
N VAL A 218 3.28 2.91 -27.91
CA VAL A 218 2.72 4.25 -27.91
C VAL A 218 1.49 4.30 -27.02
N LYS A 219 0.72 3.21 -27.02
CA LYS A 219 -0.46 3.14 -26.18
C LYS A 219 -0.07 3.05 -24.69
N LEU A 220 1.04 2.38 -24.39
CA LEU A 220 1.50 2.24 -23.01
C LEU A 220 1.89 3.60 -22.42
N LEU A 221 2.30 4.53 -23.26
CA LEU A 221 2.68 5.85 -22.77
C LEU A 221 1.51 6.55 -22.08
N THR A 222 0.32 5.97 -22.18
CA THR A 222 -0.82 6.58 -21.55
C THR A 222 -1.17 5.88 -20.24
N SER A 223 -0.36 4.90 -19.85
CA SER A 223 -0.61 4.21 -18.60
C SER A 223 -0.63 5.28 -17.52
N THR A 224 -1.31 4.96 -16.43
CA THR A 224 -1.44 5.91 -15.36
C THR A 224 -0.32 5.68 -14.35
N ASP A 225 0.53 4.72 -14.69
CA ASP A 225 1.66 4.35 -13.85
C ASP A 225 3.00 4.84 -14.41
N SER A 226 3.56 5.88 -13.79
CA SER A 226 4.85 6.45 -14.21
C SER A 226 5.87 5.34 -14.43
N GLU A 227 5.79 4.31 -13.62
CA GLU A 227 6.72 3.20 -13.71
C GLU A 227 6.62 2.50 -15.06
N VAL A 228 5.41 2.40 -15.60
CA VAL A 228 5.22 1.74 -16.89
C VAL A 228 5.62 2.71 -18.01
N GLN A 229 5.32 3.99 -17.82
CA GLN A 229 5.62 5.01 -18.82
C GLN A 229 7.12 5.08 -19.10
N LYS A 230 7.93 5.14 -18.04
CA LYS A 230 9.38 5.17 -18.17
C LYS A 230 9.81 4.14 -19.20
N GLU A 231 9.45 2.88 -18.97
CA GLU A 231 9.83 1.82 -19.89
C GLU A 231 9.37 2.04 -21.31
N ALA A 232 8.12 2.41 -21.50
CA ALA A 232 7.62 2.64 -22.84
C ALA A 232 8.39 3.79 -23.49
N ALA A 233 8.45 4.94 -22.81
CA ALA A 233 9.16 6.10 -23.37
C ALA A 233 10.58 5.72 -23.75
N ARG A 234 11.25 5.01 -22.84
CA ARG A 234 12.62 4.56 -23.04
C ARG A 234 12.67 3.64 -24.28
N ALA A 235 11.77 2.67 -24.36
CA ALA A 235 11.79 1.78 -25.51
C ALA A 235 11.61 2.60 -26.77
N LEU A 236 10.68 3.55 -26.75
CA LEU A 236 10.47 4.37 -27.94
C LEU A 236 11.72 5.21 -28.24
N ALA A 237 12.36 5.77 -27.22
CA ALA A 237 13.58 6.57 -27.46
C ALA A 237 14.65 5.67 -28.10
N ASN A 238 14.79 4.44 -27.62
CA ASN A 238 15.76 3.55 -28.22
C ASN A 238 15.39 3.21 -29.65
N ILE A 239 14.10 3.03 -29.92
CA ILE A 239 13.66 2.72 -31.26
C ILE A 239 13.94 3.91 -32.18
N ALA A 240 13.66 5.12 -31.66
CA ALA A 240 13.86 6.35 -32.43
C ALA A 240 15.31 6.63 -32.77
N SER A 241 16.24 6.08 -32.01
CA SER A 241 17.66 6.29 -32.27
C SER A 241 18.06 5.33 -33.37
N GLY A 242 17.10 4.52 -33.80
CA GLY A 242 17.36 3.56 -34.85
C GLY A 242 17.33 4.24 -36.19
N PRO A 243 17.21 3.48 -37.28
CA PRO A 243 17.16 4.04 -38.63
C PRO A 243 15.88 4.83 -38.89
N ASP A 244 15.78 5.43 -40.08
CA ASP A 244 14.62 6.23 -40.45
C ASP A 244 13.29 5.49 -40.48
N GLU A 245 13.32 4.21 -40.85
CA GLU A 245 12.09 3.40 -40.92
C GLU A 245 11.50 3.23 -39.53
N ALA A 246 12.36 3.13 -38.53
CA ALA A 246 11.91 2.99 -37.15
C ALA A 246 11.22 4.29 -36.71
N ILE A 247 11.78 5.43 -37.11
CA ILE A 247 11.21 6.71 -36.77
C ILE A 247 9.84 6.85 -37.41
N LYS A 248 9.75 6.51 -38.69
CA LYS A 248 8.48 6.62 -39.40
C LYS A 248 7.39 5.85 -38.67
N ALA A 249 7.77 4.69 -38.12
CA ALA A 249 6.80 3.88 -37.37
C ALA A 249 6.25 4.69 -36.18
N ILE A 250 7.12 5.29 -35.39
CA ILE A 250 6.69 6.10 -34.25
C ILE A 250 5.75 7.20 -34.71
N VAL A 251 6.16 7.93 -35.75
CA VAL A 251 5.36 9.02 -36.27
C VAL A 251 3.97 8.55 -36.68
N ASP A 252 3.93 7.49 -37.48
CA ASP A 252 2.67 6.91 -37.97
C ASP A 252 1.76 6.39 -36.86
N ALA A 253 2.34 5.98 -35.74
CA ALA A 253 1.53 5.47 -34.65
C ALA A 253 1.02 6.61 -33.78
N GLY A 254 1.37 7.83 -34.16
CA GLY A 254 0.94 8.98 -33.38
C GLY A 254 1.77 9.16 -32.12
N GLY A 255 2.94 8.54 -32.11
CA GLY A 255 3.82 8.61 -30.94
C GLY A 255 4.29 10.01 -30.59
N VAL A 256 4.47 10.86 -31.61
CA VAL A 256 4.94 12.21 -31.38
C VAL A 256 4.08 13.09 -30.48
N GLU A 257 2.77 13.16 -30.73
CA GLU A 257 1.95 14.02 -29.87
C GLU A 257 1.86 13.47 -28.46
N VAL A 258 1.86 12.15 -28.32
CA VAL A 258 1.78 11.56 -27.00
C VAL A 258 3.07 11.89 -26.23
N LEU A 259 4.21 11.78 -26.91
CA LEU A 259 5.49 12.09 -26.28
C LEU A 259 5.58 13.58 -25.91
N VAL A 260 5.01 14.45 -26.75
CA VAL A 260 5.02 15.88 -26.50
C VAL A 260 4.30 16.12 -25.17
N LYS A 261 3.25 15.36 -24.96
CA LYS A 261 2.47 15.46 -23.73
C LYS A 261 3.33 15.07 -22.52
N LEU A 262 4.04 13.95 -22.65
CA LEU A 262 4.88 13.46 -21.57
C LEU A 262 6.07 14.35 -21.27
N LEU A 263 6.26 15.39 -22.08
CA LEU A 263 7.38 16.29 -21.85
C LEU A 263 7.19 17.12 -20.58
N THR A 264 6.00 17.09 -20.00
CA THR A 264 5.82 17.86 -18.77
C THR A 264 5.51 16.98 -17.56
N SER A 265 5.69 15.68 -17.71
CA SER A 265 5.47 14.74 -16.63
C SER A 265 6.24 15.22 -15.41
N THR A 266 5.72 14.93 -14.22
CA THR A 266 6.40 15.34 -13.01
C THR A 266 7.44 14.32 -12.60
N ASP A 267 7.46 13.20 -13.32
CA ASP A 267 8.44 12.15 -13.07
C ASP A 267 9.62 12.53 -13.98
N SER A 268 10.80 12.73 -13.38
CA SER A 268 11.97 13.12 -14.17
C SER A 268 12.39 12.11 -15.22
N GLU A 269 12.36 10.81 -14.92
CA GLU A 269 12.77 9.83 -15.95
C GLU A 269 11.85 9.85 -17.18
N VAL A 270 10.54 9.88 -16.97
CA VAL A 270 9.58 9.94 -18.06
C VAL A 270 9.90 11.17 -18.93
N GLN A 271 10.12 12.29 -18.28
CA GLN A 271 10.42 13.54 -18.99
C GLN A 271 11.73 13.42 -19.81
N LYS A 272 12.75 12.84 -19.20
CA LYS A 272 14.04 12.68 -19.87
C LYS A 272 13.88 11.73 -21.05
N GLU A 273 13.28 10.59 -20.81
CA GLU A 273 13.11 9.63 -21.90
C GLU A 273 12.30 10.21 -23.03
N ALA A 274 11.28 11.00 -22.70
CA ALA A 274 10.46 11.61 -23.72
C ALA A 274 11.28 12.58 -24.58
N ALA A 275 12.11 13.38 -23.91
CA ALA A 275 12.91 14.36 -24.61
C ALA A 275 13.93 13.68 -25.50
N ARG A 276 14.46 12.55 -25.04
CA ARG A 276 15.45 11.82 -25.82
C ARG A 276 14.80 11.31 -27.10
N ALA A 277 13.62 10.71 -26.97
CA ALA A 277 12.88 10.17 -28.12
C ALA A 277 12.61 11.27 -29.13
N LEU A 278 12.14 12.43 -28.66
CA LEU A 278 11.86 13.52 -29.59
C LEU A 278 13.13 14.01 -30.24
N ALA A 279 14.22 14.01 -29.46
CA ALA A 279 15.52 14.44 -29.98
C ALA A 279 15.90 13.47 -31.08
N ASN A 280 15.71 12.17 -30.84
CA ASN A 280 16.05 11.17 -31.85
C ASN A 280 15.14 11.32 -33.07
N ILE A 281 13.83 11.42 -32.82
CA ILE A 281 12.87 11.57 -33.91
C ILE A 281 13.21 12.79 -34.75
N ALA A 282 13.59 13.89 -34.09
CA ALA A 282 13.91 15.11 -34.84
C ALA A 282 15.18 14.98 -35.71
N SER A 283 15.94 13.90 -35.51
CA SER A 283 17.15 13.67 -36.29
C SER A 283 16.82 12.90 -37.56
N GLY A 284 15.55 12.56 -37.73
CA GLY A 284 15.14 11.81 -38.91
C GLY A 284 14.83 12.70 -40.08
N PRO A 285 13.99 12.23 -41.02
CA PRO A 285 13.63 13.01 -42.21
C PRO A 285 12.65 14.16 -41.92
N ASP A 286 12.53 15.07 -42.88
CA ASP A 286 11.64 16.23 -42.75
C ASP A 286 10.25 15.99 -42.16
N GLU A 287 9.55 14.96 -42.63
CA GLU A 287 8.21 14.70 -42.13
C GLU A 287 8.15 14.50 -40.62
N ALA A 288 9.17 13.86 -40.07
CA ALA A 288 9.22 13.61 -38.65
C ALA A 288 9.32 14.94 -37.91
N ILE A 289 10.08 15.86 -38.48
CA ILE A 289 10.22 17.16 -37.89
C ILE A 289 8.84 17.82 -37.93
N LYS A 290 8.22 17.74 -39.11
CA LYS A 290 6.89 18.29 -39.32
C LYS A 290 5.97 17.89 -38.16
N ALA A 291 5.93 16.59 -37.87
CA ALA A 291 5.11 16.03 -36.80
C ALA A 291 5.35 16.65 -35.44
N ILE A 292 6.60 16.96 -35.12
CA ILE A 292 6.87 17.59 -33.83
C ILE A 292 6.23 18.99 -33.84
N VAL A 293 6.49 19.73 -34.93
CA VAL A 293 5.97 21.07 -35.10
C VAL A 293 4.46 21.10 -35.06
N ASP A 294 3.82 20.20 -35.80
CA ASP A 294 2.36 20.15 -35.83
C ASP A 294 1.75 19.68 -34.51
N ALA A 295 2.56 19.11 -33.63
CA ALA A 295 2.06 18.66 -32.34
C ALA A 295 2.35 19.67 -31.24
N GLY A 296 2.83 20.85 -31.62
CA GLY A 296 3.16 21.85 -30.62
C GLY A 296 4.44 21.55 -29.84
N GLY A 297 5.27 20.65 -30.39
CA GLY A 297 6.50 20.26 -29.73
C GLY A 297 7.51 21.37 -29.48
N VAL A 298 7.75 22.19 -30.50
CA VAL A 298 8.70 23.28 -30.37
C VAL A 298 8.50 24.21 -29.17
N GLU A 299 7.30 24.69 -28.93
CA GLU A 299 7.08 25.59 -27.79
C GLU A 299 7.45 24.90 -26.49
N VAL A 300 7.08 23.62 -26.39
CA VAL A 300 7.36 22.85 -25.19
C VAL A 300 8.87 22.66 -25.01
N LEU A 301 9.54 22.21 -26.07
CA LEU A 301 10.96 21.98 -26.03
C LEU A 301 11.68 23.25 -25.65
N VAL A 302 11.15 24.39 -26.06
CA VAL A 302 11.77 25.66 -25.74
C VAL A 302 11.73 25.94 -24.24
N LYS A 303 10.61 25.62 -23.60
CA LYS A 303 10.50 25.83 -22.15
C LYS A 303 11.43 24.89 -21.40
N LEU A 304 11.60 23.67 -21.93
CA LEU A 304 12.47 22.70 -21.31
C LEU A 304 13.93 23.12 -21.42
N LEU A 305 14.19 24.13 -22.24
CA LEU A 305 15.54 24.65 -22.43
C LEU A 305 16.04 25.29 -21.15
N THR A 306 15.12 25.61 -20.25
CA THR A 306 15.49 26.23 -18.99
C THR A 306 15.20 25.30 -17.82
N SER A 307 15.04 24.02 -18.14
CA SER A 307 14.81 23.00 -17.13
C SER A 307 16.04 22.91 -16.22
N THR A 308 15.81 22.81 -14.91
CA THR A 308 16.94 22.72 -13.99
C THR A 308 17.53 21.33 -13.95
N ASP A 309 16.95 20.42 -14.74
CA ASP A 309 17.44 19.05 -14.82
C ASP A 309 18.39 19.00 -16.01
N SER A 310 19.68 18.90 -15.74
CA SER A 310 20.69 18.89 -16.79
C SER A 310 20.45 17.89 -17.93
N GLU A 311 20.04 16.68 -17.60
CA GLU A 311 19.79 15.68 -18.64
C GLU A 311 18.65 16.14 -19.57
N VAL A 312 17.54 16.58 -18.97
CA VAL A 312 16.39 17.06 -19.76
C VAL A 312 16.76 18.23 -20.65
N GLN A 313 17.50 19.17 -20.10
CA GLN A 313 17.95 20.34 -20.85
C GLN A 313 18.75 19.89 -22.08
N LYS A 314 19.72 19.00 -21.86
CA LYS A 314 20.55 18.52 -22.97
C LYS A 314 19.72 17.91 -24.10
N GLU A 315 18.74 17.06 -23.79
CA GLU A 315 17.90 16.46 -24.83
C GLU A 315 17.05 17.49 -25.56
N ALA A 316 16.57 18.50 -24.83
CA ALA A 316 15.75 19.52 -25.46
C ALA A 316 16.62 20.33 -26.40
N ALA A 317 17.84 20.65 -25.96
CA ALA A 317 18.76 21.44 -26.77
C ALA A 317 19.07 20.71 -28.06
N ARG A 318 19.34 19.42 -27.94
CA ARG A 318 19.65 18.58 -29.09
C ARG A 318 18.42 18.49 -30.00
N ALA A 319 17.25 18.25 -29.41
CA ALA A 319 16.02 18.16 -30.19
C ALA A 319 15.81 19.41 -31.02
N LEU A 320 15.99 20.57 -30.37
CA LEU A 320 15.80 21.84 -31.04
C LEU A 320 16.87 22.10 -32.11
N ALA A 321 18.10 21.64 -31.89
CA ALA A 321 19.08 21.84 -32.94
C ALA A 321 18.65 21.02 -34.14
N ASN A 322 18.30 19.75 -33.91
CA ASN A 322 17.85 18.89 -35.00
C ASN A 322 16.64 19.42 -35.76
N ILE A 323 15.63 19.88 -35.03
CA ILE A 323 14.43 20.44 -35.66
C ILE A 323 14.87 21.65 -36.47
N ALA A 324 15.81 22.43 -35.92
CA ALA A 324 16.27 23.64 -36.60
C ALA A 324 16.96 23.38 -37.94
N SER A 325 17.40 22.15 -38.18
CA SER A 325 18.06 21.87 -39.45
C SER A 325 17.05 21.36 -40.46
N GLY A 326 15.78 21.71 -40.24
CA GLY A 326 14.77 21.24 -41.16
C GLY A 326 14.32 22.33 -42.10
N PRO A 327 13.09 22.27 -42.60
CA PRO A 327 12.60 23.32 -43.50
C PRO A 327 12.40 24.63 -42.74
N ASP A 328 12.37 25.74 -43.47
CA ASP A 328 12.19 27.07 -42.86
C ASP A 328 10.98 27.16 -41.93
N GLU A 329 9.96 26.33 -42.17
CA GLU A 329 8.76 26.30 -41.34
C GLU A 329 9.17 25.91 -39.92
N ALA A 330 10.02 24.89 -39.85
CA ALA A 330 10.53 24.40 -38.58
C ALA A 330 11.29 25.51 -37.87
N ILE A 331 12.05 26.29 -38.63
CA ILE A 331 12.82 27.39 -38.04
C ILE A 331 11.94 28.52 -37.56
N LYS A 332 10.94 28.88 -38.36
CA LYS A 332 10.02 29.96 -37.99
C LYS A 332 9.36 29.57 -36.67
N ALA A 333 9.11 28.27 -36.50
CA ALA A 333 8.48 27.73 -35.29
C ALA A 333 9.27 28.02 -34.02
N ILE A 334 10.57 27.77 -34.07
CA ILE A 334 11.45 28.02 -32.93
C ILE A 334 11.45 29.51 -32.66
N VAL A 335 11.61 30.30 -33.72
CA VAL A 335 11.62 31.77 -33.60
C VAL A 335 10.33 32.27 -32.96
N ASP A 336 9.20 31.73 -33.39
CA ASP A 336 7.89 32.12 -32.86
C ASP A 336 7.69 31.73 -31.39
N ALA A 337 8.37 30.68 -30.95
CA ALA A 337 8.24 30.20 -29.58
C ALA A 337 9.15 30.95 -28.61
N GLY A 338 9.96 31.86 -29.14
CA GLY A 338 10.88 32.62 -28.32
C GLY A 338 12.24 31.93 -28.21
N GLY A 339 12.36 30.80 -28.89
CA GLY A 339 13.59 30.02 -28.86
C GLY A 339 14.94 30.69 -29.08
N VAL A 340 15.03 31.59 -30.05
CA VAL A 340 16.30 32.23 -30.32
C VAL A 340 16.95 32.87 -29.09
N GLU A 341 16.19 33.76 -28.46
CA GLU A 341 16.64 34.47 -27.27
C GLU A 341 17.13 33.51 -26.19
N VAL A 342 16.39 32.41 -25.98
CA VAL A 342 16.77 31.42 -24.95
C VAL A 342 18.09 30.73 -25.33
N LEU A 343 18.21 30.33 -26.59
CA LEU A 343 19.40 29.66 -27.09
C LEU A 343 20.61 30.59 -26.98
N VAL A 344 20.43 31.86 -27.33
CA VAL A 344 21.53 32.80 -27.24
C VAL A 344 22.07 32.81 -25.83
N LYS A 345 21.19 32.73 -24.84
CA LYS A 345 21.63 32.73 -23.44
C LYS A 345 22.38 31.45 -23.13
N LEU A 346 21.93 30.35 -23.73
CA LEU A 346 22.55 29.04 -23.52
C LEU A 346 23.96 28.91 -24.12
N LEU A 347 24.32 29.79 -25.04
CA LEU A 347 25.64 29.72 -25.66
C LEU A 347 26.79 29.79 -24.65
N THR A 348 26.51 30.35 -23.47
CA THR A 348 27.54 30.48 -22.45
C THR A 348 27.28 29.56 -21.25
N SER A 349 26.66 28.42 -21.50
CA SER A 349 26.41 27.47 -20.42
C SER A 349 27.72 26.74 -20.09
N THR A 350 27.91 26.41 -18.83
CA THR A 350 29.12 25.73 -18.40
C THR A 350 29.12 24.25 -18.79
N ASP A 351 27.95 23.75 -19.20
CA ASP A 351 27.79 22.35 -19.63
C ASP A 351 28.15 22.24 -21.12
N SER A 352 29.31 21.67 -21.41
CA SER A 352 29.80 21.52 -22.78
C SER A 352 28.75 21.15 -23.82
N GLU A 353 27.93 20.16 -23.51
CA GLU A 353 26.89 19.68 -24.42
C GLU A 353 25.75 20.66 -24.66
N VAL A 354 25.24 21.27 -23.60
CA VAL A 354 24.16 22.24 -23.76
C VAL A 354 24.68 23.31 -24.69
N GLN A 355 25.88 23.80 -24.39
CA GLN A 355 26.49 24.84 -25.20
C GLN A 355 26.58 24.41 -26.67
N LYS A 356 27.29 23.32 -26.92
CA LYS A 356 27.42 22.81 -28.28
C LYS A 356 26.09 22.73 -29.01
N GLU A 357 25.08 22.11 -28.40
CA GLU A 357 23.77 22.00 -29.06
C GLU A 357 23.17 23.38 -29.36
N ALA A 358 23.39 24.35 -28.46
CA ALA A 358 22.84 25.70 -28.68
C ALA A 358 23.51 26.30 -29.89
N ALA A 359 24.83 26.22 -29.90
CA ALA A 359 25.61 26.74 -31.00
C ALA A 359 25.10 26.10 -32.29
N ARG A 360 24.87 24.79 -32.24
CA ARG A 360 24.40 24.07 -33.42
C ARG A 360 23.03 24.57 -33.87
N ALA A 361 22.11 24.76 -32.94
CA ALA A 361 20.77 25.23 -33.29
C ALA A 361 20.75 26.66 -33.83
N LEU A 362 21.65 27.51 -33.35
CA LEU A 362 21.69 28.89 -33.81
C LEU A 362 22.34 28.93 -35.19
N ALA A 363 23.23 27.99 -35.44
CA ALA A 363 23.87 27.92 -36.74
C ALA A 363 22.80 27.47 -37.74
N ASN A 364 22.00 26.48 -37.36
CA ASN A 364 20.96 26.02 -38.29
C ASN A 364 19.90 27.07 -38.53
N ILE A 365 19.58 27.84 -37.49
CA ILE A 365 18.59 28.89 -37.68
C ILE A 365 19.17 30.04 -38.49
N ALA A 366 20.48 30.22 -38.39
CA ALA A 366 21.16 31.29 -39.12
C ALA A 366 21.19 31.09 -40.63
N SER A 367 20.78 29.90 -41.09
CA SER A 367 20.77 29.58 -42.52
C SER A 367 19.35 29.64 -43.05
N GLY A 368 18.47 30.29 -42.31
CA GLY A 368 17.10 30.39 -42.75
C GLY A 368 16.72 31.77 -43.22
N PRO A 369 15.41 32.12 -43.18
CA PRO A 369 14.86 33.41 -43.59
C PRO A 369 15.48 34.64 -42.94
N THR A 370 15.23 35.79 -43.54
CA THR A 370 15.75 37.06 -43.05
C THR A 370 15.27 37.30 -41.63
N SER A 371 14.02 36.92 -41.35
CA SER A 371 13.43 37.09 -40.03
C SER A 371 14.16 36.27 -38.95
N ALA A 372 14.67 35.10 -39.33
CA ALA A 372 15.38 34.23 -38.41
C ALA A 372 16.74 34.83 -38.06
N ILE A 373 17.48 35.24 -39.09
CA ILE A 373 18.80 35.82 -38.93
C ILE A 373 18.69 37.09 -38.09
N LYS A 374 17.59 37.82 -38.27
CA LYS A 374 17.38 39.05 -37.52
C LYS A 374 17.06 38.74 -36.06
N ALA A 375 16.27 37.69 -35.83
CA ALA A 375 15.90 37.31 -34.47
C ALA A 375 17.18 37.11 -33.66
N ILE A 376 18.15 36.41 -34.25
CA ILE A 376 19.43 36.15 -33.60
C ILE A 376 20.09 37.50 -33.31
N VAL A 377 20.19 38.32 -34.36
CA VAL A 377 20.78 39.64 -34.27
C VAL A 377 20.22 40.42 -33.09
N ASP A 378 18.90 40.59 -33.08
CA ASP A 378 18.23 41.31 -32.01
C ASP A 378 18.53 40.75 -30.62
N ALA A 379 18.76 39.44 -30.54
CA ALA A 379 19.05 38.83 -29.25
C ALA A 379 20.49 39.07 -28.80
N GLY A 380 21.23 39.83 -29.61
CA GLY A 380 22.62 40.11 -29.28
C GLY A 380 23.47 38.87 -29.44
N GLY A 381 23.14 38.10 -30.47
CA GLY A 381 23.84 36.85 -30.72
C GLY A 381 25.19 36.94 -31.39
N VAL A 382 25.39 37.91 -32.27
CA VAL A 382 26.66 38.03 -32.96
C VAL A 382 27.80 38.09 -31.96
N GLU A 383 27.65 38.98 -30.97
CA GLU A 383 28.63 39.18 -29.93
C GLU A 383 28.93 37.86 -29.21
N VAL A 384 27.91 37.31 -28.57
CA VAL A 384 28.04 36.06 -27.82
C VAL A 384 28.64 34.92 -28.65
N LEU A 385 28.45 34.97 -29.96
CA LEU A 385 28.98 33.92 -30.81
C LEU A 385 30.47 34.15 -31.06
N GLN A 386 30.85 35.42 -31.21
CA GLN A 386 32.24 35.77 -31.44
C GLN A 386 33.13 35.33 -30.29
N LYS A 387 32.72 35.65 -29.07
CA LYS A 387 33.50 35.27 -27.89
C LYS A 387 33.77 33.77 -27.96
N LEU A 388 32.86 33.04 -28.57
CA LEU A 388 32.98 31.60 -28.68
C LEU A 388 33.99 31.09 -29.70
N LEU A 389 34.42 31.96 -30.60
CA LEU A 389 35.38 31.55 -31.62
C LEU A 389 36.72 31.13 -31.01
N THR A 390 36.94 31.49 -29.75
CA THR A 390 38.18 31.15 -29.07
C THR A 390 37.98 30.26 -27.84
N SER A 391 37.24 29.17 -28.01
CA SER A 391 37.00 28.24 -26.91
C SER A 391 37.71 26.93 -27.20
N THR A 392 38.04 26.19 -26.14
CA THR A 392 38.74 24.92 -26.30
C THR A 392 37.93 23.85 -27.02
N ASP A 393 36.61 23.86 -26.84
CA ASP A 393 35.74 22.90 -27.51
C ASP A 393 35.77 23.15 -29.03
N SER A 394 36.44 22.26 -29.75
CA SER A 394 36.53 22.38 -31.19
C SER A 394 35.13 22.48 -31.81
N GLU A 395 34.20 21.69 -31.28
CA GLU A 395 32.83 21.69 -31.78
C GLU A 395 32.11 23.01 -31.59
N VAL A 396 32.14 23.56 -30.37
CA VAL A 396 31.49 24.83 -30.13
C VAL A 396 32.05 25.81 -31.16
N GLN A 397 33.38 25.79 -31.30
CA GLN A 397 34.11 26.65 -32.24
C GLN A 397 33.50 26.60 -33.62
N LYS A 398 33.54 25.40 -34.22
CA LYS A 398 33.02 25.17 -35.56
C LYS A 398 31.57 25.67 -35.74
N GLU A 399 30.74 25.47 -34.72
CA GLU A 399 29.35 25.90 -34.79
C GLU A 399 29.20 27.42 -34.71
N ALA A 400 30.08 28.07 -33.96
CA ALA A 400 30.00 29.52 -33.86
C ALA A 400 30.40 30.08 -35.21
N GLN A 401 31.49 29.54 -35.75
CA GLN A 401 32.00 29.96 -37.06
C GLN A 401 30.89 29.85 -38.09
N ARG A 402 30.35 28.63 -38.19
CA ARG A 402 29.28 28.32 -39.12
C ARG A 402 28.09 29.29 -38.94
N ALA A 403 27.73 29.55 -37.69
CA ALA A 403 26.61 30.43 -37.36
C ALA A 403 26.83 31.88 -37.80
N LEU A 404 28.06 32.37 -37.64
CA LEU A 404 28.39 33.74 -38.03
C LEU A 404 28.49 33.93 -39.55
N GLU A 405 29.05 32.95 -40.24
CA GLU A 405 29.16 33.05 -41.68
C GLU A 405 27.76 33.12 -42.25
N ASN A 406 26.87 32.28 -41.72
CA ASN A 406 25.51 32.24 -42.19
C ASN A 406 24.83 33.58 -42.01
N ILE A 407 25.20 34.30 -40.96
CA ILE A 407 24.61 35.60 -40.71
C ILE A 407 25.14 36.64 -41.70
N LYS A 408 26.47 36.67 -41.84
CA LYS A 408 27.10 37.62 -42.77
C LYS A 408 26.62 37.39 -44.20
N SER A 409 26.57 36.13 -44.62
CA SER A 409 26.14 35.79 -45.97
C SER A 409 24.63 35.87 -46.10
N GLY A 410 24.02 36.68 -45.24
CA GLY A 410 22.58 36.85 -45.26
C GLY A 410 21.80 35.58 -45.54
N GLY A 411 22.30 34.46 -45.04
CA GLY A 411 21.61 33.19 -45.24
C GLY A 411 22.19 32.33 -46.35
N TRP A 412 22.58 32.96 -47.45
CA TRP A 412 23.15 32.26 -48.61
C TRP A 412 24.29 31.33 -48.19
N LEU A 413 24.21 30.07 -48.62
CA LEU A 413 25.22 29.07 -48.30
C LEU A 413 25.96 28.62 -49.55
N ASN B 2 -13.64 63.70 -55.88
CA ASN B 2 -13.90 62.24 -56.01
C ASN B 2 -15.08 61.96 -56.93
N ASP B 3 -15.05 60.80 -57.58
CA ASP B 3 -16.10 60.41 -58.51
C ASP B 3 -17.31 59.76 -57.85
N VAL B 4 -17.06 58.86 -56.90
CA VAL B 4 -18.15 58.18 -56.21
C VAL B 4 -19.11 59.23 -55.62
N GLU B 5 -18.58 60.17 -54.85
CA GLU B 5 -19.38 61.23 -54.23
C GLU B 5 -20.17 62.08 -55.23
N LYS B 6 -19.89 61.88 -56.51
CA LYS B 6 -20.59 62.60 -57.56
C LYS B 6 -21.80 61.76 -57.95
N LEU B 7 -21.57 60.47 -58.17
CA LEU B 7 -22.63 59.55 -58.55
C LEU B 7 -23.77 59.61 -57.55
N VAL B 8 -23.48 60.08 -56.35
CA VAL B 8 -24.47 60.18 -55.28
C VAL B 8 -25.53 61.25 -55.53
N LYS B 9 -25.11 62.51 -55.61
CA LYS B 9 -26.08 63.59 -55.84
C LYS B 9 -26.42 63.75 -57.33
N LEU B 10 -26.10 62.73 -58.11
CA LEU B 10 -26.41 62.67 -59.52
C LEU B 10 -27.82 62.05 -59.47
N LEU B 11 -28.08 61.36 -58.36
CA LEU B 11 -29.36 60.71 -58.11
C LEU B 11 -30.35 61.75 -57.62
N THR B 12 -29.90 62.99 -57.54
CA THR B 12 -30.75 64.08 -57.11
C THR B 12 -31.20 64.83 -58.36
N SER B 13 -30.94 64.21 -59.51
CA SER B 13 -31.30 64.78 -60.81
C SER B 13 -32.78 64.62 -61.11
N THR B 14 -33.37 65.68 -61.68
CA THR B 14 -34.80 65.67 -62.02
C THR B 14 -35.09 64.84 -63.28
N ASP B 15 -34.12 64.02 -63.68
CA ASP B 15 -34.29 63.16 -64.86
C ASP B 15 -34.38 61.70 -64.47
N SER B 16 -35.48 61.06 -64.86
CA SER B 16 -35.74 59.65 -64.56
C SER B 16 -34.83 58.73 -65.40
N GLU B 17 -33.83 59.33 -66.03
CA GLU B 17 -32.89 58.60 -66.87
C GLU B 17 -31.57 58.51 -66.13
N THR B 18 -31.02 59.68 -65.81
CA THR B 18 -29.75 59.80 -65.09
C THR B 18 -29.94 59.32 -63.65
N GLN B 19 -31.20 59.16 -63.29
CA GLN B 19 -31.60 58.70 -61.96
C GLN B 19 -31.15 57.25 -61.81
N LYS B 20 -31.45 56.45 -62.82
CA LYS B 20 -31.16 55.03 -62.82
C LYS B 20 -29.72 54.56 -63.02
N GLU B 21 -29.08 54.99 -64.11
CA GLU B 21 -27.71 54.56 -64.37
C GLU B 21 -26.74 54.91 -63.24
N ALA B 22 -26.91 56.11 -62.67
CA ALA B 22 -26.05 56.53 -61.57
C ALA B 22 -26.12 55.50 -60.45
N ALA B 23 -27.35 55.11 -60.09
CA ALA B 23 -27.58 54.14 -59.03
C ALA B 23 -27.24 52.70 -59.44
N ARG B 24 -27.07 52.47 -60.73
CA ARG B 24 -26.73 51.14 -61.20
C ARG B 24 -25.23 50.95 -61.07
N ASP B 25 -24.52 52.06 -60.96
CA ASP B 25 -23.07 52.03 -60.83
C ASP B 25 -22.65 52.06 -59.36
N LEU B 26 -23.42 52.79 -58.55
CA LEU B 26 -23.14 52.86 -57.12
C LEU B 26 -23.25 51.44 -56.59
N ALA B 27 -24.16 50.67 -57.19
CA ALA B 27 -24.39 49.28 -56.80
C ALA B 27 -23.18 48.43 -57.12
N GLU B 28 -22.63 48.61 -58.32
CA GLU B 28 -21.45 47.84 -58.70
C GLU B 28 -20.32 48.11 -57.71
N ILE B 29 -20.13 49.36 -57.36
CA ILE B 29 -19.08 49.74 -56.41
C ILE B 29 -19.35 49.08 -55.05
N ALA B 30 -20.62 49.07 -54.67
CA ALA B 30 -21.05 48.50 -53.39
C ALA B 30 -20.81 47.00 -53.31
N SER B 31 -20.61 46.37 -54.44
CA SER B 31 -20.37 44.93 -54.46
C SER B 31 -18.89 44.63 -54.30
N GLY B 32 -18.08 45.65 -54.04
CA GLY B 32 -16.65 45.44 -53.89
C GLY B 32 -16.19 45.33 -52.44
N PRO B 33 -15.01 45.87 -52.11
CA PRO B 33 -14.45 45.82 -50.76
C PRO B 33 -15.11 46.83 -49.81
N ALA B 34 -15.03 46.52 -48.52
CA ALA B 34 -15.62 47.36 -47.49
C ALA B 34 -15.23 48.83 -47.66
N SER B 35 -14.05 49.08 -48.22
CA SER B 35 -13.63 50.46 -48.42
C SER B 35 -14.60 51.18 -49.36
N ALA B 36 -14.98 50.52 -50.46
CA ALA B 36 -15.89 51.12 -51.41
C ALA B 36 -17.25 51.37 -50.72
N ILE B 37 -17.78 50.36 -50.05
CA ILE B 37 -19.05 50.51 -49.35
C ILE B 37 -18.99 51.67 -48.38
N LYS B 38 -17.84 51.80 -47.71
CA LYS B 38 -17.63 52.88 -46.76
C LYS B 38 -17.49 54.19 -47.55
N ALA B 39 -16.98 54.09 -48.77
CA ALA B 39 -16.79 55.24 -49.64
C ALA B 39 -18.16 55.78 -50.04
N ILE B 40 -19.05 54.89 -50.45
CA ILE B 40 -20.40 55.26 -50.87
C ILE B 40 -21.13 55.95 -49.74
N VAL B 41 -20.61 55.78 -48.52
CA VAL B 41 -21.22 56.41 -47.35
C VAL B 41 -20.55 57.76 -47.07
N ASP B 42 -20.04 58.39 -48.13
CA ASP B 42 -19.42 59.70 -48.03
C ASP B 42 -20.39 60.71 -48.64
N ALA B 43 -20.60 61.82 -47.94
CA ALA B 43 -21.52 62.88 -48.33
C ALA B 43 -22.94 62.32 -48.37
N GLY B 44 -23.07 61.05 -47.99
CA GLY B 44 -24.37 60.41 -47.86
C GLY B 44 -25.04 59.69 -49.02
N GLY B 45 -24.33 58.84 -49.75
CA GLY B 45 -24.95 58.10 -50.83
C GLY B 45 -26.08 57.18 -50.35
N VAL B 46 -26.24 57.08 -49.04
CA VAL B 46 -27.28 56.23 -48.48
C VAL B 46 -28.55 57.02 -48.26
N GLU B 47 -28.54 57.95 -47.32
CA GLU B 47 -29.74 58.73 -47.04
C GLU B 47 -30.47 59.11 -48.33
N VAL B 48 -29.71 59.24 -49.42
CA VAL B 48 -30.32 59.60 -50.70
C VAL B 48 -30.96 58.35 -51.31
N LEU B 49 -30.12 57.35 -51.55
CA LEU B 49 -30.56 56.07 -52.12
C LEU B 49 -31.83 55.55 -51.45
N VAL B 50 -32.05 55.97 -50.21
CA VAL B 50 -33.24 55.57 -49.48
C VAL B 50 -34.47 56.18 -50.14
N LYS B 51 -34.54 57.51 -50.17
CA LYS B 51 -35.69 58.18 -50.79
C LYS B 51 -36.02 57.56 -52.14
N LEU B 52 -34.99 57.39 -52.97
CA LEU B 52 -35.17 56.83 -54.29
C LEU B 52 -35.92 55.51 -54.29
N LEU B 53 -36.05 54.88 -53.13
CA LEU B 53 -36.77 53.61 -53.07
C LEU B 53 -38.23 53.90 -53.32
N THR B 54 -38.71 55.01 -52.80
CA THR B 54 -40.11 55.40 -52.97
C THR B 54 -40.36 56.15 -54.28
N SER B 55 -39.69 55.71 -55.34
CA SER B 55 -39.86 56.30 -56.67
C SER B 55 -41.02 55.56 -57.31
N THR B 56 -41.12 55.61 -58.63
CA THR B 56 -42.23 54.92 -59.29
C THR B 56 -41.81 53.91 -60.36
N ASP B 57 -40.64 54.09 -60.94
CA ASP B 57 -40.17 53.16 -61.96
C ASP B 57 -39.98 51.78 -61.33
N SER B 58 -40.55 50.76 -61.95
CA SER B 58 -40.41 49.40 -61.45
C SER B 58 -38.97 48.96 -61.71
N GLU B 59 -38.08 49.95 -61.87
CA GLU B 59 -36.67 49.70 -62.13
C GLU B 59 -35.79 50.66 -61.35
N VAL B 60 -36.11 51.95 -61.39
CA VAL B 60 -35.30 52.93 -60.69
C VAL B 60 -35.23 52.56 -59.21
N GLN B 61 -36.37 52.27 -58.61
CA GLN B 61 -36.39 51.91 -57.20
C GLN B 61 -35.77 50.52 -57.04
N LYS B 62 -35.78 49.74 -58.12
CA LYS B 62 -35.20 48.40 -58.09
C LYS B 62 -33.68 48.49 -58.03
N GLU B 63 -33.11 49.50 -58.68
CA GLU B 63 -31.67 49.67 -58.69
C GLU B 63 -31.16 50.24 -57.38
N ALA B 64 -32.00 51.04 -56.71
CA ALA B 64 -31.62 51.64 -55.44
C ALA B 64 -31.72 50.62 -54.32
N ALA B 65 -32.69 49.71 -54.42
CA ALA B 65 -32.82 48.69 -53.40
C ALA B 65 -31.70 47.68 -53.60
N ARG B 66 -31.14 47.66 -54.81
CA ARG B 66 -30.07 46.76 -55.15
C ARG B 66 -28.77 47.30 -54.56
N ALA B 67 -28.58 48.61 -54.66
CA ALA B 67 -27.38 49.24 -54.11
C ALA B 67 -27.42 49.06 -52.61
N LEU B 68 -28.56 49.37 -52.01
CA LEU B 68 -28.72 49.24 -50.58
C LEU B 68 -28.52 47.80 -50.09
N ALA B 69 -28.87 46.82 -50.91
CA ALA B 69 -28.67 45.43 -50.49
C ALA B 69 -27.17 45.18 -50.35
N ASN B 70 -26.42 45.56 -51.37
CA ASN B 70 -24.98 45.39 -51.39
C ASN B 70 -24.33 46.18 -50.25
N ILE B 71 -24.83 47.39 -50.03
CA ILE B 71 -24.28 48.21 -48.95
C ILE B 71 -24.52 47.50 -47.61
N ALA B 72 -25.74 47.01 -47.44
CA ALA B 72 -26.12 46.30 -46.23
C ALA B 72 -25.27 45.04 -46.04
N SER B 73 -24.56 44.66 -47.07
CA SER B 73 -23.71 43.48 -47.01
C SER B 73 -22.38 43.84 -46.35
N GLY B 74 -22.19 45.15 -46.15
CA GLY B 74 -20.96 45.64 -45.54
C GLY B 74 -20.96 45.66 -44.03
N PRO B 75 -20.04 46.42 -43.42
CA PRO B 75 -19.95 46.49 -41.96
C PRO B 75 -21.10 47.22 -41.25
N ASP B 76 -21.24 46.94 -39.96
CA ASP B 76 -22.27 47.52 -39.11
C ASP B 76 -22.50 48.99 -39.41
N GLU B 77 -21.42 49.71 -39.64
CA GLU B 77 -21.49 51.13 -39.96
C GLU B 77 -22.42 51.35 -41.16
N ALA B 78 -22.26 50.53 -42.18
CA ALA B 78 -23.09 50.61 -43.38
C ALA B 78 -24.56 50.38 -43.01
N ILE B 79 -24.79 49.37 -42.18
CA ILE B 79 -26.12 48.99 -41.74
C ILE B 79 -26.81 50.08 -40.92
N LYS B 80 -26.08 50.70 -40.00
CA LYS B 80 -26.69 51.76 -39.21
C LYS B 80 -27.06 52.92 -40.15
N ALA B 81 -26.24 53.12 -41.17
CA ALA B 81 -26.47 54.19 -42.13
C ALA B 81 -27.85 54.04 -42.73
N ILE B 82 -28.17 52.84 -43.21
CA ILE B 82 -29.47 52.54 -43.80
C ILE B 82 -30.56 52.66 -42.74
N VAL B 83 -30.28 52.17 -41.53
CA VAL B 83 -31.25 52.21 -40.45
C VAL B 83 -31.59 53.64 -40.02
N ASP B 84 -30.56 54.47 -39.87
CA ASP B 84 -30.78 55.84 -39.45
C ASP B 84 -31.45 56.70 -40.53
N ALA B 85 -31.57 56.15 -41.72
CA ALA B 85 -32.22 56.86 -42.82
C ALA B 85 -33.58 56.25 -43.14
N GLY B 86 -34.20 55.62 -42.15
CA GLY B 86 -35.50 55.00 -42.36
C GLY B 86 -35.56 53.93 -43.44
N GLY B 87 -34.42 53.33 -43.80
CA GLY B 87 -34.41 52.31 -44.82
C GLY B 87 -35.26 51.09 -44.55
N VAL B 88 -35.33 50.69 -43.28
CA VAL B 88 -36.09 49.53 -42.83
C VAL B 88 -37.59 49.64 -43.15
N GLU B 89 -38.25 50.66 -42.62
CA GLU B 89 -39.68 50.87 -42.86
C GLU B 89 -39.98 50.82 -44.36
N VAL B 90 -39.25 51.62 -45.14
CA VAL B 90 -39.44 51.66 -46.58
C VAL B 90 -39.18 50.30 -47.20
N LEU B 91 -38.06 49.69 -46.83
CA LEU B 91 -37.73 48.38 -47.37
C LEU B 91 -38.81 47.34 -47.06
N VAL B 92 -39.33 47.36 -45.83
CA VAL B 92 -40.38 46.43 -45.43
C VAL B 92 -41.64 46.73 -46.24
N LYS B 93 -41.91 48.01 -46.45
CA LYS B 93 -43.06 48.41 -47.25
C LYS B 93 -42.87 47.81 -48.66
N LEU B 94 -41.66 47.91 -49.18
CA LEU B 94 -41.37 47.37 -50.51
C LEU B 94 -41.45 45.85 -50.56
N LEU B 95 -41.62 45.18 -49.42
CA LEU B 95 -41.71 43.73 -49.46
C LEU B 95 -42.98 43.27 -50.16
N THR B 96 -43.97 44.15 -50.25
CA THR B 96 -45.24 43.79 -50.88
C THR B 96 -45.45 44.38 -52.28
N SER B 97 -44.39 44.92 -52.87
CA SER B 97 -44.49 45.52 -54.20
C SER B 97 -44.87 44.50 -55.27
N THR B 98 -45.69 44.92 -56.21
CA THR B 98 -46.14 44.07 -57.30
C THR B 98 -45.00 43.59 -58.20
N ASP B 99 -43.92 44.36 -58.27
CA ASP B 99 -42.77 43.98 -59.08
C ASP B 99 -41.95 42.94 -58.35
N SER B 100 -41.90 41.73 -58.89
CA SER B 100 -41.17 40.62 -58.27
C SER B 100 -39.71 40.98 -58.06
N GLU B 101 -39.17 41.81 -58.96
CA GLU B 101 -37.78 42.22 -58.86
C GLU B 101 -37.58 43.19 -57.70
N VAL B 102 -38.58 43.98 -57.36
CA VAL B 102 -38.43 44.90 -56.25
C VAL B 102 -38.49 44.06 -54.97
N GLN B 103 -39.35 43.04 -54.97
CA GLN B 103 -39.48 42.19 -53.79
C GLN B 103 -38.13 41.59 -53.44
N LYS B 104 -37.63 40.75 -54.35
CA LYS B 104 -36.34 40.07 -54.20
C LYS B 104 -35.21 40.98 -53.71
N GLU B 105 -35.21 42.22 -54.16
CA GLU B 105 -34.17 43.16 -53.79
C GLU B 105 -34.38 43.70 -52.37
N ALA B 106 -35.64 43.94 -52.02
CA ALA B 106 -35.95 44.44 -50.70
C ALA B 106 -35.72 43.32 -49.69
N ALA B 107 -36.03 42.08 -50.09
CA ALA B 107 -35.86 40.95 -49.19
C ALA B 107 -34.37 40.69 -48.89
N ARG B 108 -33.53 40.80 -49.92
CA ARG B 108 -32.11 40.59 -49.77
C ARG B 108 -31.53 41.65 -48.84
N ALA B 109 -31.96 42.90 -49.05
CA ALA B 109 -31.50 44.01 -48.22
C ALA B 109 -31.87 43.75 -46.74
N LEU B 110 -33.10 43.33 -46.49
CA LEU B 110 -33.50 43.06 -45.12
C LEU B 110 -32.72 41.87 -44.54
N ALA B 111 -32.53 40.81 -45.32
CA ALA B 111 -31.76 39.65 -44.82
C ALA B 111 -30.36 40.13 -44.46
N ASN B 112 -29.71 40.85 -45.38
CA ASN B 112 -28.38 41.34 -45.11
C ASN B 112 -28.35 42.29 -43.90
N ILE B 113 -29.41 43.07 -43.69
CA ILE B 113 -29.46 43.97 -42.53
C ILE B 113 -29.66 43.14 -41.25
N ALA B 114 -30.40 42.04 -41.37
CA ALA B 114 -30.67 41.17 -40.21
C ALA B 114 -29.50 40.26 -39.84
N SER B 115 -28.41 40.37 -40.59
CA SER B 115 -27.22 39.59 -40.34
C SER B 115 -26.26 40.43 -39.52
N GLY B 116 -26.64 41.68 -39.25
CA GLY B 116 -25.79 42.56 -38.46
C GLY B 116 -26.09 42.50 -36.98
N PRO B 117 -25.86 43.59 -36.23
CA PRO B 117 -26.13 43.61 -34.79
C PRO B 117 -27.59 43.52 -34.36
N ASP B 118 -27.81 43.12 -33.11
CA ASP B 118 -29.15 42.97 -32.56
C ASP B 118 -30.01 44.22 -32.78
N GLU B 119 -29.39 45.39 -32.71
CA GLU B 119 -30.11 46.65 -32.89
C GLU B 119 -30.70 46.71 -34.30
N ALA B 120 -29.95 46.23 -35.28
CA ALA B 120 -30.44 46.22 -36.66
C ALA B 120 -31.65 45.28 -36.74
N ILE B 121 -31.51 44.08 -36.16
CA ILE B 121 -32.59 43.09 -36.16
C ILE B 121 -33.80 43.68 -35.45
N LYS B 122 -33.54 44.53 -34.46
CA LYS B 122 -34.60 45.16 -33.69
C LYS B 122 -35.42 46.16 -34.54
N ALA B 123 -34.74 46.90 -35.40
CA ALA B 123 -35.40 47.86 -36.27
C ALA B 123 -36.39 47.15 -37.19
N ILE B 124 -36.00 45.97 -37.68
CA ILE B 124 -36.84 45.18 -38.57
C ILE B 124 -38.11 44.76 -37.86
N VAL B 125 -37.95 44.17 -36.67
CA VAL B 125 -39.07 43.70 -35.90
C VAL B 125 -40.03 44.82 -35.57
N ASP B 126 -39.50 45.94 -35.07
CA ASP B 126 -40.33 47.07 -34.72
C ASP B 126 -41.06 47.62 -35.95
N ALA B 127 -40.50 47.36 -37.12
CA ALA B 127 -41.07 47.83 -38.36
C ALA B 127 -42.15 46.87 -38.87
N GLY B 128 -42.48 45.87 -38.07
CA GLY B 128 -43.48 44.90 -38.47
C GLY B 128 -42.98 44.00 -39.59
N GLY B 129 -41.68 44.00 -39.82
CA GLY B 129 -41.09 43.19 -40.88
C GLY B 129 -41.26 41.69 -40.80
N VAL B 130 -41.16 41.14 -39.60
CA VAL B 130 -41.27 39.70 -39.40
C VAL B 130 -42.53 39.08 -39.96
N GLU B 131 -43.67 39.75 -39.75
CA GLU B 131 -44.94 39.24 -40.23
C GLU B 131 -44.93 39.17 -41.76
N VAL B 132 -44.50 40.26 -42.38
CA VAL B 132 -44.44 40.35 -43.84
C VAL B 132 -43.53 39.28 -44.44
N LEU B 133 -42.34 39.14 -43.85
CA LEU B 133 -41.39 38.15 -44.30
C LEU B 133 -41.97 36.73 -44.16
N VAL B 134 -42.56 36.42 -43.00
CA VAL B 134 -43.14 35.10 -42.80
C VAL B 134 -44.09 34.80 -43.96
N LYS B 135 -45.00 35.73 -44.24
CA LYS B 135 -45.94 35.58 -45.35
C LYS B 135 -45.20 35.34 -46.66
N LEU B 136 -44.05 35.99 -46.84
CA LEU B 136 -43.26 35.81 -48.05
C LEU B 136 -42.61 34.42 -48.15
N LEU B 137 -42.69 33.62 -47.08
CA LEU B 137 -42.10 32.29 -47.14
C LEU B 137 -42.87 31.37 -48.07
N THR B 138 -44.11 31.74 -48.37
CA THR B 138 -44.94 30.92 -49.24
C THR B 138 -44.92 31.38 -50.67
N SER B 139 -44.26 32.51 -50.93
CA SER B 139 -44.19 33.03 -52.30
C SER B 139 -43.77 31.97 -53.30
N THR B 140 -44.27 32.09 -54.52
CA THR B 140 -43.93 31.15 -55.60
C THR B 140 -42.62 31.54 -56.25
N ASP B 141 -42.27 32.81 -56.13
CA ASP B 141 -41.03 33.32 -56.68
C ASP B 141 -39.89 32.71 -55.87
N SER B 142 -39.22 31.73 -56.46
CA SER B 142 -38.12 31.02 -55.81
C SER B 142 -37.10 31.94 -55.10
N GLU B 143 -36.65 32.99 -55.76
CA GLU B 143 -35.68 33.94 -55.20
C GLU B 143 -36.21 34.64 -53.95
N VAL B 144 -37.46 35.10 -54.02
CA VAL B 144 -38.10 35.76 -52.88
C VAL B 144 -38.16 34.80 -51.71
N GLN B 145 -38.70 33.61 -51.97
CA GLN B 145 -38.81 32.60 -50.93
C GLN B 145 -37.48 32.42 -50.21
N LYS B 146 -36.42 32.22 -50.98
CA LYS B 146 -35.08 32.01 -50.46
C LYS B 146 -34.61 33.18 -49.60
N GLU B 147 -34.64 34.39 -50.16
CA GLU B 147 -34.19 35.55 -49.38
C GLU B 147 -34.98 35.72 -48.09
N ALA B 148 -36.27 35.38 -48.11
CA ALA B 148 -37.09 35.51 -46.90
C ALA B 148 -36.69 34.49 -45.83
N ALA B 149 -36.47 33.24 -46.23
CA ALA B 149 -36.08 32.24 -45.25
C ALA B 149 -34.71 32.65 -44.69
N ARG B 150 -33.88 33.27 -45.51
CA ARG B 150 -32.57 33.70 -45.05
C ARG B 150 -32.71 34.92 -44.13
N ALA B 151 -33.73 35.73 -44.35
CA ALA B 151 -33.94 36.88 -43.48
C ALA B 151 -34.36 36.39 -42.10
N LEU B 152 -35.35 35.51 -42.08
CA LEU B 152 -35.84 34.98 -40.82
C LEU B 152 -34.72 34.23 -40.08
N ALA B 153 -33.95 33.41 -40.80
CA ALA B 153 -32.84 32.68 -40.14
C ALA B 153 -31.94 33.69 -39.43
N ASN B 154 -31.65 34.82 -40.07
CA ASN B 154 -30.82 35.83 -39.44
C ASN B 154 -31.53 36.54 -38.28
N ILE B 155 -32.79 36.89 -38.46
CA ILE B 155 -33.51 37.58 -37.39
C ILE B 155 -33.58 36.64 -36.21
N ALA B 156 -33.80 35.36 -36.50
CA ALA B 156 -33.89 34.33 -35.46
C ALA B 156 -32.61 34.11 -34.66
N SER B 157 -31.50 34.68 -35.10
CA SER B 157 -30.25 34.51 -34.36
C SER B 157 -30.02 35.72 -33.45
N GLY B 158 -31.04 36.54 -33.30
CA GLY B 158 -30.95 37.72 -32.46
C GLY B 158 -31.65 37.54 -31.13
N PRO B 159 -31.99 38.65 -30.45
CA PRO B 159 -32.66 38.64 -29.14
C PRO B 159 -33.99 37.87 -29.07
N ASP B 160 -34.35 37.46 -27.86
CA ASP B 160 -35.60 36.72 -27.65
C ASP B 160 -36.81 37.49 -28.17
N GLU B 161 -36.74 38.81 -28.09
CA GLU B 161 -37.82 39.66 -28.57
C GLU B 161 -38.05 39.29 -30.04
N ALA B 162 -36.96 39.15 -30.79
CA ALA B 162 -37.03 38.81 -32.20
C ALA B 162 -37.60 37.41 -32.43
N ILE B 163 -37.13 36.42 -31.66
CA ILE B 163 -37.65 35.08 -31.83
C ILE B 163 -39.14 35.05 -31.51
N LYS B 164 -39.53 35.79 -30.49
CA LYS B 164 -40.93 35.85 -30.08
C LYS B 164 -41.79 36.29 -31.26
N ALA B 165 -41.34 37.33 -31.96
CA ALA B 165 -42.05 37.86 -33.09
C ALA B 165 -42.25 36.81 -34.18
N ILE B 166 -41.24 35.99 -34.43
CA ILE B 166 -41.33 34.95 -35.45
C ILE B 166 -42.33 33.89 -35.04
N VAL B 167 -42.38 33.61 -33.74
CA VAL B 167 -43.29 32.62 -33.18
C VAL B 167 -44.71 33.17 -33.21
N ASP B 168 -44.87 34.44 -32.86
CA ASP B 168 -46.18 35.07 -32.86
C ASP B 168 -46.71 35.27 -34.28
N ALA B 169 -45.82 35.33 -35.27
CA ALA B 169 -46.28 35.51 -36.63
C ALA B 169 -46.64 34.17 -37.27
N GLY B 170 -46.44 33.08 -36.55
CA GLY B 170 -46.78 31.78 -37.08
C GLY B 170 -45.65 31.17 -37.90
N GLY B 171 -44.51 31.84 -37.90
CA GLY B 171 -43.38 31.38 -38.68
C GLY B 171 -42.94 29.94 -38.45
N VAL B 172 -43.02 29.45 -37.21
CA VAL B 172 -42.56 28.09 -36.92
C VAL B 172 -43.12 27.00 -37.81
N GLU B 173 -44.44 26.92 -37.92
CA GLU B 173 -45.08 25.90 -38.73
C GLU B 173 -44.63 26.04 -40.19
N VAL B 174 -44.65 27.27 -40.69
CA VAL B 174 -44.23 27.56 -42.06
C VAL B 174 -42.80 27.12 -42.36
N LEU B 175 -41.90 27.32 -41.39
CA LEU B 175 -40.51 26.93 -41.56
C LEU B 175 -40.39 25.42 -41.51
N VAL B 176 -41.20 24.79 -40.67
CA VAL B 176 -41.17 23.34 -40.59
C VAL B 176 -41.55 22.70 -41.94
N LYS B 177 -42.50 23.31 -42.64
CA LYS B 177 -42.90 22.78 -43.94
C LYS B 177 -41.80 23.00 -44.96
N LEU B 178 -41.05 24.08 -44.79
CA LEU B 178 -39.99 24.39 -45.71
C LEU B 178 -38.78 23.48 -45.57
N LEU B 179 -38.77 22.66 -44.51
CA LEU B 179 -37.66 21.74 -44.30
C LEU B 179 -37.69 20.64 -45.35
N THR B 180 -38.77 20.54 -46.12
CA THR B 180 -38.86 19.50 -47.14
C THR B 180 -38.83 20.03 -48.56
N SER B 181 -38.53 21.31 -48.71
CA SER B 181 -38.45 21.95 -50.03
C SER B 181 -37.38 21.28 -50.88
N THR B 182 -37.54 21.30 -52.19
CA THR B 182 -36.57 20.69 -53.08
C THR B 182 -35.45 21.66 -53.43
N ASP B 183 -35.60 22.90 -52.97
CA ASP B 183 -34.59 23.93 -53.19
C ASP B 183 -33.63 23.72 -52.02
N SER B 184 -32.43 23.22 -52.31
CA SER B 184 -31.46 22.95 -51.27
C SER B 184 -31.20 24.15 -50.35
N GLU B 185 -31.31 25.35 -50.92
CA GLU B 185 -31.08 26.58 -50.18
C GLU B 185 -32.22 26.93 -49.22
N VAL B 186 -33.47 26.77 -49.66
CA VAL B 186 -34.60 27.05 -48.79
C VAL B 186 -34.54 26.04 -47.64
N GLN B 187 -34.24 24.80 -47.97
CA GLN B 187 -34.13 23.77 -46.96
C GLN B 187 -33.09 24.18 -45.92
N LYS B 188 -31.92 24.61 -46.38
CA LYS B 188 -30.85 25.04 -45.48
C LYS B 188 -31.20 26.25 -44.62
N GLU B 189 -31.82 27.27 -45.20
CA GLU B 189 -32.18 28.46 -44.42
C GLU B 189 -33.23 28.14 -43.35
N ALA B 190 -34.22 27.33 -43.70
CA ALA B 190 -35.26 26.96 -42.74
C ALA B 190 -34.64 26.26 -41.53
N ALA B 191 -33.90 25.18 -41.78
CA ALA B 191 -33.27 24.43 -40.70
C ALA B 191 -32.41 25.34 -39.81
N ARG B 192 -31.77 26.34 -40.41
CA ARG B 192 -30.96 27.25 -39.62
C ARG B 192 -31.89 28.13 -38.78
N ALA B 193 -32.99 28.58 -39.36
CA ALA B 193 -33.92 29.42 -38.60
C ALA B 193 -34.44 28.65 -37.40
N LEU B 194 -34.82 27.39 -37.64
CA LEU B 194 -35.35 26.54 -36.59
C LEU B 194 -34.30 26.24 -35.56
N ALA B 195 -33.05 26.08 -35.98
CA ALA B 195 -32.00 25.82 -35.02
C ALA B 195 -31.87 27.06 -34.14
N ASN B 196 -31.87 28.24 -34.74
CA ASN B 196 -31.75 29.48 -33.96
C ASN B 196 -32.95 29.67 -33.04
N ILE B 197 -34.15 29.32 -33.51
CA ILE B 197 -35.34 29.49 -32.69
C ILE B 197 -35.22 28.58 -31.46
N ALA B 198 -34.73 27.37 -31.67
CA ALA B 198 -34.57 26.40 -30.59
C ALA B 198 -33.57 26.84 -29.54
N SER B 199 -32.92 27.97 -29.75
CA SER B 199 -31.96 28.42 -28.75
C SER B 199 -32.61 29.54 -27.94
N GLY B 200 -33.91 29.70 -28.12
CA GLY B 200 -34.63 30.73 -27.39
C GLY B 200 -35.33 30.22 -26.15
N PRO B 201 -36.30 30.97 -25.62
CA PRO B 201 -37.05 30.56 -24.42
C PRO B 201 -37.79 29.25 -24.64
N THR B 202 -38.11 28.58 -23.54
CA THR B 202 -38.84 27.32 -23.60
C THR B 202 -40.06 27.39 -24.52
N SER B 203 -40.75 28.53 -24.50
CA SER B 203 -41.92 28.73 -25.33
C SER B 203 -41.58 28.54 -26.81
N ALA B 204 -40.40 28.99 -27.20
CA ALA B 204 -39.95 28.85 -28.58
C ALA B 204 -39.78 27.37 -28.93
N ILE B 205 -39.19 26.61 -27.99
CA ILE B 205 -38.98 25.19 -28.19
C ILE B 205 -40.32 24.48 -28.25
N LYS B 206 -41.25 24.95 -27.42
CA LYS B 206 -42.59 24.35 -27.39
C LYS B 206 -43.27 24.49 -28.74
N ALA B 207 -43.17 25.67 -29.34
CA ALA B 207 -43.78 25.92 -30.63
C ALA B 207 -43.22 25.02 -31.72
N ILE B 208 -41.92 24.73 -31.68
CA ILE B 208 -41.33 23.86 -32.69
C ILE B 208 -41.86 22.46 -32.47
N VAL B 209 -41.86 22.02 -31.22
CA VAL B 209 -42.33 20.70 -30.88
C VAL B 209 -43.82 20.53 -31.16
N ASP B 210 -44.63 21.53 -30.79
CA ASP B 210 -46.07 21.50 -31.01
C ASP B 210 -46.42 21.58 -32.50
N ALA B 211 -45.45 21.98 -33.31
CA ALA B 211 -45.70 22.07 -34.73
C ALA B 211 -45.24 20.79 -35.43
N GLY B 212 -44.79 19.81 -34.65
CA GLY B 212 -44.30 18.56 -35.22
C GLY B 212 -42.94 18.73 -35.86
N GLY B 213 -42.18 19.71 -35.38
CA GLY B 213 -40.87 19.97 -35.92
C GLY B 213 -39.85 18.86 -35.75
N VAL B 214 -39.89 18.16 -34.62
CA VAL B 214 -38.95 17.09 -34.32
C VAL B 214 -38.86 15.94 -35.31
N GLU B 215 -40.00 15.42 -35.74
CA GLU B 215 -40.02 14.29 -36.67
C GLU B 215 -39.37 14.67 -38.01
N VAL B 216 -39.53 15.93 -38.41
CA VAL B 216 -38.97 16.40 -39.66
C VAL B 216 -37.46 16.61 -39.53
N LEU B 217 -37.04 17.24 -38.44
CA LEU B 217 -35.62 17.47 -38.19
C LEU B 217 -34.90 16.12 -38.15
N VAL B 218 -35.49 15.13 -37.48
CA VAL B 218 -34.89 13.81 -37.41
C VAL B 218 -34.78 13.18 -38.78
N LYS B 219 -35.72 13.53 -39.66
CA LYS B 219 -35.72 12.98 -41.02
C LYS B 219 -34.52 13.55 -41.77
N LEU B 220 -34.27 14.84 -41.59
CA LEU B 220 -33.16 15.54 -42.24
C LEU B 220 -31.79 15.07 -41.75
N LEU B 221 -31.72 14.48 -40.56
CA LEU B 221 -30.42 14.01 -40.09
C LEU B 221 -29.85 12.97 -41.07
N THR B 222 -30.69 12.34 -41.87
CA THR B 222 -30.19 11.35 -42.84
C THR B 222 -30.00 11.94 -44.22
N SER B 223 -29.89 13.26 -44.28
CA SER B 223 -29.67 13.94 -45.55
C SER B 223 -28.24 13.68 -46.04
N THR B 224 -28.05 13.65 -47.35
CA THR B 224 -26.73 13.39 -47.90
C THR B 224 -25.82 14.59 -47.74
N ASP B 225 -26.43 15.78 -47.63
CA ASP B 225 -25.68 17.01 -47.49
C ASP B 225 -25.28 17.27 -46.05
N SER B 226 -23.99 17.20 -45.78
CA SER B 226 -23.49 17.44 -44.43
C SER B 226 -23.92 18.80 -43.92
N GLU B 227 -24.19 19.74 -44.81
CA GLU B 227 -24.56 21.06 -44.35
C GLU B 227 -25.96 21.04 -43.75
N VAL B 228 -26.78 20.08 -44.16
CA VAL B 228 -28.15 19.98 -43.66
C VAL B 228 -28.16 19.20 -42.35
N GLN B 229 -27.39 18.13 -42.29
CA GLN B 229 -27.29 17.33 -41.08
C GLN B 229 -26.96 18.27 -39.93
N LYS B 230 -25.89 19.06 -40.12
CA LYS B 230 -25.43 20.04 -39.15
C LYS B 230 -26.57 20.89 -38.58
N GLU B 231 -27.28 21.66 -39.40
CA GLU B 231 -28.36 22.50 -38.90
C GLU B 231 -29.46 21.72 -38.18
N ALA B 232 -29.83 20.58 -38.75
CA ALA B 232 -30.88 19.77 -38.13
C ALA B 232 -30.40 19.21 -36.78
N ALA B 233 -29.16 18.74 -36.74
CA ALA B 233 -28.58 18.17 -35.52
C ALA B 233 -28.45 19.29 -34.50
N ARG B 234 -28.19 20.49 -34.99
CA ARG B 234 -28.06 21.64 -34.10
C ARG B 234 -29.44 21.97 -33.56
N ALA B 235 -30.44 21.92 -34.43
CA ALA B 235 -31.82 22.20 -34.02
C ALA B 235 -32.20 21.21 -32.90
N LEU B 236 -31.98 19.92 -33.17
CA LEU B 236 -32.29 18.88 -32.19
C LEU B 236 -31.52 19.04 -30.89
N ALA B 237 -30.21 19.22 -30.96
CA ALA B 237 -29.39 19.41 -29.76
C ALA B 237 -29.98 20.54 -28.93
N ASN B 238 -30.39 21.61 -29.59
CA ASN B 238 -31.00 22.75 -28.89
C ASN B 238 -32.36 22.42 -28.28
N ILE B 239 -33.19 21.68 -29.00
CA ILE B 239 -34.49 21.31 -28.46
C ILE B 239 -34.29 20.40 -27.23
N ALA B 240 -33.35 19.47 -27.33
CA ALA B 240 -33.01 18.56 -26.23
C ALA B 240 -32.50 19.27 -24.98
N SER B 241 -32.15 20.54 -25.08
CA SER B 241 -31.70 21.24 -23.88
C SER B 241 -32.90 21.87 -23.19
N GLY B 242 -34.10 21.58 -23.68
CA GLY B 242 -35.31 22.12 -23.08
C GLY B 242 -35.86 21.23 -21.98
N PRO B 243 -37.16 21.35 -21.64
CA PRO B 243 -37.75 20.50 -20.59
C PRO B 243 -37.92 19.04 -21.04
N ASP B 244 -38.14 18.15 -20.07
CA ASP B 244 -38.28 16.73 -20.35
C ASP B 244 -39.24 16.42 -21.49
N GLU B 245 -40.33 17.18 -21.60
CA GLU B 245 -41.28 16.96 -22.68
C GLU B 245 -40.55 17.09 -24.02
N ALA B 246 -39.71 18.11 -24.10
CA ALA B 246 -38.93 18.38 -25.30
C ALA B 246 -38.08 17.19 -25.66
N ILE B 247 -37.52 16.55 -24.65
CA ILE B 247 -36.66 15.38 -24.88
C ILE B 247 -37.49 14.17 -25.25
N LYS B 248 -38.62 13.99 -24.61
CA LYS B 248 -39.43 12.83 -24.95
C LYS B 248 -39.83 12.88 -26.42
N ALA B 249 -40.05 14.09 -26.94
CA ALA B 249 -40.44 14.22 -28.34
C ALA B 249 -39.34 13.70 -29.28
N ILE B 250 -38.09 13.92 -28.90
CA ILE B 250 -36.99 13.43 -29.72
C ILE B 250 -36.93 11.91 -29.64
N VAL B 251 -37.03 11.38 -28.42
CA VAL B 251 -37.00 9.93 -28.19
C VAL B 251 -38.10 9.23 -28.96
N ASP B 252 -39.34 9.66 -28.71
CA ASP B 252 -40.50 9.10 -29.37
C ASP B 252 -40.43 9.17 -30.91
N ALA B 253 -39.62 10.08 -31.43
CA ALA B 253 -39.46 10.24 -32.87
C ALA B 253 -38.32 9.34 -33.37
N GLY B 254 -37.71 8.59 -32.46
CA GLY B 254 -36.60 7.73 -32.83
C GLY B 254 -35.37 8.56 -33.20
N GLY B 255 -35.21 9.68 -32.52
CA GLY B 255 -34.10 10.56 -32.78
C GLY B 255 -32.79 10.01 -32.26
N VAL B 256 -32.86 9.39 -31.08
CA VAL B 256 -31.67 8.83 -30.47
C VAL B 256 -30.95 7.88 -31.39
N GLU B 257 -31.68 7.04 -32.11
CA GLU B 257 -31.05 6.07 -33.00
C GLU B 257 -30.26 6.73 -34.14
N VAL B 258 -30.82 7.79 -34.71
CA VAL B 258 -30.17 8.51 -35.79
C VAL B 258 -28.94 9.31 -35.30
N LEU B 259 -29.14 10.08 -34.23
CA LEU B 259 -28.06 10.89 -33.67
C LEU B 259 -26.89 9.97 -33.35
N VAL B 260 -27.20 8.77 -32.86
CA VAL B 260 -26.14 7.85 -32.54
C VAL B 260 -25.33 7.51 -33.78
N LYS B 261 -26.02 7.37 -34.91
CA LYS B 261 -25.37 7.05 -36.17
C LYS B 261 -24.48 8.21 -36.67
N LEU B 262 -24.92 9.43 -36.42
CA LEU B 262 -24.20 10.63 -36.81
C LEU B 262 -22.98 10.87 -35.93
N LEU B 263 -22.82 10.08 -34.87
CA LEU B 263 -21.65 10.25 -34.01
C LEU B 263 -20.39 9.80 -34.76
N THR B 264 -20.58 9.16 -35.92
CA THR B 264 -19.46 8.68 -36.70
C THR B 264 -19.32 9.41 -38.03
N SER B 265 -19.95 10.58 -38.11
CA SER B 265 -19.90 11.41 -39.30
C SER B 265 -18.45 11.81 -39.53
N THR B 266 -18.12 12.12 -40.78
CA THR B 266 -16.76 12.52 -41.08
C THR B 266 -16.65 14.02 -40.97
N ASP B 267 -17.79 14.68 -40.79
CA ASP B 267 -17.83 16.13 -40.63
C ASP B 267 -17.81 16.38 -39.12
N SER B 268 -16.77 17.03 -38.63
CA SER B 268 -16.66 17.26 -37.20
C SER B 268 -17.82 18.05 -36.58
N GLU B 269 -18.51 18.88 -37.37
CA GLU B 269 -19.63 19.65 -36.84
C GLU B 269 -20.92 18.83 -36.68
N VAL B 270 -21.10 17.80 -37.49
CA VAL B 270 -22.29 16.96 -37.36
C VAL B 270 -22.05 16.08 -36.13
N GLN B 271 -20.89 15.46 -36.09
CA GLN B 271 -20.48 14.59 -34.99
C GLN B 271 -20.65 15.35 -33.67
N LYS B 272 -20.18 16.59 -33.61
CA LYS B 272 -20.30 17.39 -32.40
C LYS B 272 -21.74 17.77 -32.07
N GLU B 273 -22.57 18.10 -33.05
CA GLU B 273 -23.93 18.45 -32.68
C GLU B 273 -24.66 17.19 -32.23
N ALA B 274 -24.28 16.05 -32.79
CA ALA B 274 -24.92 14.80 -32.39
C ALA B 274 -24.53 14.51 -30.95
N ALA B 275 -23.26 14.63 -30.61
CA ALA B 275 -22.84 14.33 -29.25
C ALA B 275 -23.52 15.26 -28.26
N ARG B 276 -23.55 16.55 -28.58
CA ARG B 276 -24.21 17.49 -27.66
C ARG B 276 -25.69 17.17 -27.51
N ALA B 277 -26.31 16.68 -28.58
CA ALA B 277 -27.71 16.33 -28.49
C ALA B 277 -27.89 15.16 -27.53
N LEU B 278 -27.14 14.08 -27.74
CA LEU B 278 -27.29 12.94 -26.88
C LEU B 278 -26.96 13.27 -25.42
N ALA B 279 -25.98 14.13 -25.18
CA ALA B 279 -25.63 14.50 -23.81
C ALA B 279 -26.81 15.24 -23.18
N ASN B 280 -27.48 16.07 -23.96
CA ASN B 280 -28.64 16.81 -23.44
C ASN B 280 -29.76 15.83 -23.16
N ILE B 281 -29.96 14.89 -24.07
CA ILE B 281 -30.98 13.85 -23.92
C ILE B 281 -30.69 13.05 -22.63
N ALA B 282 -29.41 12.72 -22.46
CA ALA B 282 -28.94 11.98 -21.30
C ALA B 282 -29.13 12.70 -19.98
N SER B 283 -29.52 13.96 -20.01
CA SER B 283 -29.72 14.68 -18.76
C SER B 283 -31.20 14.61 -18.42
N GLY B 284 -31.96 14.03 -19.36
CA GLY B 284 -33.39 13.91 -19.16
C GLY B 284 -33.72 12.74 -18.27
N PRO B 285 -35.00 12.33 -18.24
CA PRO B 285 -35.51 11.21 -17.44
C PRO B 285 -34.87 9.85 -17.84
N ASP B 286 -34.85 8.92 -16.89
CA ASP B 286 -34.27 7.61 -17.09
C ASP B 286 -34.64 6.89 -18.36
N GLU B 287 -35.84 7.10 -18.89
CA GLU B 287 -36.25 6.43 -20.12
C GLU B 287 -35.46 6.99 -21.31
N ALA B 288 -35.08 8.27 -21.23
CA ALA B 288 -34.31 8.89 -22.30
C ALA B 288 -32.90 8.28 -22.30
N ILE B 289 -32.38 8.02 -21.10
CA ILE B 289 -31.07 7.42 -20.94
C ILE B 289 -31.14 5.97 -21.42
N LYS B 290 -32.33 5.41 -21.42
CA LYS B 290 -32.49 4.03 -21.85
C LYS B 290 -32.42 3.94 -23.37
N ALA B 291 -33.01 4.91 -24.06
CA ALA B 291 -33.00 4.89 -25.54
C ALA B 291 -31.56 4.89 -26.04
N ILE B 292 -30.76 5.81 -25.50
CA ILE B 292 -29.35 5.93 -25.86
C ILE B 292 -28.62 4.60 -25.64
N VAL B 293 -28.81 4.00 -24.47
CA VAL B 293 -28.17 2.74 -24.18
C VAL B 293 -28.65 1.66 -25.12
N ASP B 294 -29.97 1.50 -25.22
CA ASP B 294 -30.52 0.48 -26.09
C ASP B 294 -30.14 0.71 -27.54
N ALA B 295 -29.86 1.95 -27.90
CA ALA B 295 -29.45 2.31 -29.27
C ALA B 295 -27.95 2.12 -29.56
N GLY B 296 -27.18 1.71 -28.55
CA GLY B 296 -25.76 1.50 -28.77
C GLY B 296 -24.86 2.71 -28.59
N GLY B 297 -25.48 3.85 -28.29
CA GLY B 297 -24.70 5.06 -28.11
C GLY B 297 -23.53 4.95 -27.18
N VAL B 298 -23.69 4.25 -26.06
CA VAL B 298 -22.62 4.12 -25.08
C VAL B 298 -21.26 3.67 -25.63
N GLU B 299 -21.24 2.60 -26.41
CA GLU B 299 -19.96 2.15 -26.96
C GLU B 299 -19.37 3.21 -27.90
N VAL B 300 -20.21 3.78 -28.75
CA VAL B 300 -19.78 4.77 -29.70
C VAL B 300 -19.21 6.00 -28.98
N LEU B 301 -19.88 6.39 -27.90
CA LEU B 301 -19.46 7.54 -27.09
C LEU B 301 -18.12 7.28 -26.38
N VAL B 302 -17.89 6.04 -25.97
CA VAL B 302 -16.64 5.69 -25.32
C VAL B 302 -15.48 5.92 -26.31
N LYS B 303 -15.67 5.57 -27.58
CA LYS B 303 -14.62 5.81 -28.59
C LYS B 303 -14.34 7.30 -28.65
N LEU B 304 -15.40 8.07 -28.84
CA LEU B 304 -15.28 9.52 -28.92
C LEU B 304 -14.55 10.15 -27.75
N LEU B 305 -14.37 9.42 -26.65
CA LEU B 305 -13.68 10.00 -25.52
C LEU B 305 -12.22 10.31 -25.82
N THR B 306 -11.70 9.71 -26.88
CA THR B 306 -10.33 9.92 -27.29
C THR B 306 -10.24 10.58 -28.67
N SER B 307 -11.24 11.39 -29.01
CA SER B 307 -11.27 12.10 -30.29
C SER B 307 -10.22 13.20 -30.31
N THR B 308 -9.65 13.49 -31.46
CA THR B 308 -8.64 14.54 -31.57
C THR B 308 -9.32 15.90 -31.55
N ASP B 309 -10.66 15.89 -31.56
CA ASP B 309 -11.43 17.12 -31.51
C ASP B 309 -11.89 17.32 -30.05
N SER B 310 -11.30 18.29 -29.36
CA SER B 310 -11.65 18.53 -27.97
C SER B 310 -13.13 18.87 -27.75
N GLU B 311 -13.78 19.53 -28.71
CA GLU B 311 -15.19 19.84 -28.53
C GLU B 311 -16.06 18.58 -28.50
N VAL B 312 -15.77 17.63 -29.40
CA VAL B 312 -16.48 16.37 -29.44
C VAL B 312 -16.24 15.58 -28.14
N GLN B 313 -14.98 15.56 -27.70
CA GLN B 313 -14.60 14.85 -26.49
C GLN B 313 -15.41 15.35 -25.27
N LYS B 314 -15.48 16.66 -25.08
CA LYS B 314 -16.24 17.23 -23.97
C LYS B 314 -17.71 16.77 -24.03
N GLU B 315 -18.31 16.81 -25.21
CA GLU B 315 -19.69 16.36 -25.37
C GLU B 315 -19.83 14.90 -25.02
N ALA B 316 -18.93 14.07 -25.55
CA ALA B 316 -18.96 12.65 -25.27
C ALA B 316 -18.90 12.42 -23.78
N ALA B 317 -17.88 12.97 -23.14
CA ALA B 317 -17.69 12.83 -21.72
C ALA B 317 -18.92 13.29 -20.94
N ARG B 318 -19.55 14.39 -21.37
CA ARG B 318 -20.73 14.89 -20.70
C ARG B 318 -21.88 13.88 -20.85
N ALA B 319 -22.03 13.33 -22.05
CA ALA B 319 -23.09 12.33 -22.27
C ALA B 319 -22.89 11.13 -21.34
N LEU B 320 -21.63 10.69 -21.20
CA LEU B 320 -21.36 9.55 -20.33
C LEU B 320 -21.57 9.85 -18.85
N ALA B 321 -21.22 11.04 -18.39
CA ALA B 321 -21.45 11.33 -16.99
C ALA B 321 -22.98 11.43 -16.76
N ASN B 322 -23.70 11.93 -17.76
CA ASN B 322 -25.14 12.00 -17.62
C ASN B 322 -25.75 10.61 -17.64
N ILE B 323 -25.29 9.78 -18.57
CA ILE B 323 -25.80 8.41 -18.70
C ILE B 323 -25.44 7.58 -17.50
N ALA B 324 -24.41 8.01 -16.78
CA ALA B 324 -23.94 7.26 -15.62
C ALA B 324 -24.74 7.49 -14.37
N SER B 325 -25.57 8.54 -14.35
CA SER B 325 -26.40 8.80 -13.18
C SER B 325 -27.77 8.13 -13.31
N GLY B 326 -27.98 7.43 -14.43
CA GLY B 326 -29.25 6.74 -14.67
C GLY B 326 -29.30 5.38 -14.02
N PRO B 327 -30.18 4.49 -14.47
CA PRO B 327 -30.29 3.15 -13.89
C PRO B 327 -29.05 2.26 -14.09
N ASP B 328 -28.94 1.21 -13.29
CA ASP B 328 -27.82 0.27 -13.35
C ASP B 328 -27.46 -0.26 -14.73
N GLU B 329 -28.47 -0.62 -15.52
CA GLU B 329 -28.20 -1.13 -16.88
C GLU B 329 -27.30 -0.14 -17.60
N ALA B 330 -27.56 1.14 -17.36
CA ALA B 330 -26.80 2.22 -17.96
C ALA B 330 -25.35 2.15 -17.52
N ILE B 331 -25.13 2.01 -16.22
CA ILE B 331 -23.76 1.94 -15.72
C ILE B 331 -23.05 0.68 -16.20
N LYS B 332 -23.81 -0.39 -16.42
CA LYS B 332 -23.23 -1.63 -16.90
C LYS B 332 -22.78 -1.50 -18.37
N ALA B 333 -23.52 -0.73 -19.18
CA ALA B 333 -23.13 -0.58 -20.58
C ALA B 333 -21.75 0.05 -20.65
N ILE B 334 -21.62 1.20 -20.00
CA ILE B 334 -20.36 1.92 -19.94
C ILE B 334 -19.23 0.95 -19.55
N VAL B 335 -19.45 0.21 -18.45
CA VAL B 335 -18.48 -0.74 -17.93
C VAL B 335 -18.16 -1.85 -18.93
N ASP B 336 -19.19 -2.39 -19.57
CA ASP B 336 -18.98 -3.47 -20.55
C ASP B 336 -18.24 -2.98 -21.80
N ALA B 337 -18.30 -1.67 -22.03
CA ALA B 337 -17.64 -1.07 -23.19
C ALA B 337 -16.20 -0.68 -22.85
N GLY B 338 -15.82 -0.88 -21.59
CA GLY B 338 -14.47 -0.52 -21.16
C GLY B 338 -14.33 0.97 -20.95
N GLY B 339 -15.44 1.66 -20.74
CA GLY B 339 -15.42 3.09 -20.55
C GLY B 339 -14.65 3.55 -19.33
N VAL B 340 -14.67 2.74 -18.27
CA VAL B 340 -13.98 3.06 -17.03
C VAL B 340 -12.48 3.25 -17.18
N GLU B 341 -11.82 2.32 -17.86
CA GLU B 341 -10.38 2.42 -18.08
C GLU B 341 -10.11 3.78 -18.75
N VAL B 342 -10.88 4.09 -19.78
CA VAL B 342 -10.72 5.34 -20.53
C VAL B 342 -10.95 6.61 -19.66
N LEU B 343 -12.07 6.62 -18.93
CA LEU B 343 -12.40 7.76 -18.08
C LEU B 343 -11.33 7.96 -17.02
N VAL B 344 -10.72 6.89 -16.55
CA VAL B 344 -9.67 7.04 -15.54
C VAL B 344 -8.46 7.78 -16.12
N LYS B 345 -8.11 7.52 -17.37
CA LYS B 345 -6.97 8.21 -17.98
C LYS B 345 -7.31 9.69 -18.21
N LEU B 346 -8.58 9.97 -18.49
CA LEU B 346 -9.00 11.35 -18.69
C LEU B 346 -8.97 12.13 -17.36
N LEU B 347 -8.81 11.43 -16.25
CA LEU B 347 -8.76 12.11 -14.97
C LEU B 347 -7.50 12.94 -14.88
N THR B 348 -6.48 12.55 -15.66
CA THR B 348 -5.20 13.26 -15.64
C THR B 348 -5.08 14.20 -16.82
N SER B 349 -6.21 14.54 -17.44
CA SER B 349 -6.21 15.44 -18.59
C SER B 349 -5.85 16.88 -18.18
N THR B 350 -5.18 17.60 -19.07
CA THR B 350 -4.80 18.96 -18.75
C THR B 350 -6.00 19.86 -18.93
N ASP B 351 -6.98 19.36 -19.67
CA ASP B 351 -8.22 20.10 -19.93
C ASP B 351 -9.14 19.95 -18.70
N SER B 352 -9.37 21.06 -17.99
CA SER B 352 -10.19 21.10 -16.78
C SER B 352 -11.62 20.64 -17.02
N GLU B 353 -12.15 20.96 -18.19
CA GLU B 353 -13.49 20.57 -18.53
C GLU B 353 -13.61 19.07 -18.72
N VAL B 354 -12.65 18.46 -19.42
CA VAL B 354 -12.70 17.01 -19.65
C VAL B 354 -12.53 16.29 -18.31
N GLN B 355 -11.64 16.82 -17.50
CA GLN B 355 -11.34 16.27 -16.18
C GLN B 355 -12.56 16.27 -15.30
N LYS B 356 -13.32 17.37 -15.29
CA LYS B 356 -14.54 17.48 -14.48
C LYS B 356 -15.61 16.49 -14.93
N GLU B 357 -15.83 16.40 -16.24
CA GLU B 357 -16.81 15.48 -16.75
C GLU B 357 -16.41 14.03 -16.48
N ALA B 358 -15.13 13.72 -16.62
CA ALA B 358 -14.67 12.35 -16.37
C ALA B 358 -14.84 12.04 -14.89
N ALA B 359 -14.40 12.96 -14.04
CA ALA B 359 -14.49 12.79 -12.61
C ALA B 359 -15.95 12.61 -12.22
N ARG B 360 -16.84 13.40 -12.81
CA ARG B 360 -18.25 13.27 -12.48
C ARG B 360 -18.76 11.89 -12.92
N ALA B 361 -18.37 11.48 -14.12
CA ALA B 361 -18.78 10.17 -14.63
C ALA B 361 -18.33 9.02 -13.71
N LEU B 362 -17.09 9.07 -13.21
CA LEU B 362 -16.62 8.01 -12.34
C LEU B 362 -17.33 8.02 -10.98
N ALA B 363 -17.74 9.20 -10.51
CA ALA B 363 -18.46 9.26 -9.25
C ALA B 363 -19.84 8.62 -9.43
N ASN B 364 -20.44 8.76 -10.61
CA ASN B 364 -21.75 8.15 -10.81
C ASN B 364 -21.63 6.64 -10.97
N ILE B 365 -20.58 6.18 -11.64
CA ILE B 365 -20.36 4.76 -11.84
C ILE B 365 -20.11 4.11 -10.48
N ALA B 366 -19.39 4.84 -9.62
CA ALA B 366 -19.03 4.36 -8.30
C ALA B 366 -20.20 4.25 -7.31
N SER B 367 -21.39 4.68 -7.73
CA SER B 367 -22.56 4.58 -6.88
C SER B 367 -23.39 3.43 -7.41
N GLY B 368 -22.88 2.81 -8.48
CA GLY B 368 -23.55 1.68 -9.10
C GLY B 368 -23.21 0.39 -8.38
N PRO B 369 -23.52 -0.76 -8.99
CA PRO B 369 -23.25 -2.06 -8.37
C PRO B 369 -21.76 -2.35 -8.14
N THR B 370 -21.49 -3.40 -7.37
CA THR B 370 -20.14 -3.84 -7.03
C THR B 370 -19.25 -4.12 -8.25
N SER B 371 -19.85 -4.63 -9.32
CA SER B 371 -19.08 -4.92 -10.53
C SER B 371 -18.49 -3.64 -11.15
N ALA B 372 -19.22 -2.53 -11.03
CA ALA B 372 -18.75 -1.26 -11.58
C ALA B 372 -17.63 -0.71 -10.70
N ILE B 373 -17.82 -0.77 -9.39
CA ILE B 373 -16.83 -0.26 -8.45
C ILE B 373 -15.51 -1.02 -8.66
N LYS B 374 -15.63 -2.31 -8.95
CA LYS B 374 -14.46 -3.13 -9.17
C LYS B 374 -13.74 -2.69 -10.42
N ALA B 375 -14.49 -2.39 -11.48
CA ALA B 375 -13.87 -1.93 -12.71
C ALA B 375 -12.99 -0.69 -12.43
N ILE B 376 -13.47 0.19 -11.56
CA ILE B 376 -12.73 1.40 -11.23
C ILE B 376 -11.47 1.06 -10.45
N VAL B 377 -11.63 0.25 -9.41
CA VAL B 377 -10.50 -0.12 -8.58
C VAL B 377 -9.48 -0.90 -9.39
N ASP B 378 -9.95 -1.78 -10.27
CA ASP B 378 -9.04 -2.56 -11.10
C ASP B 378 -8.45 -1.76 -12.27
N ALA B 379 -8.81 -0.50 -12.37
CA ALA B 379 -8.28 0.34 -13.44
C ALA B 379 -7.34 1.40 -12.85
N GLY B 380 -7.15 1.35 -11.54
CA GLY B 380 -6.28 2.31 -10.88
C GLY B 380 -7.00 3.56 -10.42
N GLY B 381 -8.31 3.59 -10.64
CA GLY B 381 -9.12 4.73 -10.25
C GLY B 381 -8.96 5.34 -8.87
N VAL B 382 -8.93 4.53 -7.81
CA VAL B 382 -8.79 5.07 -6.46
C VAL B 382 -7.59 5.99 -6.31
N GLU B 383 -6.42 5.51 -6.71
CA GLU B 383 -5.20 6.30 -6.61
C GLU B 383 -5.23 7.58 -7.47
N VAL B 384 -5.70 7.47 -8.70
CA VAL B 384 -5.78 8.65 -9.57
C VAL B 384 -6.76 9.66 -8.96
N LEU B 385 -7.91 9.16 -8.50
CA LEU B 385 -8.93 10.00 -7.86
C LEU B 385 -8.30 10.63 -6.60
N GLN B 386 -7.43 9.86 -5.95
CA GLN B 386 -6.74 10.33 -4.75
C GLN B 386 -6.01 11.63 -5.08
N LYS B 387 -5.30 11.63 -6.21
CA LYS B 387 -4.54 12.82 -6.62
C LYS B 387 -5.41 14.05 -6.87
N LEU B 388 -6.55 13.86 -7.55
CA LEU B 388 -7.44 14.97 -7.83
C LEU B 388 -8.00 15.65 -6.57
N LEU B 389 -7.80 15.06 -5.39
CA LEU B 389 -8.34 15.67 -4.20
C LEU B 389 -7.67 17.02 -3.99
N THR B 390 -6.42 17.15 -4.46
CA THR B 390 -5.68 18.38 -4.32
C THR B 390 -5.63 19.18 -5.61
N SER B 391 -6.78 19.28 -6.28
CA SER B 391 -6.90 20.02 -7.53
C SER B 391 -7.38 21.43 -7.23
N THR B 392 -6.78 22.39 -7.92
CA THR B 392 -7.13 23.80 -7.74
C THR B 392 -8.56 24.10 -8.22
N ASP B 393 -9.18 23.10 -8.84
CA ASP B 393 -10.52 23.23 -9.37
C ASP B 393 -11.52 22.64 -8.38
N SER B 394 -12.29 23.51 -7.72
CA SER B 394 -13.25 23.06 -6.71
C SER B 394 -14.19 21.95 -7.16
N GLU B 395 -14.68 22.03 -8.39
CA GLU B 395 -15.61 21.01 -8.86
C GLU B 395 -14.97 19.65 -9.18
N VAL B 396 -13.66 19.63 -9.38
CA VAL B 396 -12.98 18.37 -9.62
C VAL B 396 -12.75 17.74 -8.23
N GLN B 397 -12.32 18.55 -7.26
CA GLN B 397 -12.11 18.04 -5.90
C GLN B 397 -13.39 17.33 -5.44
N LYS B 398 -14.50 18.05 -5.56
CA LYS B 398 -15.81 17.52 -5.16
C LYS B 398 -16.20 16.18 -5.78
N GLU B 399 -16.02 16.02 -7.10
CA GLU B 399 -16.39 14.75 -7.72
C GLU B 399 -15.40 13.65 -7.33
N ALA B 400 -14.15 14.01 -7.06
CA ALA B 400 -13.18 12.98 -6.68
C ALA B 400 -13.54 12.49 -5.30
N GLN B 401 -13.97 13.41 -4.45
CA GLN B 401 -14.35 13.03 -3.10
C GLN B 401 -15.63 12.19 -3.07
N ARG B 402 -16.59 12.54 -3.92
CA ARG B 402 -17.84 11.80 -3.99
C ARG B 402 -17.56 10.40 -4.56
N ALA B 403 -16.65 10.33 -5.53
CA ALA B 403 -16.29 9.06 -6.14
C ALA B 403 -15.62 8.13 -5.13
N LEU B 404 -14.72 8.67 -4.33
CA LEU B 404 -14.05 7.84 -3.35
C LEU B 404 -15.04 7.40 -2.27
N GLU B 405 -15.94 8.30 -1.89
CA GLU B 405 -16.95 8.00 -0.88
C GLU B 405 -17.87 6.89 -1.39
N ASN B 406 -18.30 6.98 -2.64
CA ASN B 406 -19.18 5.96 -3.15
C ASN B 406 -18.47 4.61 -3.14
N ILE B 407 -17.19 4.60 -3.53
CA ILE B 407 -16.43 3.36 -3.53
C ILE B 407 -16.44 2.78 -2.12
N LYS B 408 -16.18 3.64 -1.15
CA LYS B 408 -16.16 3.23 0.26
C LYS B 408 -17.53 2.71 0.74
N SER B 409 -18.61 3.32 0.28
CA SER B 409 -19.97 2.94 0.67
C SER B 409 -20.52 1.73 -0.06
N GLY B 410 -19.76 1.19 -1.01
CA GLY B 410 -20.24 0.04 -1.75
C GLY B 410 -21.40 0.40 -2.65
N GLY B 411 -21.53 1.69 -2.96
CA GLY B 411 -22.58 2.15 -3.84
C GLY B 411 -23.86 2.61 -3.18
N TRP B 412 -23.86 2.69 -1.85
CA TRP B 412 -25.03 3.11 -1.11
C TRP B 412 -24.84 4.53 -0.61
N LEU B 413 -25.51 5.48 -1.26
CA LEU B 413 -25.39 6.88 -0.90
C LEU B 413 -26.37 7.39 0.16
N GLU B 414 -25.96 8.47 0.82
CA GLU B 414 -26.73 9.13 1.87
C GLU B 414 -27.93 9.93 1.34
N HIS B 415 -29.13 9.47 1.69
CA HIS B 415 -30.40 10.07 1.25
C HIS B 415 -30.36 9.84 -0.26
N MET C 1 -32.88 40.52 -2.89
CA MET C 1 -34.23 40.35 -3.51
C MET C 1 -34.38 38.94 -4.11
N ASN C 2 -34.12 38.81 -5.42
CA ASN C 2 -34.24 37.52 -6.09
C ASN C 2 -32.91 36.76 -6.06
N ASP C 3 -32.95 35.46 -6.35
CA ASP C 3 -31.75 34.62 -6.34
C ASP C 3 -30.52 35.18 -7.06
N VAL C 4 -30.72 35.83 -8.21
CA VAL C 4 -29.59 36.39 -8.91
C VAL C 4 -29.08 37.61 -8.13
N GLU C 5 -29.97 38.50 -7.74
CA GLU C 5 -29.54 39.69 -6.99
C GLU C 5 -28.82 39.29 -5.69
N LYS C 6 -29.25 38.19 -5.08
CA LYS C 6 -28.63 37.70 -3.84
C LYS C 6 -27.17 37.33 -4.13
N LEU C 7 -27.00 36.50 -5.15
CA LEU C 7 -25.67 36.05 -5.54
C LEU C 7 -24.75 37.23 -5.84
N VAL C 8 -25.26 38.27 -6.46
CA VAL C 8 -24.42 39.42 -6.77
C VAL C 8 -23.94 40.13 -5.51
N LYS C 9 -24.64 39.95 -4.40
CA LYS C 9 -24.21 40.60 -3.18
C LYS C 9 -23.13 39.77 -2.52
N LEU C 10 -23.26 38.44 -2.66
CA LEU C 10 -22.28 37.52 -2.09
C LEU C 10 -20.92 37.70 -2.76
N LEU C 11 -20.92 38.31 -3.96
CA LEU C 11 -19.70 38.56 -4.72
C LEU C 11 -18.86 39.64 -4.07
N THR C 12 -19.53 40.54 -3.35
CA THR C 12 -18.85 41.64 -2.67
C THR C 12 -18.42 41.27 -1.25
N SER C 13 -18.41 39.97 -0.94
CA SER C 13 -18.02 39.50 0.38
C SER C 13 -16.52 39.64 0.60
N THR C 14 -16.09 39.69 1.87
CA THR C 14 -14.68 39.80 2.20
C THR C 14 -14.11 38.38 2.32
N ASP C 15 -15.03 37.43 2.38
CA ASP C 15 -14.72 36.01 2.47
C ASP C 15 -14.51 35.54 1.03
N SER C 16 -13.25 35.39 0.64
CA SER C 16 -12.93 34.97 -0.73
C SER C 16 -13.55 33.62 -1.12
N GLU C 17 -13.85 32.80 -0.12
CA GLU C 17 -14.45 31.49 -0.36
C GLU C 17 -15.93 31.67 -0.69
N THR C 18 -16.52 32.76 -0.20
CA THR C 18 -17.92 33.07 -0.47
C THR C 18 -17.99 33.63 -1.88
N GLN C 19 -16.98 34.44 -2.22
CA GLN C 19 -16.90 35.04 -3.55
C GLN C 19 -16.84 33.97 -4.63
N LYS C 20 -15.94 33.00 -4.48
CA LYS C 20 -15.81 31.93 -5.47
C LYS C 20 -17.12 31.20 -5.66
N GLU C 21 -17.79 30.88 -4.56
CA GLU C 21 -19.06 30.18 -4.64
C GLU C 21 -20.12 31.01 -5.37
N ALA C 22 -20.16 32.31 -5.10
CA ALA C 22 -21.15 33.16 -5.75
C ALA C 22 -20.91 33.20 -7.25
N ALA C 23 -19.66 33.39 -7.67
CA ALA C 23 -19.33 33.43 -9.09
C ALA C 23 -19.58 32.07 -9.75
N ARG C 24 -19.18 31.01 -9.08
CA ARG C 24 -19.38 29.67 -9.59
C ARG C 24 -20.88 29.48 -9.83
N ASP C 25 -21.69 30.12 -8.99
CA ASP C 25 -23.14 30.01 -9.15
C ASP C 25 -23.61 30.89 -10.31
N LEU C 26 -23.17 32.14 -10.31
CA LEU C 26 -23.56 33.06 -11.37
C LEU C 26 -23.13 32.48 -12.71
N ALA C 27 -22.01 31.79 -12.72
CA ALA C 27 -21.52 31.19 -13.95
C ALA C 27 -22.49 30.10 -14.42
N GLU C 28 -22.88 29.22 -13.51
CA GLU C 28 -23.79 28.14 -13.86
C GLU C 28 -25.10 28.67 -14.43
N ILE C 29 -25.54 29.82 -13.93
CA ILE C 29 -26.78 30.42 -14.39
C ILE C 29 -26.58 31.01 -15.78
N ALA C 30 -25.48 31.73 -15.94
CA ALA C 30 -25.16 32.38 -17.20
C ALA C 30 -25.00 31.40 -18.37
N SER C 31 -24.87 30.12 -18.06
CA SER C 31 -24.70 29.12 -19.10
C SER C 31 -26.06 28.61 -19.54
N GLY C 32 -27.10 29.34 -19.17
CA GLY C 32 -28.44 28.95 -19.54
C GLY C 32 -29.04 29.84 -20.62
N PRO C 33 -30.36 30.05 -20.61
CA PRO C 33 -31.04 30.88 -21.61
C PRO C 33 -30.82 32.38 -21.41
N ALA C 34 -30.76 33.09 -22.52
CA ALA C 34 -30.55 34.52 -22.54
C ALA C 34 -31.24 35.36 -21.46
N SER C 35 -32.42 34.94 -21.02
CA SER C 35 -33.13 35.71 -20.00
C SER C 35 -32.37 35.65 -18.67
N ALA C 36 -31.64 34.56 -18.48
CA ALA C 36 -30.87 34.33 -17.26
C ALA C 36 -29.69 35.30 -17.20
N ILE C 37 -29.10 35.55 -18.36
CA ILE C 37 -27.97 36.46 -18.46
C ILE C 37 -28.44 37.91 -18.33
N LYS C 38 -29.61 38.20 -18.90
CA LYS C 38 -30.21 39.52 -18.82
C LYS C 38 -30.43 39.83 -17.35
N ALA C 39 -30.93 38.82 -16.63
CA ALA C 39 -31.18 38.99 -15.21
C ALA C 39 -29.90 39.43 -14.46
N ILE C 40 -28.78 38.76 -14.76
CA ILE C 40 -27.49 39.08 -14.16
C ILE C 40 -27.04 40.51 -14.51
N VAL C 41 -27.23 40.91 -15.77
CA VAL C 41 -26.85 42.26 -16.22
C VAL C 41 -27.75 43.32 -15.57
N ASP C 42 -28.99 42.96 -15.27
CA ASP C 42 -29.94 43.87 -14.62
C ASP C 42 -29.56 44.06 -13.16
N ALA C 43 -28.96 43.03 -12.56
CA ALA C 43 -28.55 43.06 -11.17
C ALA C 43 -27.20 43.73 -11.01
N GLY C 44 -26.58 44.10 -12.12
CA GLY C 44 -25.29 44.75 -12.06
C GLY C 44 -24.16 43.78 -11.77
N GLY C 45 -24.40 42.50 -12.07
CA GLY C 45 -23.40 41.48 -11.81
C GLY C 45 -22.16 41.54 -12.70
N VAL C 46 -22.25 42.22 -13.84
CA VAL C 46 -21.12 42.32 -14.75
C VAL C 46 -20.04 43.24 -14.20
N GLU C 47 -20.47 44.41 -13.73
CA GLU C 47 -19.54 45.39 -13.17
C GLU C 47 -18.87 44.85 -11.92
N VAL C 48 -19.63 44.14 -11.09
CA VAL C 48 -19.04 43.57 -9.88
C VAL C 48 -17.99 42.49 -10.24
N LEU C 49 -18.35 41.59 -11.15
CA LEU C 49 -17.44 40.53 -11.56
C LEU C 49 -16.16 41.11 -12.15
N VAL C 50 -16.31 42.15 -12.96
CA VAL C 50 -15.14 42.77 -13.58
C VAL C 50 -14.15 43.33 -12.54
N LYS C 51 -14.66 43.72 -11.37
CA LYS C 51 -13.77 44.22 -10.33
C LYS C 51 -13.10 43.03 -9.63
N LEU C 52 -13.77 41.90 -9.65
CA LEU C 52 -13.26 40.67 -9.08
C LEU C 52 -12.11 40.11 -9.93
N LEU C 53 -11.90 40.69 -11.10
CA LEU C 53 -10.83 40.22 -11.99
C LEU C 53 -9.44 40.71 -11.55
N THR C 54 -9.43 41.68 -10.63
CA THR C 54 -8.17 42.21 -10.12
C THR C 54 -7.92 41.66 -8.73
N SER C 55 -8.66 40.61 -8.36
CA SER C 55 -8.50 39.97 -7.06
C SER C 55 -7.10 39.34 -6.97
N THR C 56 -6.48 39.42 -5.80
CA THR C 56 -5.14 38.85 -5.62
C THR C 56 -5.20 37.32 -5.57
N ASP C 57 -6.41 36.80 -5.42
CA ASP C 57 -6.65 35.35 -5.36
C ASP C 57 -7.00 34.87 -6.77
N SER C 58 -6.06 34.21 -7.44
CA SER C 58 -6.28 33.76 -8.82
C SER C 58 -7.45 32.82 -9.02
N GLU C 59 -7.92 32.19 -7.95
CA GLU C 59 -9.07 31.30 -8.07
C GLU C 59 -10.31 32.20 -8.25
N VAL C 60 -10.27 33.38 -7.63
CA VAL C 60 -11.36 34.34 -7.75
C VAL C 60 -11.44 34.85 -9.19
N GLN C 61 -10.30 35.23 -9.74
CA GLN C 61 -10.24 35.73 -11.10
C GLN C 61 -10.82 34.68 -12.06
N LYS C 62 -10.48 33.42 -11.84
CA LYS C 62 -10.96 32.35 -12.70
C LYS C 62 -12.48 32.21 -12.70
N GLU C 63 -13.09 32.07 -11.53
CA GLU C 63 -14.55 31.94 -11.46
C GLU C 63 -15.22 33.19 -12.03
N ALA C 64 -14.65 34.35 -11.75
CA ALA C 64 -15.19 35.60 -12.25
C ALA C 64 -15.07 35.63 -13.77
N ALA C 65 -13.91 35.24 -14.26
CA ALA C 65 -13.67 35.22 -15.70
C ALA C 65 -14.54 34.16 -16.37
N ARG C 66 -14.84 33.07 -15.66
CA ARG C 66 -15.66 32.00 -16.18
C ARG C 66 -17.09 32.54 -16.34
N ALA C 67 -17.50 33.33 -15.36
CA ALA C 67 -18.83 33.94 -15.36
C ALA C 67 -18.98 34.91 -16.53
N LEU C 68 -18.06 35.87 -16.65
CA LEU C 68 -18.09 36.86 -17.76
C LEU C 68 -18.05 36.16 -19.11
N ALA C 69 -17.26 35.09 -19.20
CA ALA C 69 -17.16 34.35 -20.45
C ALA C 69 -18.55 33.86 -20.87
N ASN C 70 -19.32 33.38 -19.90
CA ASN C 70 -20.66 32.89 -20.19
C ASN C 70 -21.58 34.05 -20.51
N ILE C 71 -21.50 35.11 -19.71
CA ILE C 71 -22.32 36.30 -19.92
C ILE C 71 -22.03 36.85 -21.34
N ALA C 72 -20.78 36.73 -21.76
CA ALA C 72 -20.35 37.23 -23.04
C ALA C 72 -20.85 36.40 -24.22
N SER C 73 -21.45 35.25 -23.95
CA SER C 73 -21.96 34.45 -25.05
C SER C 73 -23.43 34.81 -25.26
N GLY C 74 -23.91 35.74 -24.45
CA GLY C 74 -25.30 36.16 -24.53
C GLY C 74 -25.58 37.21 -25.59
N PRO C 75 -26.65 38.01 -25.41
CA PRO C 75 -26.98 39.03 -26.39
C PRO C 75 -25.96 40.16 -26.42
N ASP C 76 -26.18 41.11 -27.33
CA ASP C 76 -25.30 42.27 -27.45
C ASP C 76 -25.40 43.23 -26.23
N GLU C 77 -26.54 43.21 -25.57
CA GLU C 77 -26.76 44.06 -24.42
C GLU C 77 -25.78 43.61 -23.32
N ALA C 78 -25.54 42.32 -23.27
CA ALA C 78 -24.64 41.77 -22.27
C ALA C 78 -23.20 42.14 -22.59
N ILE C 79 -22.81 41.97 -23.85
CA ILE C 79 -21.45 42.28 -24.26
C ILE C 79 -21.13 43.74 -24.03
N LYS C 80 -22.13 44.61 -24.21
CA LYS C 80 -21.96 46.04 -24.00
C LYS C 80 -21.79 46.30 -22.52
N ALA C 81 -22.48 45.52 -21.68
CA ALA C 81 -22.36 45.69 -20.24
C ALA C 81 -20.91 45.48 -19.87
N ILE C 82 -20.33 44.39 -20.37
CA ILE C 82 -18.93 44.06 -20.09
C ILE C 82 -18.03 45.18 -20.58
N VAL C 83 -18.12 45.52 -21.87
CA VAL C 83 -17.30 46.58 -22.47
C VAL C 83 -17.36 47.92 -21.73
N ASP C 84 -18.54 48.28 -21.23
CA ASP C 84 -18.73 49.52 -20.50
C ASP C 84 -18.10 49.50 -19.11
N ALA C 85 -18.10 48.33 -18.49
CA ALA C 85 -17.56 48.17 -17.16
C ALA C 85 -16.02 48.14 -17.17
N GLY C 86 -15.43 48.30 -18.34
CA GLY C 86 -13.99 48.26 -18.44
C GLY C 86 -13.46 46.84 -18.54
N GLY C 87 -14.35 45.90 -18.81
CA GLY C 87 -13.98 44.50 -18.91
C GLY C 87 -12.87 44.10 -19.86
N VAL C 88 -12.93 44.54 -21.12
CA VAL C 88 -11.94 44.19 -22.14
C VAL C 88 -10.50 44.54 -21.78
N GLU C 89 -10.27 45.78 -21.32
CA GLU C 89 -8.93 46.21 -20.96
C GLU C 89 -8.36 45.28 -19.88
N VAL C 90 -9.22 44.86 -18.96
CA VAL C 90 -8.80 43.98 -17.87
C VAL C 90 -8.55 42.55 -18.34
N LEU C 91 -9.49 41.98 -19.10
CA LEU C 91 -9.34 40.62 -19.61
C LEU C 91 -8.03 40.46 -20.41
N VAL C 92 -7.64 41.50 -21.13
CA VAL C 92 -6.40 41.46 -21.91
C VAL C 92 -5.17 41.34 -20.98
N LYS C 93 -5.23 41.97 -19.81
CA LYS C 93 -4.11 41.85 -18.86
C LYS C 93 -4.03 40.40 -18.43
N LEU C 94 -5.18 39.81 -18.15
CA LEU C 94 -5.23 38.42 -17.71
C LEU C 94 -4.74 37.46 -18.79
N LEU C 95 -4.75 37.90 -20.05
CA LEU C 95 -4.27 37.02 -21.11
C LEU C 95 -2.83 36.64 -20.87
N THR C 96 -2.15 37.42 -20.02
CA THR C 96 -0.75 37.15 -19.70
C THR C 96 -0.57 36.70 -18.25
N SER C 97 -1.64 36.21 -17.65
CA SER C 97 -1.59 35.72 -16.28
C SER C 97 -0.66 34.51 -16.19
N THR C 98 -0.10 34.27 -15.01
CA THR C 98 0.80 33.15 -14.84
C THR C 98 -0.04 31.88 -14.65
N ASP C 99 -1.29 32.05 -14.22
CA ASP C 99 -2.22 30.94 -14.01
C ASP C 99 -2.88 30.59 -15.34
N SER C 100 -2.53 29.44 -15.92
CA SER C 100 -3.09 29.06 -17.21
C SER C 100 -4.62 29.02 -17.23
N GLU C 101 -5.23 28.67 -16.10
CA GLU C 101 -6.68 28.60 -16.02
C GLU C 101 -7.33 29.99 -16.12
N VAL C 102 -6.63 31.03 -15.68
CA VAL C 102 -7.13 32.41 -15.78
C VAL C 102 -7.02 32.81 -17.23
N GLN C 103 -5.93 32.43 -17.87
CA GLN C 103 -5.71 32.75 -19.27
C GLN C 103 -6.81 32.15 -20.12
N LYS C 104 -7.11 30.89 -19.84
CA LYS C 104 -8.13 30.15 -20.57
C LYS C 104 -9.44 30.94 -20.58
N GLU C 105 -9.98 31.20 -19.40
CA GLU C 105 -11.24 31.91 -19.25
C GLU C 105 -11.23 33.29 -19.87
N ALA C 106 -10.12 34.00 -19.70
CA ALA C 106 -9.99 35.33 -20.28
C ALA C 106 -10.13 35.20 -21.80
N ALA C 107 -9.37 34.26 -22.36
CA ALA C 107 -9.39 34.03 -23.79
C ALA C 107 -10.81 33.75 -24.29
N ARG C 108 -11.53 32.86 -23.61
CA ARG C 108 -12.90 32.54 -23.99
C ARG C 108 -13.81 33.78 -23.92
N ALA C 109 -13.63 34.62 -22.90
CA ALA C 109 -14.46 35.83 -22.76
C ALA C 109 -14.22 36.76 -23.95
N LEU C 110 -12.95 37.04 -24.25
CA LEU C 110 -12.64 37.91 -25.37
C LEU C 110 -13.18 37.29 -26.65
N ALA C 111 -13.07 35.97 -26.78
CA ALA C 111 -13.55 35.27 -27.99
C ALA C 111 -15.06 35.43 -28.14
N ASN C 112 -15.76 35.35 -27.02
CA ASN C 112 -17.21 35.50 -27.06
C ASN C 112 -17.55 36.97 -27.30
N ILE C 113 -16.75 37.85 -26.70
CA ILE C 113 -16.96 39.29 -26.84
C ILE C 113 -16.77 39.67 -28.29
N ALA C 114 -15.89 38.93 -28.97
CA ALA C 114 -15.57 39.20 -30.37
C ALA C 114 -16.53 38.62 -31.40
N SER C 115 -17.51 37.85 -30.96
CA SER C 115 -18.47 37.29 -31.91
C SER C 115 -19.68 38.23 -31.87
N GLY C 116 -19.50 39.38 -31.23
CA GLY C 116 -20.54 40.38 -31.14
C GLY C 116 -20.41 41.43 -32.21
N PRO C 117 -20.97 42.64 -32.01
CA PRO C 117 -20.89 43.71 -33.01
C PRO C 117 -19.46 44.14 -33.32
N ASP C 118 -19.30 44.90 -34.39
CA ASP C 118 -17.98 45.40 -34.74
C ASP C 118 -17.44 46.21 -33.56
N GLU C 119 -18.29 47.02 -32.97
CA GLU C 119 -17.93 47.86 -31.85
C GLU C 119 -17.19 47.09 -30.76
N ALA C 120 -17.68 45.89 -30.44
CA ALA C 120 -17.05 45.07 -29.42
C ALA C 120 -15.66 44.66 -29.93
N ILE C 121 -15.64 44.22 -31.18
CA ILE C 121 -14.39 43.81 -31.79
C ILE C 121 -13.37 44.93 -31.74
N LYS C 122 -13.83 46.16 -32.00
CA LYS C 122 -12.95 47.31 -31.97
C LYS C 122 -12.38 47.55 -30.58
N ALA C 123 -13.19 47.27 -29.56
CA ALA C 123 -12.73 47.49 -28.19
C ALA C 123 -11.53 46.59 -27.87
N ILE C 124 -11.54 45.36 -28.39
CA ILE C 124 -10.43 44.45 -28.14
C ILE C 124 -9.19 44.98 -28.86
N VAL C 125 -9.40 45.44 -30.09
CA VAL C 125 -8.33 45.96 -30.93
C VAL C 125 -7.71 47.24 -30.37
N ASP C 126 -8.55 48.14 -29.88
CA ASP C 126 -8.04 49.39 -29.32
C ASP C 126 -7.34 49.14 -27.99
N ALA C 127 -7.59 47.99 -27.37
CA ALA C 127 -6.96 47.68 -26.09
C ALA C 127 -5.71 46.83 -26.25
N GLY C 128 -5.26 46.68 -27.49
CA GLY C 128 -4.05 45.90 -27.74
C GLY C 128 -4.23 44.42 -27.60
N GLY C 129 -5.47 43.96 -27.64
CA GLY C 129 -5.74 42.55 -27.51
C GLY C 129 -5.22 41.65 -28.62
N VAL C 130 -5.27 42.11 -29.85
CA VAL C 130 -4.81 41.29 -30.98
C VAL C 130 -3.37 40.83 -30.85
N GLU C 131 -2.46 41.78 -30.65
CA GLU C 131 -1.04 41.46 -30.51
C GLU C 131 -0.86 40.38 -29.44
N VAL C 132 -1.51 40.57 -28.29
CA VAL C 132 -1.41 39.61 -27.21
C VAL C 132 -2.00 38.26 -27.57
N LEU C 133 -3.20 38.26 -28.15
CA LEU C 133 -3.85 37.01 -28.55
C LEU C 133 -2.98 36.22 -29.51
N VAL C 134 -2.34 36.92 -30.44
CA VAL C 134 -1.46 36.30 -31.43
C VAL C 134 -0.26 35.64 -30.75
N LYS C 135 0.19 36.20 -29.65
CA LYS C 135 1.32 35.62 -28.93
C LYS C 135 0.90 34.28 -28.33
N LEU C 136 -0.38 34.19 -27.96
CA LEU C 136 -0.97 32.97 -27.37
C LEU C 136 -1.24 31.85 -28.37
N LEU C 137 -1.10 32.15 -29.65
CA LEU C 137 -1.33 31.12 -30.65
C LEU C 137 -0.25 30.07 -30.53
N THR C 138 0.83 30.37 -29.81
CA THR C 138 1.91 29.41 -29.62
C THR C 138 1.99 28.96 -28.15
N SER C 139 0.90 29.17 -27.42
CA SER C 139 0.81 28.76 -26.03
C SER C 139 0.98 27.24 -25.97
N THR C 140 1.51 26.75 -24.85
CA THR C 140 1.69 25.31 -24.69
C THR C 140 0.41 24.70 -24.11
N ASP C 141 -0.53 25.55 -23.69
CA ASP C 141 -1.80 25.11 -23.13
C ASP C 141 -2.84 25.00 -24.25
N SER C 142 -3.38 23.80 -24.45
CA SER C 142 -4.37 23.50 -25.50
C SER C 142 -5.59 24.40 -25.49
N GLU C 143 -6.16 24.61 -24.32
CA GLU C 143 -7.34 25.42 -24.21
C GLU C 143 -7.07 26.90 -24.43
N VAL C 144 -5.86 27.34 -24.12
CA VAL C 144 -5.53 28.73 -24.34
C VAL C 144 -5.38 28.94 -25.85
N GLN C 145 -4.59 28.08 -26.48
CA GLN C 145 -4.37 28.18 -27.91
C GLN C 145 -5.67 28.16 -28.71
N LYS C 146 -6.57 27.22 -28.42
CA LYS C 146 -7.83 27.14 -29.16
C LYS C 146 -8.68 28.39 -29.01
N GLU C 147 -8.93 28.77 -27.77
CA GLU C 147 -9.75 29.95 -27.49
C GLU C 147 -9.21 31.23 -28.09
N ALA C 148 -7.88 31.34 -28.22
CA ALA C 148 -7.31 32.55 -28.81
C ALA C 148 -7.41 32.46 -30.32
N ALA C 149 -7.33 31.26 -30.88
CA ALA C 149 -7.45 31.11 -32.32
C ALA C 149 -8.91 31.46 -32.65
N ARG C 150 -9.80 30.96 -31.81
CA ARG C 150 -11.20 31.23 -32.00
C ARG C 150 -11.41 32.74 -31.91
N ALA C 151 -10.73 33.38 -30.97
CA ALA C 151 -10.90 34.83 -30.81
C ALA C 151 -10.38 35.58 -32.02
N LEU C 152 -9.22 35.19 -32.53
CA LEU C 152 -8.66 35.86 -33.71
C LEU C 152 -9.56 35.69 -34.89
N ALA C 153 -10.14 34.50 -35.05
CA ALA C 153 -11.06 34.23 -36.16
C ALA C 153 -12.31 35.11 -36.11
N ASN C 154 -12.84 35.36 -34.91
CA ASN C 154 -14.02 36.22 -34.79
C ASN C 154 -13.65 37.68 -35.04
N ILE C 155 -12.49 38.10 -34.55
CA ILE C 155 -12.03 39.47 -34.73
C ILE C 155 -11.82 39.71 -36.22
N ALA C 156 -11.32 38.68 -36.91
CA ALA C 156 -11.08 38.76 -38.34
C ALA C 156 -12.36 38.85 -39.19
N SER C 157 -13.53 38.70 -38.58
CA SER C 157 -14.78 38.77 -39.34
C SER C 157 -15.36 40.17 -39.18
N GLY C 158 -14.52 41.07 -38.66
CA GLY C 158 -14.97 42.43 -38.45
C GLY C 158 -14.46 43.45 -39.44
N PRO C 159 -14.45 44.73 -39.04
CA PRO C 159 -13.97 45.81 -39.90
C PRO C 159 -12.50 45.66 -40.25
N ASP C 160 -12.11 46.20 -41.41
CA ASP C 160 -10.73 46.14 -41.88
C ASP C 160 -9.67 46.48 -40.82
N GLU C 161 -9.90 47.54 -40.05
CA GLU C 161 -8.95 47.90 -38.99
C GLU C 161 -8.56 46.66 -38.20
N ALA C 162 -9.54 45.84 -37.85
CA ALA C 162 -9.29 44.62 -37.07
C ALA C 162 -8.41 43.61 -37.79
N ILE C 163 -8.68 43.40 -39.09
CA ILE C 163 -7.92 42.46 -39.89
C ILE C 163 -6.50 42.96 -40.07
N LYS C 164 -6.36 44.27 -40.12
CA LYS C 164 -5.06 44.89 -40.29
C LYS C 164 -4.22 44.66 -39.05
N ALA C 165 -4.88 44.71 -37.89
CA ALA C 165 -4.16 44.53 -36.62
C ALA C 165 -3.61 43.13 -36.52
N ILE C 166 -4.36 42.15 -37.02
CA ILE C 166 -3.90 40.77 -36.97
C ILE C 166 -2.70 40.67 -37.90
N VAL C 167 -2.90 41.17 -39.11
CA VAL C 167 -1.87 41.17 -40.13
C VAL C 167 -0.59 41.84 -39.64
N ASP C 168 -0.70 43.07 -39.18
CA ASP C 168 0.44 43.83 -38.71
C ASP C 168 1.07 43.23 -37.45
N ALA C 169 0.43 42.22 -36.86
CA ALA C 169 0.98 41.60 -35.65
C ALA C 169 1.61 40.24 -35.97
N GLY C 170 1.81 39.97 -37.26
CA GLY C 170 2.40 38.72 -37.66
C GLY C 170 1.48 37.54 -37.46
N GLY C 171 0.22 37.85 -37.17
CA GLY C 171 -0.77 36.81 -36.95
C GLY C 171 -1.00 35.87 -38.12
N VAL C 172 -0.89 36.37 -39.35
CA VAL C 172 -1.14 35.52 -40.48
C VAL C 172 -0.15 34.37 -40.61
N GLU C 173 1.15 34.64 -40.52
CA GLU C 173 2.11 33.55 -40.64
C GLU C 173 1.84 32.49 -39.56
N VAL C 174 1.60 32.93 -38.32
CA VAL C 174 1.32 32.02 -37.21
C VAL C 174 0.04 31.20 -37.44
N LEU C 175 -1.01 31.83 -38.00
CA LEU C 175 -2.25 31.10 -38.31
C LEU C 175 -2.00 30.09 -39.42
N VAL C 176 -1.12 30.42 -40.35
CA VAL C 176 -0.83 29.49 -41.44
C VAL C 176 -0.25 28.21 -40.85
N LYS C 177 0.63 28.36 -39.87
CA LYS C 177 1.26 27.22 -39.21
C LYS C 177 0.22 26.34 -38.50
N LEU C 178 -0.72 26.98 -37.81
CA LEU C 178 -1.78 26.29 -37.09
C LEU C 178 -2.72 25.52 -38.03
N LEU C 179 -2.62 25.79 -39.33
CA LEU C 179 -3.44 25.11 -40.32
C LEU C 179 -3.12 23.64 -40.34
N THR C 180 -1.93 23.28 -39.88
CA THR C 180 -1.52 21.88 -39.87
C THR C 180 -1.38 21.29 -38.48
N SER C 181 -2.04 21.93 -37.52
CA SER C 181 -2.03 21.50 -36.12
C SER C 181 -2.77 20.17 -35.93
N THR C 182 -2.17 19.26 -35.16
CA THR C 182 -2.79 17.97 -34.92
C THR C 182 -4.09 18.13 -34.15
N ASP C 183 -4.24 19.28 -33.50
CA ASP C 183 -5.42 19.64 -32.72
C ASP C 183 -6.49 20.19 -33.66
N SER C 184 -7.52 19.39 -33.93
CA SER C 184 -8.62 19.75 -34.84
C SER C 184 -9.24 21.12 -34.63
N GLU C 185 -9.67 21.40 -33.41
CA GLU C 185 -10.29 22.68 -33.12
C GLU C 185 -9.39 23.84 -33.50
N VAL C 186 -8.13 23.79 -33.07
CA VAL C 186 -7.21 24.85 -33.40
C VAL C 186 -7.15 24.99 -34.90
N GLN C 187 -6.91 23.89 -35.58
CA GLN C 187 -6.86 23.91 -37.03
C GLN C 187 -8.11 24.58 -37.64
N LYS C 188 -9.29 24.09 -37.29
CA LYS C 188 -10.47 24.68 -37.88
C LYS C 188 -10.56 26.18 -37.61
N GLU C 189 -10.11 26.59 -36.43
CA GLU C 189 -10.18 28.02 -36.08
C GLU C 189 -9.26 28.84 -36.95
N ALA C 190 -8.08 28.30 -37.18
CA ALA C 190 -7.06 28.96 -37.98
C ALA C 190 -7.53 29.07 -39.43
N ALA C 191 -8.23 28.05 -39.92
CA ALA C 191 -8.71 28.07 -41.31
C ALA C 191 -9.83 29.07 -41.42
N ARG C 192 -10.66 29.15 -40.39
CA ARG C 192 -11.75 30.11 -40.42
C ARG C 192 -11.19 31.52 -40.36
N ALA C 193 -10.12 31.68 -39.59
CA ALA C 193 -9.47 33.00 -39.46
C ALA C 193 -8.86 33.40 -40.79
N LEU C 194 -8.11 32.51 -41.41
CA LEU C 194 -7.50 32.87 -42.69
C LEU C 194 -8.58 33.21 -43.71
N ALA C 195 -9.62 32.38 -43.77
CA ALA C 195 -10.74 32.61 -44.69
C ALA C 195 -11.29 34.01 -44.47
N ASN C 196 -11.49 34.40 -43.21
CA ASN C 196 -11.99 35.73 -42.93
C ASN C 196 -11.00 36.80 -43.34
N ILE C 197 -9.73 36.61 -43.00
CA ILE C 197 -8.71 37.58 -43.34
C ILE C 197 -8.62 37.73 -44.84
N ALA C 198 -8.91 36.65 -45.55
CA ALA C 198 -8.85 36.66 -47.01
C ALA C 198 -9.98 37.51 -47.61
N SER C 199 -11.00 37.82 -46.82
CA SER C 199 -12.08 38.65 -47.35
C SER C 199 -11.79 40.11 -47.12
N GLY C 200 -10.60 40.40 -46.60
CA GLY C 200 -10.24 41.77 -46.31
C GLY C 200 -9.61 42.46 -47.49
N PRO C 201 -8.88 43.56 -47.25
CA PRO C 201 -8.22 44.34 -48.31
C PRO C 201 -7.17 43.52 -49.06
N THR C 202 -6.57 44.09 -50.12
CA THR C 202 -5.55 43.40 -50.90
C THR C 202 -4.29 43.09 -50.09
N SER C 203 -3.95 43.98 -49.16
CA SER C 203 -2.78 43.80 -48.31
C SER C 203 -2.98 42.60 -47.40
N ALA C 204 -4.25 42.27 -47.16
CA ALA C 204 -4.57 41.14 -46.30
C ALA C 204 -4.34 39.87 -47.07
N ILE C 205 -4.78 39.85 -48.33
CA ILE C 205 -4.62 38.68 -49.18
C ILE C 205 -3.15 38.46 -49.49
N LYS C 206 -2.42 39.55 -49.69
CA LYS C 206 -1.01 39.48 -50.00
C LYS C 206 -0.30 38.86 -48.80
N ALA C 207 -0.65 39.32 -47.61
CA ALA C 207 -0.03 38.74 -46.42
C ALA C 207 -0.20 37.22 -46.44
N ILE C 208 -1.42 36.74 -46.67
CA ILE C 208 -1.64 35.30 -46.69
C ILE C 208 -0.72 34.65 -47.71
N VAL C 209 -0.76 35.17 -48.93
CA VAL C 209 0.07 34.64 -50.00
C VAL C 209 1.57 34.70 -49.70
N ASP C 210 2.02 35.82 -49.12
CA ASP C 210 3.44 35.96 -48.77
C ASP C 210 3.87 35.00 -47.66
N ALA C 211 2.92 34.49 -46.88
CA ALA C 211 3.24 33.57 -45.80
C ALA C 211 3.17 32.11 -46.24
N GLY C 212 2.99 31.88 -47.53
CA GLY C 212 2.92 30.52 -48.02
C GLY C 212 1.56 29.88 -47.80
N GLY C 213 0.59 30.67 -47.36
CA GLY C 213 -0.74 30.15 -47.11
C GLY C 213 -1.49 29.40 -48.20
N VAL C 214 -1.39 29.88 -49.44
CA VAL C 214 -2.09 29.23 -50.55
C VAL C 214 -1.73 27.75 -50.73
N GLU C 215 -0.45 27.40 -50.61
CA GLU C 215 -0.09 26.01 -50.77
C GLU C 215 -0.71 25.17 -49.63
N VAL C 216 -0.54 25.61 -48.39
CA VAL C 216 -1.09 24.88 -47.26
C VAL C 216 -2.62 24.77 -47.35
N LEU C 217 -3.29 25.84 -47.76
CA LEU C 217 -4.74 25.81 -47.89
C LEU C 217 -5.13 24.80 -48.94
N VAL C 218 -4.38 24.73 -50.03
CA VAL C 218 -4.70 23.80 -51.08
C VAL C 218 -4.64 22.34 -50.62
N LYS C 219 -3.69 22.04 -49.75
CA LYS C 219 -3.55 20.67 -49.25
C LYS C 219 -4.67 20.32 -48.26
N LEU C 220 -5.22 21.34 -47.61
CA LEU C 220 -6.30 21.13 -46.64
C LEU C 220 -7.61 20.79 -47.31
N LEU C 221 -7.72 21.10 -48.60
CA LEU C 221 -8.93 20.81 -49.36
C LEU C 221 -9.14 19.31 -49.47
N THR C 222 -8.11 18.52 -49.18
CA THR C 222 -8.26 17.08 -49.23
C THR C 222 -8.42 16.50 -47.82
N SER C 223 -8.97 17.30 -46.91
CA SER C 223 -9.20 16.83 -45.56
C SER C 223 -10.41 15.91 -45.59
N THR C 224 -10.47 14.96 -44.66
CA THR C 224 -11.58 14.03 -44.58
C THR C 224 -12.77 14.74 -43.97
N ASP C 225 -12.50 15.87 -43.33
CA ASP C 225 -13.52 16.65 -42.66
C ASP C 225 -14.09 17.79 -43.48
N SER C 226 -15.34 17.63 -43.94
CA SER C 226 -16.04 18.62 -44.74
C SER C 226 -15.99 20.01 -44.10
N GLU C 227 -15.92 20.05 -42.78
CA GLU C 227 -15.89 21.32 -42.08
C GLU C 227 -14.59 22.06 -42.31
N VAL C 228 -13.49 21.34 -42.51
CA VAL C 228 -12.20 21.99 -42.77
C VAL C 228 -12.12 22.37 -44.26
N GLN C 229 -12.60 21.49 -45.13
CA GLN C 229 -12.60 21.73 -46.57
C GLN C 229 -13.29 23.04 -46.83
N LYS C 230 -14.43 23.20 -46.16
CA LYS C 230 -15.28 24.40 -46.26
C LYS C 230 -14.49 25.68 -46.08
N GLU C 231 -13.84 25.83 -44.94
CA GLU C 231 -13.06 27.04 -44.65
C GLU C 231 -11.88 27.23 -45.59
N ALA C 232 -11.27 26.13 -46.01
CA ALA C 232 -10.13 26.21 -46.91
C ALA C 232 -10.62 26.71 -48.27
N ALA C 233 -11.63 26.05 -48.82
CA ALA C 233 -12.18 26.45 -50.11
C ALA C 233 -12.73 27.87 -50.01
N ARG C 234 -13.22 28.24 -48.84
CA ARG C 234 -13.76 29.59 -48.67
C ARG C 234 -12.63 30.61 -48.69
N ALA C 235 -11.49 30.25 -48.10
CA ALA C 235 -10.34 31.13 -48.08
C ALA C 235 -9.82 31.27 -49.53
N LEU C 236 -9.71 30.15 -50.22
CA LEU C 236 -9.24 30.19 -51.58
C LEU C 236 -10.18 31.05 -52.42
N ALA C 237 -11.47 30.87 -52.23
CA ALA C 237 -12.43 31.66 -52.99
C ALA C 237 -12.17 33.15 -52.74
N ASN C 238 -11.89 33.53 -51.49
CA ASN C 238 -11.62 34.94 -51.20
C ASN C 238 -10.27 35.41 -51.72
N ILE C 239 -9.32 34.50 -51.84
CA ILE C 239 -8.02 34.86 -52.37
C ILE C 239 -8.09 35.01 -53.89
N ALA C 240 -8.97 34.25 -54.53
CA ALA C 240 -9.14 34.28 -55.98
C ALA C 240 -9.85 35.54 -56.45
N SER C 241 -10.42 36.31 -55.53
CA SER C 241 -11.12 37.51 -55.99
C SER C 241 -10.24 38.74 -55.91
N GLY C 242 -8.97 38.55 -55.53
CA GLY C 242 -8.06 39.67 -55.46
C GLY C 242 -7.33 39.91 -56.78
N PRO C 243 -6.21 40.64 -56.74
CA PRO C 243 -5.47 40.91 -57.98
C PRO C 243 -4.94 39.63 -58.64
N ASP C 244 -4.46 39.73 -59.88
CA ASP C 244 -3.93 38.58 -60.62
C ASP C 244 -2.88 37.75 -59.89
N GLU C 245 -1.99 38.41 -59.15
CA GLU C 245 -0.94 37.71 -58.40
C GLU C 245 -1.57 36.65 -57.52
N ALA C 246 -2.71 37.00 -56.96
CA ALA C 246 -3.44 36.11 -56.09
C ALA C 246 -3.92 34.88 -56.85
N ILE C 247 -4.62 35.10 -57.96
CA ILE C 247 -5.15 33.99 -58.73
C ILE C 247 -4.06 33.07 -59.20
N LYS C 248 -2.93 33.67 -59.58
CA LYS C 248 -1.80 32.92 -60.07
C LYS C 248 -1.19 32.04 -58.96
N ALA C 249 -1.08 32.61 -57.76
CA ALA C 249 -0.54 31.86 -56.62
C ALA C 249 -1.29 30.54 -56.48
N ILE C 250 -2.61 30.59 -56.66
CA ILE C 250 -3.44 29.40 -56.53
C ILE C 250 -3.15 28.46 -57.69
N VAL C 251 -3.05 29.04 -58.88
CA VAL C 251 -2.77 28.27 -60.09
C VAL C 251 -1.44 27.57 -60.03
N ASP C 252 -0.40 28.30 -59.61
CA ASP C 252 0.92 27.71 -59.54
C ASP C 252 1.05 26.70 -58.40
N ALA C 253 0.10 26.72 -57.46
CA ALA C 253 0.16 25.76 -56.37
C ALA C 253 -0.64 24.50 -56.72
N GLY C 254 -1.16 24.45 -57.95
CA GLY C 254 -1.91 23.30 -58.40
C GLY C 254 -3.31 23.25 -57.82
N GLY C 255 -3.69 24.34 -57.16
CA GLY C 255 -4.99 24.44 -56.54
C GLY C 255 -6.22 24.39 -57.42
N VAL C 256 -6.08 24.62 -58.73
CA VAL C 256 -7.23 24.58 -59.62
C VAL C 256 -7.70 23.13 -59.79
N GLU C 257 -6.73 22.23 -59.87
CA GLU C 257 -7.01 20.81 -60.04
C GLU C 257 -7.83 20.24 -58.88
N VAL C 258 -7.42 20.53 -57.65
CA VAL C 258 -8.12 20.06 -56.46
C VAL C 258 -9.53 20.65 -56.42
N LEU C 259 -9.60 21.97 -56.49
CA LEU C 259 -10.86 22.66 -56.49
C LEU C 259 -11.86 22.03 -57.45
N VAL C 260 -11.40 21.61 -58.63
CA VAL C 260 -12.29 20.97 -59.58
C VAL C 260 -12.84 19.66 -59.03
N LYS C 261 -12.02 18.96 -58.26
CA LYS C 261 -12.41 17.68 -57.65
C LYS C 261 -13.45 17.94 -56.54
N LEU C 262 -13.30 19.07 -55.89
CA LEU C 262 -14.20 19.48 -54.82
C LEU C 262 -15.56 19.90 -55.36
N LEU C 263 -15.69 20.00 -56.68
CA LEU C 263 -16.98 20.41 -57.21
C LEU C 263 -17.99 19.27 -57.09
N THR C 264 -17.52 18.09 -56.73
CA THR C 264 -18.43 16.96 -56.59
C THR C 264 -18.56 16.50 -55.14
N SER C 265 -18.22 17.40 -54.22
CA SER C 265 -18.33 17.13 -52.80
C SER C 265 -19.81 17.02 -52.49
N THR C 266 -20.17 16.06 -51.65
CA THR C 266 -21.57 15.87 -51.28
C THR C 266 -22.06 17.03 -50.39
N ASP C 267 -21.11 17.72 -49.76
CA ASP C 267 -21.39 18.85 -48.90
C ASP C 267 -21.58 20.10 -49.72
N SER C 268 -22.82 20.56 -49.73
CA SER C 268 -23.24 21.75 -50.45
C SER C 268 -22.35 22.99 -50.21
N GLU C 269 -21.93 23.22 -48.98
CA GLU C 269 -21.08 24.36 -48.74
C GLU C 269 -19.67 24.20 -49.33
N VAL C 270 -19.16 22.97 -49.39
CA VAL C 270 -17.83 22.76 -49.96
C VAL C 270 -17.92 23.03 -51.46
N GLN C 271 -18.96 22.47 -52.07
CA GLN C 271 -19.22 22.62 -53.50
C GLN C 271 -19.40 24.09 -53.91
N LYS C 272 -20.23 24.83 -53.18
CA LYS C 272 -20.45 26.24 -53.49
C LYS C 272 -19.17 27.06 -53.41
N GLU C 273 -18.42 26.92 -52.33
CA GLU C 273 -17.18 27.67 -52.18
C GLU C 273 -16.15 27.34 -53.28
N ALA C 274 -16.07 26.07 -53.65
CA ALA C 274 -15.15 25.65 -54.72
C ALA C 274 -15.57 26.31 -56.05
N ALA C 275 -16.87 26.23 -56.37
CA ALA C 275 -17.36 26.82 -57.59
C ALA C 275 -17.10 28.32 -57.60
N ARG C 276 -17.24 28.95 -56.43
CA ARG C 276 -17.01 30.38 -56.34
C ARG C 276 -15.54 30.63 -56.58
N ALA C 277 -14.71 29.80 -55.97
CA ALA C 277 -13.27 29.95 -56.16
C ALA C 277 -12.95 29.84 -57.66
N LEU C 278 -13.40 28.77 -58.30
CA LEU C 278 -13.13 28.61 -59.72
C LEU C 278 -13.64 29.76 -60.57
N ALA C 279 -14.84 30.26 -60.26
CA ALA C 279 -15.41 31.38 -61.00
C ALA C 279 -14.54 32.63 -60.86
N ASN C 280 -13.99 32.86 -59.67
CA ASN C 280 -13.13 34.03 -59.47
C ASN C 280 -11.80 33.85 -60.17
N ILE C 281 -11.37 32.60 -60.27
CA ILE C 281 -10.13 32.28 -60.95
C ILE C 281 -10.35 32.49 -62.44
N ALA C 282 -11.51 32.07 -62.91
CA ALA C 282 -11.87 32.19 -64.33
C ALA C 282 -12.04 33.64 -64.78
N SER C 283 -12.01 34.57 -63.84
CA SER C 283 -12.13 35.98 -64.19
C SER C 283 -10.74 36.56 -64.35
N GLY C 284 -9.73 35.70 -64.28
CA GLY C 284 -8.36 36.17 -64.41
C GLY C 284 -7.80 36.18 -65.82
N PRO C 285 -6.47 36.18 -65.96
CA PRO C 285 -5.84 36.19 -67.29
C PRO C 285 -6.13 34.90 -68.01
N ASP C 286 -5.84 34.89 -69.31
CA ASP C 286 -6.05 33.71 -70.16
C ASP C 286 -5.41 32.46 -69.58
N GLU C 287 -4.26 32.62 -68.92
CA GLU C 287 -3.53 31.51 -68.34
C GLU C 287 -4.35 30.80 -67.25
N ALA C 288 -5.06 31.61 -66.46
CA ALA C 288 -5.89 31.10 -65.38
C ALA C 288 -7.03 30.28 -65.92
N ILE C 289 -7.55 30.68 -67.08
CA ILE C 289 -8.65 29.95 -67.68
C ILE C 289 -8.12 28.65 -68.25
N LYS C 290 -6.91 28.70 -68.80
CA LYS C 290 -6.34 27.49 -69.37
C LYS C 290 -6.20 26.42 -68.29
N ALA C 291 -5.80 26.81 -67.09
CA ALA C 291 -5.63 25.85 -66.00
C ALA C 291 -6.93 25.09 -65.69
N ILE C 292 -8.06 25.79 -65.66
CA ILE C 292 -9.36 25.16 -65.40
C ILE C 292 -9.68 24.14 -66.51
N VAL C 293 -9.53 24.58 -67.76
CA VAL C 293 -9.78 23.76 -68.94
C VAL C 293 -8.85 22.56 -68.96
N ASP C 294 -7.57 22.82 -68.72
CA ASP C 294 -6.58 21.75 -68.70
C ASP C 294 -6.93 20.77 -67.59
N ALA C 295 -7.48 21.28 -66.49
CA ALA C 295 -7.85 20.45 -65.34
C ALA C 295 -9.16 19.66 -65.48
N GLY C 296 -9.88 19.87 -66.59
CA GLY C 296 -11.14 19.15 -66.81
C GLY C 296 -12.30 19.84 -66.13
N GLY C 297 -12.03 21.00 -65.54
CA GLY C 297 -13.06 21.72 -64.85
C GLY C 297 -14.30 22.12 -65.62
N VAL C 298 -14.20 22.28 -66.93
CA VAL C 298 -15.36 22.69 -67.71
C VAL C 298 -16.44 21.64 -67.79
N GLU C 299 -16.04 20.39 -67.94
CA GLU C 299 -17.00 19.28 -68.01
C GLU C 299 -17.79 19.25 -66.70
N VAL C 300 -17.07 19.19 -65.57
CA VAL C 300 -17.68 19.13 -64.26
C VAL C 300 -18.62 20.28 -63.94
N LEU C 301 -18.20 21.50 -64.29
CA LEU C 301 -19.01 22.68 -64.04
C LEU C 301 -20.27 22.68 -64.88
N VAL C 302 -20.22 22.02 -66.03
CA VAL C 302 -21.41 21.99 -66.88
C VAL C 302 -22.47 21.11 -66.23
N LYS C 303 -22.04 20.07 -65.52
CA LYS C 303 -22.99 19.17 -64.84
C LYS C 303 -23.61 19.93 -63.68
N LEU C 304 -22.79 20.72 -63.00
CA LEU C 304 -23.25 21.51 -61.87
C LEU C 304 -24.24 22.57 -62.31
N LEU C 305 -24.38 22.80 -63.61
CA LEU C 305 -25.31 23.81 -64.08
C LEU C 305 -26.76 23.49 -63.73
N THR C 306 -26.99 22.27 -63.28
CA THR C 306 -28.34 21.86 -62.90
C THR C 306 -28.35 21.29 -61.49
N SER C 307 -27.68 22.01 -60.58
CA SER C 307 -27.63 21.60 -59.20
C SER C 307 -28.94 22.09 -58.60
N THR C 308 -29.53 21.28 -57.73
CA THR C 308 -30.79 21.65 -57.11
C THR C 308 -30.54 22.85 -56.20
N ASP C 309 -29.26 23.12 -55.94
CA ASP C 309 -28.85 24.25 -55.12
C ASP C 309 -28.63 25.44 -56.06
N SER C 310 -29.49 26.45 -55.95
CA SER C 310 -29.40 27.62 -56.81
C SER C 310 -28.14 28.46 -56.61
N GLU C 311 -27.54 28.36 -55.43
CA GLU C 311 -26.34 29.12 -55.15
C GLU C 311 -25.12 28.48 -55.82
N VAL C 312 -25.18 27.17 -56.04
CA VAL C 312 -24.09 26.45 -56.70
C VAL C 312 -24.31 26.58 -58.21
N GLN C 313 -25.57 26.56 -58.62
CA GLN C 313 -25.93 26.70 -60.02
C GLN C 313 -25.47 28.08 -60.48
N LYS C 314 -25.65 29.07 -59.63
CA LYS C 314 -25.26 30.42 -59.95
C LYS C 314 -23.74 30.51 -60.08
N GLU C 315 -23.02 30.09 -59.06
CA GLU C 315 -21.56 30.13 -59.09
C GLU C 315 -20.97 29.40 -60.30
N ALA C 316 -21.60 28.30 -60.69
CA ALA C 316 -21.11 27.55 -61.84
C ALA C 316 -21.40 28.28 -63.17
N ALA C 317 -22.54 28.97 -63.24
CA ALA C 317 -22.88 29.69 -64.46
C ALA C 317 -21.89 30.82 -64.71
N ARG C 318 -21.60 31.60 -63.67
CA ARG C 318 -20.66 32.73 -63.72
C ARG C 318 -19.27 32.24 -64.14
N ALA C 319 -18.85 31.11 -63.58
CA ALA C 319 -17.56 30.55 -63.94
C ALA C 319 -17.54 30.24 -65.43
N LEU C 320 -18.60 29.61 -65.93
CA LEU C 320 -18.68 29.28 -67.35
C LEU C 320 -18.59 30.54 -68.22
N ALA C 321 -19.40 31.55 -67.86
CA ALA C 321 -19.41 32.81 -68.59
C ALA C 321 -17.99 33.37 -68.63
N ASN C 322 -17.32 33.39 -67.47
CA ASN C 322 -15.97 33.93 -67.46
C ASN C 322 -15.06 33.13 -68.39
N ILE C 323 -15.21 31.82 -68.38
CA ILE C 323 -14.40 30.94 -69.22
C ILE C 323 -14.73 31.15 -70.70
N ALA C 324 -15.97 31.52 -70.97
CA ALA C 324 -16.42 31.73 -72.34
C ALA C 324 -15.82 32.95 -73.00
N SER C 325 -15.21 33.83 -72.21
CA SER C 325 -14.60 35.01 -72.79
C SER C 325 -13.10 34.79 -72.94
N GLY C 326 -12.67 33.57 -72.65
CA GLY C 326 -11.26 33.23 -72.78
C GLY C 326 -10.95 32.86 -74.22
N PRO C 327 -9.73 32.35 -74.49
CA PRO C 327 -9.35 31.96 -75.86
C PRO C 327 -10.26 30.87 -76.44
N ASP C 328 -10.21 30.69 -77.75
CA ASP C 328 -11.05 29.69 -78.43
C ASP C 328 -11.00 28.28 -77.83
N GLU C 329 -9.82 27.83 -77.44
CA GLU C 329 -9.70 26.50 -76.83
C GLU C 329 -10.75 26.42 -75.72
N ALA C 330 -10.85 27.50 -74.95
CA ALA C 330 -11.78 27.60 -73.83
C ALA C 330 -13.24 27.45 -74.26
N ILE C 331 -13.60 28.12 -75.35
CA ILE C 331 -14.98 28.06 -75.85
C ILE C 331 -15.25 26.70 -76.42
N LYS C 332 -14.26 26.11 -77.08
CA LYS C 332 -14.42 24.78 -77.65
C LYS C 332 -14.84 23.84 -76.51
N ALA C 333 -14.07 23.88 -75.42
CA ALA C 333 -14.31 23.05 -74.23
C ALA C 333 -15.77 23.05 -73.78
N ILE C 334 -16.38 24.22 -73.74
CA ILE C 334 -17.78 24.28 -73.30
C ILE C 334 -18.63 23.54 -74.31
N VAL C 335 -18.43 23.82 -75.58
CA VAL C 335 -19.21 23.17 -76.63
C VAL C 335 -19.02 21.67 -76.65
N ASP C 336 -17.78 21.23 -76.50
CA ASP C 336 -17.47 19.81 -76.50
C ASP C 336 -18.02 19.13 -75.26
N ALA C 337 -18.65 19.92 -74.39
CA ALA C 337 -19.23 19.41 -73.16
C ALA C 337 -20.75 19.51 -73.21
N GLY C 338 -21.27 19.96 -74.35
CA GLY C 338 -22.71 20.11 -74.53
C GLY C 338 -23.25 21.22 -73.66
N GLY C 339 -22.36 22.14 -73.29
CA GLY C 339 -22.73 23.24 -72.43
C GLY C 339 -23.75 24.19 -73.03
N VAL C 340 -23.59 24.51 -74.30
CA VAL C 340 -24.53 25.43 -74.95
C VAL C 340 -25.95 24.98 -74.68
N GLU C 341 -26.19 23.70 -74.91
CA GLU C 341 -27.50 23.09 -74.70
C GLU C 341 -28.06 23.38 -73.31
N VAL C 342 -27.34 22.95 -72.28
CA VAL C 342 -27.74 23.15 -70.89
C VAL C 342 -27.95 24.64 -70.61
N LEU C 343 -27.07 25.45 -71.17
CA LEU C 343 -27.13 26.91 -71.02
C LEU C 343 -28.35 27.53 -71.66
N VAL C 344 -28.63 27.14 -72.90
CA VAL C 344 -29.78 27.67 -73.64
C VAL C 344 -31.08 27.51 -72.86
N LYS C 345 -31.22 26.39 -72.18
CA LYS C 345 -32.42 26.16 -71.38
C LYS C 345 -32.44 27.13 -70.20
N LEU C 346 -31.29 27.29 -69.54
CA LEU C 346 -31.17 28.19 -68.39
C LEU C 346 -31.56 29.63 -68.69
N LEU C 347 -31.84 29.94 -69.94
CA LEU C 347 -32.22 31.30 -70.30
C LEU C 347 -33.63 31.61 -69.81
N THR C 348 -34.41 30.56 -69.59
CA THR C 348 -35.78 30.70 -69.11
C THR C 348 -35.92 30.50 -67.61
N SER C 349 -34.78 30.39 -66.93
CA SER C 349 -34.76 30.21 -65.47
C SER C 349 -35.26 31.47 -64.77
N THR C 350 -36.17 31.28 -63.82
CA THR C 350 -36.75 32.38 -63.08
C THR C 350 -35.72 33.18 -62.29
N ASP C 351 -34.67 32.48 -61.85
CA ASP C 351 -33.58 33.09 -61.09
C ASP C 351 -32.71 33.95 -62.00
N SER C 352 -32.77 35.26 -61.79
CA SER C 352 -32.00 36.21 -62.58
C SER C 352 -30.50 36.02 -62.47
N GLU C 353 -30.05 35.47 -61.33
CA GLU C 353 -28.63 35.22 -61.12
C GLU C 353 -28.17 34.36 -62.28
N VAL C 354 -28.83 33.20 -62.41
CA VAL C 354 -28.54 32.21 -63.45
C VAL C 354 -28.79 32.75 -64.85
N GLN C 355 -29.96 33.35 -65.04
CA GLN C 355 -30.33 33.89 -66.34
C GLN C 355 -29.29 34.88 -66.88
N LYS C 356 -28.89 35.86 -66.07
CA LYS C 356 -27.89 36.84 -66.50
C LYS C 356 -26.54 36.20 -66.86
N GLU C 357 -26.07 35.27 -66.04
CA GLU C 357 -24.80 34.61 -66.31
C GLU C 357 -24.92 33.72 -67.53
N ALA C 358 -26.09 33.10 -67.69
CA ALA C 358 -26.32 32.24 -68.84
C ALA C 358 -26.23 33.06 -70.12
N ALA C 359 -26.85 34.23 -70.10
CA ALA C 359 -26.86 35.11 -71.25
C ALA C 359 -25.45 35.59 -71.60
N ARG C 360 -24.67 35.90 -70.57
CA ARG C 360 -23.30 36.36 -70.76
C ARG C 360 -22.46 35.25 -71.37
N ALA C 361 -22.64 34.02 -70.88
CA ALA C 361 -21.89 32.88 -71.39
C ALA C 361 -22.18 32.60 -72.87
N LEU C 362 -23.44 32.66 -73.27
CA LEU C 362 -23.80 32.42 -74.66
C LEU C 362 -23.31 33.55 -75.55
N ALA C 363 -23.41 34.78 -75.07
CA ALA C 363 -22.96 35.92 -75.84
C ALA C 363 -21.44 35.85 -76.06
N ASN C 364 -20.73 35.27 -75.11
CA ASN C 364 -19.28 35.12 -75.22
C ASN C 364 -18.94 33.90 -76.05
N ILE C 365 -19.89 32.99 -76.17
CA ILE C 365 -19.68 31.81 -76.98
C ILE C 365 -19.97 32.24 -78.43
N ALA C 366 -20.95 33.14 -78.57
CA ALA C 366 -21.35 33.65 -79.88
C ALA C 366 -20.23 34.43 -80.57
N SER C 367 -19.27 34.93 -79.80
CA SER C 367 -18.15 35.69 -80.36
C SER C 367 -17.01 34.76 -80.77
N GLY C 368 -17.14 33.48 -80.43
CA GLY C 368 -16.13 32.51 -80.76
C GLY C 368 -16.18 32.10 -82.21
N PRO C 369 -15.48 31.02 -82.58
CA PRO C 369 -15.43 30.50 -83.95
C PRO C 369 -16.77 29.96 -84.47
N THR C 370 -16.86 29.82 -85.79
CA THR C 370 -18.06 29.32 -86.48
C THR C 370 -18.73 28.16 -85.74
N SER C 371 -17.94 27.14 -85.41
CA SER C 371 -18.44 25.96 -84.70
C SER C 371 -19.18 26.27 -83.39
N ALA C 372 -18.77 27.34 -82.71
CA ALA C 372 -19.42 27.71 -81.46
C ALA C 372 -20.80 28.29 -81.80
N ILE C 373 -20.84 29.16 -82.80
CA ILE C 373 -22.10 29.75 -83.21
C ILE C 373 -23.05 28.65 -83.66
N LYS C 374 -22.54 27.72 -84.48
CA LYS C 374 -23.34 26.61 -84.99
C LYS C 374 -24.03 25.88 -83.84
N ALA C 375 -23.30 25.66 -82.76
CA ALA C 375 -23.86 24.97 -81.60
C ALA C 375 -25.03 25.73 -81.00
N ILE C 376 -24.85 27.03 -80.76
CA ILE C 376 -25.92 27.83 -80.19
C ILE C 376 -27.17 27.78 -81.07
N VAL C 377 -26.99 27.89 -82.39
CA VAL C 377 -28.14 27.85 -83.29
C VAL C 377 -28.78 26.46 -83.35
N ASP C 378 -27.97 25.41 -83.25
CA ASP C 378 -28.47 24.03 -83.27
C ASP C 378 -29.27 23.68 -82.02
N ALA C 379 -29.22 24.55 -81.02
CA ALA C 379 -29.94 24.32 -79.77
C ALA C 379 -31.14 25.26 -79.72
N GLY C 380 -31.51 25.80 -80.89
CA GLY C 380 -32.64 26.71 -80.97
C GLY C 380 -32.38 27.99 -80.21
N GLY C 381 -31.13 28.16 -79.78
CA GLY C 381 -30.76 29.33 -79.02
C GLY C 381 -31.29 30.67 -79.50
N VAL C 382 -31.45 30.83 -80.81
CA VAL C 382 -31.93 32.10 -81.35
C VAL C 382 -33.30 32.56 -80.86
N GLU C 383 -34.25 31.63 -80.83
CA GLU C 383 -35.60 31.95 -80.40
C GLU C 383 -35.58 32.42 -78.96
N VAL C 384 -35.10 31.55 -78.10
CA VAL C 384 -35.00 31.83 -76.68
C VAL C 384 -34.35 33.20 -76.46
N LEU C 385 -33.27 33.45 -77.19
CA LEU C 385 -32.56 34.72 -77.07
C LEU C 385 -33.39 35.92 -77.50
N GLN C 386 -34.38 35.69 -78.35
CA GLN C 386 -35.23 36.79 -78.79
C GLN C 386 -36.34 37.06 -77.78
N LYS C 387 -36.78 36.00 -77.09
CA LYS C 387 -37.83 36.16 -76.09
C LYS C 387 -37.31 37.04 -74.97
N LEU C 388 -35.99 37.03 -74.79
CA LEU C 388 -35.34 37.81 -73.75
C LEU C 388 -35.15 39.28 -74.12
N LEU C 389 -35.19 39.59 -75.41
CA LEU C 389 -35.03 40.97 -75.87
C LEU C 389 -36.00 41.88 -75.16
N THR C 390 -37.20 41.35 -74.89
CA THR C 390 -38.24 42.10 -74.20
C THR C 390 -38.22 41.75 -72.72
N SER C 391 -37.07 42.00 -72.08
CA SER C 391 -36.90 41.72 -70.67
C SER C 391 -36.49 43.01 -69.97
N THR C 392 -37.01 43.20 -68.76
CA THR C 392 -36.71 44.41 -67.99
C THR C 392 -35.55 44.25 -67.03
N ASP C 393 -34.87 43.11 -67.13
CA ASP C 393 -33.69 42.89 -66.33
C ASP C 393 -32.69 43.51 -67.29
N SER C 394 -32.26 44.73 -66.99
CA SER C 394 -31.34 45.46 -67.86
C SER C 394 -30.27 44.60 -68.53
N GLU C 395 -29.33 44.10 -67.74
CA GLU C 395 -28.25 43.30 -68.28
C GLU C 395 -28.68 42.01 -68.98
N VAL C 396 -29.79 41.41 -68.59
CA VAL C 396 -30.21 40.17 -69.25
C VAL C 396 -30.53 40.51 -70.71
N GLN C 397 -31.17 41.64 -70.90
CA GLN C 397 -31.57 42.12 -72.22
C GLN C 397 -30.35 42.53 -73.05
N LYS C 398 -29.56 43.43 -72.50
CA LYS C 398 -28.35 43.92 -73.17
C LYS C 398 -27.47 42.72 -73.50
N GLU C 399 -27.41 41.77 -72.59
CA GLU C 399 -26.61 40.57 -72.80
C GLU C 399 -27.27 39.74 -73.88
N ALA C 400 -28.59 39.68 -73.86
CA ALA C 400 -29.35 38.94 -74.85
C ALA C 400 -29.08 39.53 -76.21
N GLN C 401 -28.93 40.85 -76.25
CA GLN C 401 -28.67 41.56 -77.50
C GLN C 401 -27.31 41.18 -78.07
N ARG C 402 -26.24 41.38 -77.28
CA ARG C 402 -24.90 41.08 -77.74
C ARG C 402 -24.79 39.71 -78.37
N ALA C 403 -25.34 38.70 -77.70
CA ALA C 403 -25.28 37.35 -78.24
C ALA C 403 -25.85 37.33 -79.66
N LEU C 404 -27.08 37.81 -79.81
CA LEU C 404 -27.74 37.85 -81.12
C LEU C 404 -26.94 38.56 -82.24
N GLU C 405 -26.24 39.63 -81.90
CA GLU C 405 -25.44 40.37 -82.89
C GLU C 405 -24.25 39.55 -83.39
N ASN C 406 -23.60 38.84 -82.48
CA ASN C 406 -22.46 38.02 -82.84
C ASN C 406 -22.88 36.80 -83.65
N ILE C 407 -24.18 36.54 -83.70
CA ILE C 407 -24.70 35.41 -84.46
C ILE C 407 -25.00 35.87 -85.87
N LYS C 408 -25.80 36.92 -85.98
CA LYS C 408 -26.16 37.47 -87.29
C LYS C 408 -24.91 37.80 -88.11
N SER C 409 -23.96 38.47 -87.47
CA SER C 409 -22.74 38.85 -88.16
C SER C 409 -21.89 37.63 -88.50
N GLY C 410 -22.14 36.52 -87.84
CA GLY C 410 -21.37 35.33 -88.15
C GLY C 410 -20.04 35.50 -87.43
N GLY C 411 -20.00 36.42 -86.47
CA GLY C 411 -18.78 36.64 -85.73
C GLY C 411 -17.87 37.78 -86.16
N TRP C 412 -18.39 38.70 -86.96
CA TRP C 412 -17.59 39.82 -87.41
C TRP C 412 -18.04 41.11 -86.74
N MET D 1 43.34 -3.10 -43.20
CA MET D 1 43.21 -2.33 -41.94
C MET D 1 41.99 -1.41 -42.00
N ASN D 2 41.01 -1.70 -41.15
CA ASN D 2 39.76 -0.93 -41.08
C ASN D 2 39.91 0.46 -40.45
N ASP D 3 38.92 1.31 -40.73
CA ASP D 3 38.90 2.67 -40.22
C ASP D 3 39.18 2.77 -38.71
N VAL D 4 38.70 1.79 -37.95
CA VAL D 4 38.90 1.80 -36.51
C VAL D 4 40.38 1.61 -36.17
N GLU D 5 41.02 0.65 -36.82
CA GLU D 5 42.44 0.40 -36.57
C GLU D 5 43.33 1.55 -37.03
N LYS D 6 42.92 2.24 -38.09
CA LYS D 6 43.67 3.38 -38.61
C LYS D 6 43.67 4.50 -37.58
N LEU D 7 42.68 4.49 -36.70
CA LEU D 7 42.56 5.50 -35.66
C LEU D 7 43.42 5.18 -34.46
N VAL D 8 43.55 3.89 -34.17
CA VAL D 8 44.34 3.42 -33.04
C VAL D 8 45.81 3.85 -33.14
N LYS D 9 46.34 3.89 -34.37
CA LYS D 9 47.74 4.26 -34.58
C LYS D 9 47.94 5.79 -34.48
N LEU D 10 47.02 6.55 -35.05
CA LEU D 10 47.11 8.01 -34.99
C LEU D 10 47.44 8.47 -33.57
N LEU D 11 46.85 7.78 -32.59
CA LEU D 11 47.08 8.11 -31.18
C LEU D 11 48.57 8.02 -30.83
N THR D 12 49.15 6.83 -30.97
CA THR D 12 50.56 6.63 -30.64
C THR D 12 51.54 7.59 -31.33
N SER D 13 51.04 8.38 -32.28
CA SER D 13 51.85 9.36 -33.00
C SER D 13 52.67 10.25 -32.05
N THR D 14 53.80 10.75 -32.54
CA THR D 14 54.69 11.61 -31.74
C THR D 14 54.24 13.08 -31.76
N ASP D 15 53.24 13.38 -32.60
CA ASP D 15 52.74 14.74 -32.72
C ASP D 15 51.45 14.94 -31.91
N SER D 16 51.49 15.92 -31.00
CA SER D 16 50.37 16.25 -30.11
C SER D 16 49.00 16.38 -30.82
N GLU D 17 48.98 16.99 -32.00
CA GLU D 17 47.74 17.15 -32.73
C GLU D 17 47.30 15.88 -33.46
N THR D 18 48.27 15.04 -33.80
CA THR D 18 47.97 13.78 -34.49
C THR D 18 47.23 12.84 -33.52
N GLN D 19 47.19 13.22 -32.24
CA GLN D 19 46.52 12.43 -31.22
C GLN D 19 45.15 13.04 -30.90
N LYS D 20 45.10 14.37 -30.79
CA LYS D 20 43.84 15.06 -30.48
C LYS D 20 42.70 14.54 -31.35
N GLU D 21 42.75 14.84 -32.64
CA GLU D 21 41.72 14.41 -33.57
C GLU D 21 41.61 12.88 -33.64
N ALA D 22 42.73 12.21 -33.34
CA ALA D 22 42.83 10.74 -33.34
C ALA D 22 41.87 10.04 -32.38
N ALA D 23 41.93 10.43 -31.10
CA ALA D 23 41.08 9.83 -30.08
C ALA D 23 39.79 10.63 -30.07
N ARG D 24 39.76 11.66 -30.90
CA ARG D 24 38.60 12.52 -31.01
C ARG D 24 37.47 11.71 -31.62
N ASP D 25 37.72 11.21 -32.82
CA ASP D 25 36.75 10.42 -33.56
C ASP D 25 36.38 9.14 -32.81
N LEU D 26 37.38 8.49 -32.21
CA LEU D 26 37.13 7.27 -31.45
C LEU D 26 35.91 7.43 -30.56
N ALA D 27 35.91 8.49 -29.76
CA ALA D 27 34.81 8.76 -28.86
C ALA D 27 33.49 8.90 -29.63
N GLU D 28 33.57 9.56 -30.78
CA GLU D 28 32.40 9.77 -31.62
C GLU D 28 31.82 8.43 -32.08
N ILE D 29 32.68 7.42 -32.20
CA ILE D 29 32.26 6.09 -32.62
C ILE D 29 31.95 5.20 -31.42
N ALA D 30 32.70 5.42 -30.33
CA ALA D 30 32.50 4.65 -29.12
C ALA D 30 31.21 5.04 -28.42
N SER D 31 30.43 5.91 -29.05
CA SER D 31 29.15 6.35 -28.47
C SER D 31 27.96 5.69 -29.14
N GLY D 32 28.23 4.95 -30.22
CA GLY D 32 27.17 4.26 -30.94
C GLY D 32 26.87 2.88 -30.37
N PRO D 33 26.78 1.86 -31.24
CA PRO D 33 26.50 0.47 -30.86
C PRO D 33 27.61 -0.23 -30.08
N ALA D 34 27.23 -1.25 -29.31
CA ALA D 34 28.18 -2.02 -28.49
C ALA D 34 29.28 -2.64 -29.35
N SER D 35 28.88 -3.20 -30.50
CA SER D 35 29.81 -3.82 -31.42
C SER D 35 30.87 -2.80 -31.85
N ALA D 36 30.45 -1.54 -31.93
CA ALA D 36 31.36 -0.46 -32.29
C ALA D 36 32.42 -0.34 -31.20
N ILE D 37 31.99 -0.46 -29.95
CA ILE D 37 32.93 -0.37 -28.85
C ILE D 37 33.88 -1.55 -28.81
N LYS D 38 33.38 -2.74 -29.16
CA LYS D 38 34.25 -3.90 -29.14
C LYS D 38 35.31 -3.81 -30.23
N ALA D 39 34.98 -3.15 -31.32
CA ALA D 39 35.93 -2.99 -32.42
C ALA D 39 37.14 -2.23 -31.88
N ILE D 40 36.85 -1.16 -31.15
CA ILE D 40 37.90 -0.35 -30.55
C ILE D 40 38.70 -1.22 -29.59
N VAL D 41 38.02 -2.01 -28.77
CA VAL D 41 38.69 -2.89 -27.80
C VAL D 41 39.46 -3.99 -28.48
N ASP D 42 38.93 -4.50 -29.58
CA ASP D 42 39.62 -5.56 -30.32
C ASP D 42 40.85 -4.95 -30.95
N ALA D 43 40.72 -3.68 -31.35
CA ALA D 43 41.80 -2.95 -31.99
C ALA D 43 42.82 -2.47 -30.96
N GLY D 44 42.80 -3.08 -29.78
CA GLY D 44 43.73 -2.71 -28.73
C GLY D 44 43.70 -1.22 -28.45
N GLY D 45 42.61 -0.58 -28.85
CA GLY D 45 42.46 0.84 -28.66
C GLY D 45 42.14 1.31 -27.25
N VAL D 46 42.17 0.40 -26.30
CA VAL D 46 41.90 0.78 -24.91
C VAL D 46 43.20 1.11 -24.19
N GLU D 47 44.10 0.14 -24.08
CA GLU D 47 45.37 0.37 -23.39
C GLU D 47 46.07 1.61 -23.93
N VAL D 48 46.07 1.77 -25.25
CA VAL D 48 46.68 2.93 -25.88
C VAL D 48 45.93 4.15 -25.40
N LEU D 49 44.62 4.19 -25.67
CA LEU D 49 43.77 5.29 -25.27
C LEU D 49 43.93 5.57 -23.78
N VAL D 50 44.33 4.55 -23.02
CA VAL D 50 44.56 4.70 -21.59
C VAL D 50 45.92 5.34 -21.37
N LYS D 51 46.94 4.78 -22.00
CA LYS D 51 48.31 5.28 -21.89
C LYS D 51 48.40 6.80 -22.09
N LEU D 52 47.60 7.31 -23.02
CA LEU D 52 47.56 8.75 -23.31
C LEU D 52 47.06 9.58 -22.13
N LEU D 53 46.27 8.99 -21.25
CA LEU D 53 45.75 9.72 -20.10
C LEU D 53 46.91 10.37 -19.35
N THR D 54 48.01 9.62 -19.20
CA THR D 54 49.20 10.14 -18.52
C THR D 54 50.13 10.70 -19.59
N SER D 55 49.83 11.92 -20.05
CA SER D 55 50.66 12.57 -21.06
C SER D 55 51.06 13.95 -20.56
N THR D 56 52.10 14.50 -21.17
CA THR D 56 52.59 15.81 -20.79
C THR D 56 51.63 16.90 -21.28
N ASP D 57 50.77 16.54 -22.23
CA ASP D 57 49.80 17.49 -22.76
C ASP D 57 48.55 17.48 -21.89
N SER D 58 48.04 18.67 -21.57
CA SER D 58 46.87 18.77 -20.72
C SER D 58 45.51 18.64 -21.43
N GLU D 59 45.35 19.28 -22.59
CA GLU D 59 44.07 19.22 -23.29
C GLU D 59 43.91 18.19 -24.42
N VAL D 60 44.86 17.28 -24.55
CA VAL D 60 44.75 16.24 -25.58
C VAL D 60 44.09 15.04 -24.93
N GLN D 61 44.23 14.93 -23.61
CA GLN D 61 43.66 13.84 -22.85
C GLN D 61 42.17 14.11 -22.58
N LYS D 62 41.76 15.37 -22.75
CA LYS D 62 40.37 15.74 -22.53
C LYS D 62 39.48 15.00 -23.53
N GLU D 63 40.13 14.32 -24.47
CA GLU D 63 39.44 13.56 -25.51
C GLU D 63 39.60 12.05 -25.29
N ALA D 64 40.74 11.66 -24.71
CA ALA D 64 41.02 10.25 -24.46
C ALA D 64 40.12 9.73 -23.34
N ALA D 65 40.14 10.44 -22.21
CA ALA D 65 39.32 10.06 -21.05
C ALA D 65 37.84 10.06 -21.44
N ARG D 66 37.45 11.00 -22.30
CA ARG D 66 36.06 11.06 -22.72
C ARG D 66 35.76 9.83 -23.58
N ALA D 67 36.76 9.37 -24.31
CA ALA D 67 36.61 8.20 -25.16
C ALA D 67 36.39 6.96 -24.30
N LEU D 68 37.22 6.81 -23.26
CA LEU D 68 37.12 5.68 -22.35
C LEU D 68 35.82 5.78 -21.57
N ALA D 69 35.35 7.00 -21.36
CA ALA D 69 34.11 7.23 -20.63
C ALA D 69 32.95 6.59 -21.42
N ASN D 70 33.04 6.64 -22.74
CA ASN D 70 32.03 6.06 -23.60
C ASN D 70 32.26 4.56 -23.64
N ILE D 71 33.47 4.16 -24.02
CA ILE D 71 33.83 2.74 -24.08
C ILE D 71 33.44 2.04 -22.78
N ALA D 72 33.48 2.78 -21.67
CA ALA D 72 33.15 2.20 -20.39
C ALA D 72 31.65 2.16 -20.11
N SER D 73 30.85 2.47 -21.13
CA SER D 73 29.41 2.44 -20.99
C SER D 73 28.86 1.27 -21.80
N GLY D 74 29.78 0.45 -22.31
CA GLY D 74 29.39 -0.70 -23.11
C GLY D 74 29.46 -2.00 -22.34
N PRO D 75 29.50 -3.15 -23.05
CA PRO D 75 29.56 -4.50 -22.48
C PRO D 75 30.66 -4.70 -21.44
N ASP D 76 30.37 -5.48 -20.40
CA ASP D 76 31.33 -5.73 -19.34
C ASP D 76 32.79 -5.92 -19.77
N GLU D 77 33.01 -6.59 -20.90
CA GLU D 77 34.36 -6.82 -21.35
C GLU D 77 35.07 -5.51 -21.67
N ALA D 78 34.34 -4.56 -22.23
CA ALA D 78 34.92 -3.27 -22.54
C ALA D 78 35.48 -2.71 -21.24
N ILE D 79 34.65 -2.77 -20.20
CA ILE D 79 35.03 -2.27 -18.89
C ILE D 79 36.25 -3.00 -18.35
N LYS D 80 36.25 -4.33 -18.45
CA LYS D 80 37.39 -5.10 -17.95
C LYS D 80 38.62 -4.75 -18.76
N ALA D 81 38.41 -4.44 -20.04
CA ALA D 81 39.50 -4.07 -20.92
C ALA D 81 40.16 -2.78 -20.41
N ILE D 82 39.41 -1.98 -19.66
CA ILE D 82 39.95 -0.75 -19.11
C ILE D 82 40.60 -1.04 -17.77
N VAL D 83 40.07 -2.03 -17.06
CA VAL D 83 40.60 -2.42 -15.76
C VAL D 83 41.91 -3.19 -15.90
N ASP D 84 42.09 -3.86 -17.05
CA ASP D 84 43.30 -4.63 -17.28
C ASP D 84 44.45 -3.70 -17.66
N ALA D 85 44.11 -2.61 -18.33
CA ALA D 85 45.10 -1.64 -18.74
C ALA D 85 45.39 -0.67 -17.60
N GLY D 86 45.12 -1.09 -16.37
CA GLY D 86 45.35 -0.24 -15.22
C GLY D 86 44.76 1.15 -15.41
N GLY D 87 43.68 1.23 -16.19
CA GLY D 87 43.03 2.50 -16.46
C GLY D 87 42.26 3.14 -15.31
N VAL D 88 41.74 2.32 -14.41
CA VAL D 88 40.98 2.79 -13.26
C VAL D 88 41.77 3.74 -12.36
N GLU D 89 42.84 3.22 -11.79
CA GLU D 89 43.72 3.96 -10.90
C GLU D 89 44.21 5.27 -11.55
N VAL D 90 44.42 5.22 -12.86
CA VAL D 90 44.85 6.39 -13.62
C VAL D 90 43.73 7.42 -13.59
N LEU D 91 42.55 6.99 -14.03
CA LEU D 91 41.37 7.86 -14.05
C LEU D 91 41.14 8.48 -12.66
N VAL D 92 41.27 7.67 -11.61
CA VAL D 92 41.09 8.15 -10.24
C VAL D 92 42.01 9.33 -10.00
N LYS D 93 43.18 9.27 -10.64
CA LYS D 93 44.20 10.30 -10.53
C LYS D 93 43.78 11.58 -11.24
N LEU D 94 43.13 11.44 -12.39
CA LEU D 94 42.65 12.59 -13.15
C LEU D 94 41.49 13.29 -12.44
N LEU D 95 40.91 12.64 -11.43
CA LEU D 95 39.80 13.22 -10.70
C LEU D 95 40.26 14.46 -9.97
N THR D 96 41.57 14.57 -9.82
CA THR D 96 42.20 15.70 -9.14
C THR D 96 43.01 16.61 -10.07
N SER D 97 42.57 16.72 -11.32
CA SER D 97 43.24 17.56 -12.32
C SER D 97 42.91 19.04 -12.12
N THR D 98 43.83 19.90 -12.55
CA THR D 98 43.67 21.33 -12.42
C THR D 98 42.36 21.85 -13.00
N ASP D 99 42.01 21.37 -14.20
CA ASP D 99 40.80 21.83 -14.86
C ASP D 99 39.60 20.89 -14.76
N SER D 100 38.41 21.46 -14.89
CA SER D 100 37.17 20.70 -14.82
C SER D 100 36.93 19.92 -16.12
N GLU D 101 37.33 20.51 -17.24
CA GLU D 101 37.14 19.87 -18.53
C GLU D 101 37.74 18.47 -18.60
N VAL D 102 38.71 18.19 -17.73
CA VAL D 102 39.34 16.87 -17.70
C VAL D 102 38.97 16.14 -16.42
N GLN D 103 38.45 16.87 -15.44
CA GLN D 103 38.06 16.27 -14.18
C GLN D 103 36.73 15.52 -14.28
N LYS D 104 35.76 16.10 -14.97
CA LYS D 104 34.45 15.46 -15.10
C LYS D 104 34.42 14.35 -16.14
N GLU D 105 35.18 14.51 -17.22
CA GLU D 105 35.22 13.51 -18.29
C GLU D 105 35.87 12.20 -17.84
N ALA D 106 36.43 12.21 -16.63
CA ALA D 106 37.06 11.03 -16.07
C ALA D 106 36.09 10.52 -15.03
N ALA D 107 35.52 11.46 -14.27
CA ALA D 107 34.57 11.12 -13.24
C ALA D 107 33.41 10.35 -13.88
N ARG D 108 33.16 10.62 -15.14
CA ARG D 108 32.09 9.94 -15.86
C ARG D 108 32.51 8.49 -16.12
N ALA D 109 33.77 8.33 -16.51
CA ALA D 109 34.31 7.00 -16.77
C ALA D 109 34.23 6.15 -15.51
N LEU D 110 34.67 6.71 -14.38
CA LEU D 110 34.61 5.95 -13.15
C LEU D 110 33.18 5.57 -12.83
N ALA D 111 32.23 6.46 -13.11
CA ALA D 111 30.83 6.16 -12.83
C ALA D 111 30.36 5.03 -13.75
N ASN D 112 30.70 5.14 -15.02
CA ASN D 112 30.30 4.11 -15.97
C ASN D 112 30.93 2.76 -15.65
N ILE D 113 32.15 2.78 -15.10
CA ILE D 113 32.83 1.54 -14.76
C ILE D 113 32.21 0.98 -13.48
N ALA D 114 31.55 1.84 -12.71
CA ALA D 114 30.92 1.43 -11.48
C ALA D 114 29.53 0.83 -11.66
N SER D 115 29.09 0.69 -12.91
CA SER D 115 27.77 0.11 -13.17
C SER D 115 27.98 -1.33 -13.63
N GLY D 116 29.25 -1.68 -13.86
CA GLY D 116 29.60 -3.01 -14.31
C GLY D 116 29.57 -4.03 -13.19
N PRO D 117 30.21 -5.19 -13.39
CA PRO D 117 30.23 -6.23 -12.35
C PRO D 117 31.03 -5.84 -11.12
N ASP D 118 30.68 -6.44 -9.98
CA ASP D 118 31.34 -6.17 -8.71
C ASP D 118 32.86 -6.04 -8.85
N GLU D 119 33.46 -6.86 -9.71
CA GLU D 119 34.89 -6.83 -9.90
C GLU D 119 35.34 -5.40 -10.23
N ALA D 120 34.66 -4.78 -11.19
CA ALA D 120 34.98 -3.41 -11.61
C ALA D 120 34.87 -2.44 -10.43
N ILE D 121 33.89 -2.66 -9.57
CA ILE D 121 33.66 -1.81 -8.40
C ILE D 121 34.77 -1.98 -7.37
N LYS D 122 35.19 -3.22 -7.14
CA LYS D 122 36.24 -3.45 -6.16
C LYS D 122 37.52 -2.82 -6.69
N ALA D 123 37.67 -2.77 -8.01
CA ALA D 123 38.85 -2.20 -8.62
C ALA D 123 38.96 -0.71 -8.27
N ILE D 124 37.84 0.00 -8.35
CA ILE D 124 37.81 1.42 -8.04
C ILE D 124 38.06 1.64 -6.57
N VAL D 125 37.56 0.72 -5.74
CA VAL D 125 37.71 0.81 -4.29
C VAL D 125 39.13 0.52 -3.82
N ASP D 126 39.78 -0.46 -4.45
CA ASP D 126 41.14 -0.82 -4.10
C ASP D 126 42.08 0.28 -4.56
N ALA D 127 41.57 1.17 -5.41
CA ALA D 127 42.39 2.26 -5.92
C ALA D 127 42.11 3.57 -5.19
N GLY D 128 41.57 3.47 -3.97
CA GLY D 128 41.28 4.66 -3.20
C GLY D 128 40.42 5.63 -3.99
N GLY D 129 39.50 5.09 -4.79
CA GLY D 129 38.63 5.91 -5.60
C GLY D 129 37.42 6.45 -4.86
N VAL D 130 36.99 5.76 -3.81
CA VAL D 130 35.84 6.21 -3.05
C VAL D 130 36.11 7.52 -2.32
N GLU D 131 37.21 7.58 -1.57
CA GLU D 131 37.59 8.77 -0.82
C GLU D 131 37.62 10.02 -1.69
N VAL D 132 38.23 9.90 -2.85
CA VAL D 132 38.33 11.02 -3.78
C VAL D 132 36.93 11.38 -4.24
N LEU D 133 36.13 10.37 -4.58
CA LEU D 133 34.77 10.60 -5.03
C LEU D 133 33.93 11.34 -4.00
N VAL D 134 33.98 10.90 -2.75
CA VAL D 134 33.22 11.56 -1.69
C VAL D 134 33.57 13.05 -1.61
N LYS D 135 34.84 13.39 -1.83
CA LYS D 135 35.28 14.78 -1.77
C LYS D 135 34.63 15.61 -2.87
N LEU D 136 34.71 15.12 -4.11
CA LEU D 136 34.12 15.85 -5.22
C LEU D 136 32.65 16.21 -4.94
N LEU D 137 32.00 15.41 -4.10
CA LEU D 137 30.60 15.65 -3.78
C LEU D 137 30.33 17.05 -3.21
N THR D 138 31.39 17.74 -2.80
CA THR D 138 31.24 19.07 -2.25
C THR D 138 31.71 20.09 -3.28
N SER D 139 32.19 19.60 -4.41
CA SER D 139 32.66 20.48 -5.49
C SER D 139 31.69 21.61 -5.75
N THR D 140 32.21 22.73 -6.23
CA THR D 140 31.37 23.88 -6.54
C THR D 140 30.90 23.73 -7.99
N ASP D 141 31.52 22.79 -8.70
CA ASP D 141 31.17 22.52 -10.11
C ASP D 141 30.23 21.32 -10.20
N SER D 142 28.99 21.57 -10.59
CA SER D 142 27.97 20.53 -10.73
C SER D 142 28.35 19.44 -11.72
N GLU D 143 28.92 19.88 -12.84
CA GLU D 143 29.33 18.97 -13.91
C GLU D 143 30.00 17.68 -13.39
N VAL D 144 30.79 17.79 -12.32
CA VAL D 144 31.49 16.64 -11.75
C VAL D 144 30.77 16.07 -10.53
N GLN D 145 30.10 16.94 -9.77
CA GLN D 145 29.39 16.53 -8.57
C GLN D 145 28.29 15.52 -8.88
N LYS D 146 27.78 15.57 -10.11
CA LYS D 146 26.72 14.66 -10.54
C LYS D 146 27.28 13.33 -11.00
N GLU D 147 28.45 13.36 -11.65
CA GLU D 147 29.08 12.13 -12.14
C GLU D 147 29.76 11.40 -10.98
N ALA D 148 30.01 12.14 -9.90
CA ALA D 148 30.63 11.58 -8.73
C ALA D 148 29.58 10.95 -7.85
N ALA D 149 28.43 11.60 -7.76
CA ALA D 149 27.33 11.09 -6.95
C ALA D 149 26.77 9.85 -7.65
N ARG D 150 26.75 9.88 -8.96
CA ARG D 150 26.26 8.77 -9.76
C ARG D 150 27.23 7.59 -9.61
N ALA D 151 28.52 7.89 -9.59
CA ALA D 151 29.53 6.85 -9.47
C ALA D 151 29.45 6.19 -8.11
N LEU D 152 29.30 7.00 -7.07
CA LEU D 152 29.20 6.48 -5.72
C LEU D 152 27.96 5.61 -5.59
N ALA D 153 26.85 6.10 -6.16
CA ALA D 153 25.60 5.36 -6.10
C ALA D 153 25.80 3.99 -6.72
N ASN D 154 26.56 3.95 -7.82
CA ASN D 154 26.81 2.70 -8.52
C ASN D 154 27.76 1.79 -7.75
N ILE D 155 28.57 2.37 -6.88
CA ILE D 155 29.52 1.61 -6.08
C ILE D 155 28.75 1.06 -4.89
N ALA D 156 27.79 1.87 -4.43
CA ALA D 156 26.95 1.53 -3.29
C ALA D 156 26.09 0.29 -3.56
N SER D 157 25.85 -0.01 -4.83
CA SER D 157 25.03 -1.17 -5.20
C SER D 157 25.91 -2.41 -5.37
N GLY D 158 27.13 -2.36 -4.84
CA GLY D 158 28.03 -3.48 -4.99
C GLY D 158 28.29 -4.20 -3.69
N PRO D 159 29.35 -5.01 -3.62
CA PRO D 159 29.69 -5.76 -2.41
C PRO D 159 29.81 -4.89 -1.15
N ASP D 160 29.47 -5.49 0.00
CA ASP D 160 29.52 -4.78 1.27
C ASP D 160 30.84 -4.03 1.43
N GLU D 161 31.91 -4.63 0.92
CA GLU D 161 33.24 -4.04 0.99
C GLU D 161 33.22 -2.62 0.44
N ALA D 162 32.45 -2.43 -0.63
CA ALA D 162 32.31 -1.13 -1.28
C ALA D 162 31.51 -0.17 -0.39
N ILE D 163 30.39 -0.64 0.14
CA ILE D 163 29.58 0.17 1.01
C ILE D 163 30.43 0.64 2.21
N LYS D 164 31.26 -0.25 2.72
CA LYS D 164 32.11 0.11 3.85
C LYS D 164 33.02 1.27 3.44
N ALA D 165 33.62 1.17 2.26
CA ALA D 165 34.52 2.21 1.77
C ALA D 165 33.86 3.59 1.72
N ILE D 166 32.55 3.60 1.50
CA ILE D 166 31.78 4.84 1.42
C ILE D 166 31.53 5.35 2.82
N VAL D 167 31.17 4.42 3.71
CA VAL D 167 30.89 4.74 5.10
C VAL D 167 32.17 5.22 5.81
N ASP D 168 33.29 4.55 5.56
CA ASP D 168 34.57 4.91 6.17
C ASP D 168 35.09 6.27 5.72
N ALA D 169 34.86 6.61 4.46
CA ALA D 169 35.32 7.89 3.96
C ALA D 169 34.35 8.98 4.40
N GLY D 170 33.39 8.60 5.25
CA GLY D 170 32.41 9.55 5.76
C GLY D 170 31.43 10.07 4.70
N GLY D 171 31.24 9.27 3.66
CA GLY D 171 30.35 9.65 2.57
C GLY D 171 28.88 9.75 2.94
N VAL D 172 28.45 9.00 3.96
CA VAL D 172 27.05 9.03 4.36
C VAL D 172 26.61 10.43 4.83
N GLU D 173 27.48 11.14 5.53
CA GLU D 173 27.14 12.49 5.99
C GLU D 173 26.94 13.40 4.79
N VAL D 174 27.95 13.45 3.92
CA VAL D 174 27.89 14.27 2.73
C VAL D 174 26.61 13.93 1.98
N LEU D 175 26.51 12.67 1.57
CA LEU D 175 25.36 12.15 0.84
C LEU D 175 24.00 12.56 1.43
N VAL D 176 23.91 12.55 2.76
CA VAL D 176 22.66 12.93 3.41
C VAL D 176 22.37 14.41 3.18
N LYS D 177 23.37 15.26 3.38
CA LYS D 177 23.14 16.68 3.17
C LYS D 177 22.79 16.94 1.70
N LEU D 178 23.21 16.04 0.83
CA LEU D 178 22.94 16.17 -0.60
C LEU D 178 21.49 15.86 -0.91
N LEU D 179 20.81 15.18 0.00
CA LEU D 179 19.42 14.87 -0.22
C LEU D 179 18.61 16.17 -0.26
N THR D 180 19.22 17.27 0.16
CA THR D 180 18.55 18.56 0.18
C THR D 180 18.94 19.49 -0.98
N SER D 181 19.88 19.04 -1.81
CA SER D 181 20.33 19.84 -2.94
C SER D 181 19.18 20.43 -3.73
N THR D 182 19.35 21.67 -4.16
CA THR D 182 18.33 22.35 -4.95
C THR D 182 18.40 21.82 -6.39
N ASP D 183 19.43 21.03 -6.67
CA ASP D 183 19.58 20.45 -7.99
C ASP D 183 18.99 19.05 -7.95
N SER D 184 17.87 18.87 -8.64
CA SER D 184 17.17 17.59 -8.69
C SER D 184 18.09 16.42 -8.98
N GLU D 185 18.85 16.52 -10.06
CA GLU D 185 19.77 15.47 -10.47
C GLU D 185 20.71 14.95 -9.39
N VAL D 186 21.21 15.84 -8.53
CA VAL D 186 22.11 15.43 -7.46
C VAL D 186 21.29 14.77 -6.34
N GLN D 187 20.04 15.21 -6.21
CA GLN D 187 19.13 14.70 -5.20
C GLN D 187 18.81 13.24 -5.48
N LYS D 188 18.50 12.90 -6.73
CA LYS D 188 18.18 11.51 -7.08
C LYS D 188 19.36 10.59 -6.82
N GLU D 189 20.54 10.99 -7.31
CA GLU D 189 21.75 10.19 -7.12
C GLU D 189 22.05 9.93 -5.66
N ALA D 190 21.77 10.90 -4.82
CA ALA D 190 22.01 10.75 -3.38
C ALA D 190 20.95 9.84 -2.74
N ALA D 191 19.74 9.89 -3.27
CA ALA D 191 18.67 9.08 -2.72
C ALA D 191 18.96 7.64 -3.06
N ARG D 192 19.48 7.42 -4.25
CA ARG D 192 19.81 6.09 -4.73
C ARG D 192 21.00 5.51 -3.98
N ALA D 193 22.00 6.34 -3.74
CA ALA D 193 23.20 5.89 -3.03
C ALA D 193 22.78 5.39 -1.65
N LEU D 194 22.05 6.24 -0.94
CA LEU D 194 21.58 5.90 0.40
C LEU D 194 20.72 4.64 0.36
N ALA D 195 19.93 4.47 -0.71
CA ALA D 195 19.09 3.28 -0.83
C ALA D 195 19.98 2.06 -0.94
N ASN D 196 21.01 2.17 -1.76
CA ASN D 196 21.93 1.05 -1.94
C ASN D 196 22.79 0.78 -0.70
N ILE D 197 23.08 1.81 0.08
CA ILE D 197 23.89 1.58 1.27
C ILE D 197 23.03 0.97 2.36
N ALA D 198 21.73 1.27 2.31
CA ALA D 198 20.80 0.74 3.29
C ALA D 198 20.51 -0.73 3.05
N SER D 199 20.85 -1.24 1.87
CA SER D 199 20.64 -2.64 1.57
C SER D 199 21.86 -3.39 2.09
N GLY D 200 22.78 -2.62 2.69
CA GLY D 200 23.99 -3.19 3.24
C GLY D 200 23.82 -3.70 4.66
N PRO D 201 24.92 -4.10 5.32
CA PRO D 201 24.95 -4.61 6.68
C PRO D 201 24.56 -3.57 7.72
N THR D 202 24.07 -4.03 8.87
CA THR D 202 23.64 -3.15 9.95
C THR D 202 24.64 -2.02 10.17
N SER D 203 25.91 -2.30 9.89
CA SER D 203 26.93 -1.29 10.05
C SER D 203 26.53 -0.04 9.26
N ALA D 204 26.17 -0.25 7.99
CA ALA D 204 25.78 0.84 7.11
C ALA D 204 24.49 1.55 7.51
N ILE D 205 23.49 0.77 7.91
CA ILE D 205 22.22 1.35 8.30
C ILE D 205 22.39 2.29 9.47
N LYS D 206 23.26 1.92 10.41
CA LYS D 206 23.48 2.78 11.56
C LYS D 206 24.08 4.11 11.10
N ALA D 207 25.01 4.03 10.16
CA ALA D 207 25.67 5.21 9.63
C ALA D 207 24.66 6.19 9.05
N ILE D 208 23.61 5.67 8.43
CA ILE D 208 22.57 6.52 7.86
C ILE D 208 21.72 7.14 8.97
N VAL D 209 21.23 6.31 9.87
CA VAL D 209 20.38 6.79 10.96
C VAL D 209 21.06 7.83 11.81
N ASP D 210 22.21 7.48 12.37
CA ASP D 210 22.92 8.42 13.24
C ASP D 210 23.48 9.62 12.48
N ALA D 211 23.20 9.71 11.19
CA ALA D 211 23.66 10.86 10.42
C ALA D 211 22.47 11.76 10.07
N GLY D 212 21.30 11.40 10.59
CA GLY D 212 20.12 12.19 10.33
C GLY D 212 19.42 11.78 9.04
N GLY D 213 19.93 10.75 8.39
CA GLY D 213 19.34 10.28 7.16
C GLY D 213 17.84 10.07 7.16
N VAL D 214 17.31 9.36 8.13
CA VAL D 214 15.88 9.10 8.13
C VAL D 214 14.98 10.34 8.06
N GLU D 215 15.25 11.39 8.81
CA GLU D 215 14.38 12.56 8.73
C GLU D 215 14.33 13.12 7.31
N VAL D 216 15.50 13.28 6.69
CA VAL D 216 15.55 13.82 5.33
C VAL D 216 14.82 12.92 4.34
N LEU D 217 15.04 11.59 4.42
CA LEU D 217 14.39 10.63 3.53
C LEU D 217 12.89 10.69 3.69
N VAL D 218 12.43 10.85 4.92
CA VAL D 218 11.01 10.95 5.18
C VAL D 218 10.47 12.24 4.56
N LYS D 219 11.33 13.23 4.40
CA LYS D 219 10.89 14.49 3.78
C LYS D 219 10.83 14.32 2.26
N LEU D 220 11.69 13.46 1.72
CA LEU D 220 11.74 13.18 0.29
C LEU D 220 10.56 12.33 -0.21
N LEU D 221 9.85 11.69 0.70
CA LEU D 221 8.71 10.87 0.32
C LEU D 221 7.60 11.71 -0.28
N THR D 222 7.59 13.01 0.01
CA THR D 222 6.53 13.85 -0.56
C THR D 222 7.03 14.65 -1.75
N SER D 223 8.17 14.24 -2.30
CA SER D 223 8.74 14.92 -3.47
C SER D 223 7.73 14.88 -4.62
N THR D 224 7.78 15.86 -5.50
CA THR D 224 6.84 15.87 -6.61
C THR D 224 7.31 14.88 -7.67
N ASP D 225 8.54 14.40 -7.52
CA ASP D 225 9.11 13.48 -8.48
C ASP D 225 8.96 12.06 -7.98
N SER D 226 8.40 11.19 -8.82
CA SER D 226 8.22 9.80 -8.44
C SER D 226 9.56 9.08 -8.40
N GLU D 227 10.49 9.51 -9.23
CA GLU D 227 11.81 8.91 -9.22
C GLU D 227 12.51 9.18 -7.88
N VAL D 228 12.10 10.24 -7.19
CA VAL D 228 12.69 10.56 -5.90
C VAL D 228 11.96 9.85 -4.78
N GLN D 229 10.63 9.78 -4.88
CA GLN D 229 9.80 9.10 -3.89
C GLN D 229 10.20 7.62 -3.85
N LYS D 230 10.40 7.06 -5.04
CA LYS D 230 10.81 5.66 -5.25
C LYS D 230 12.13 5.32 -4.54
N GLU D 231 13.16 6.15 -4.76
CA GLU D 231 14.44 5.92 -4.11
C GLU D 231 14.42 6.24 -2.63
N ALA D 232 13.51 7.12 -2.23
CA ALA D 232 13.43 7.47 -0.82
C ALA D 232 12.69 6.36 -0.06
N ALA D 233 11.68 5.78 -0.71
CA ALA D 233 10.91 4.71 -0.09
C ALA D 233 11.76 3.45 -0.02
N ARG D 234 12.58 3.23 -1.03
CA ARG D 234 13.43 2.06 -1.05
C ARG D 234 14.41 2.10 0.11
N ALA D 235 15.04 3.26 0.28
CA ALA D 235 16.01 3.44 1.37
C ALA D 235 15.37 3.13 2.71
N LEU D 236 14.19 3.69 2.97
CA LEU D 236 13.49 3.47 4.22
C LEU D 236 13.04 2.03 4.42
N ALA D 237 12.54 1.37 3.38
CA ALA D 237 12.15 -0.02 3.54
C ALA D 237 13.42 -0.81 3.84
N ASN D 238 14.52 -0.44 3.20
CA ASN D 238 15.77 -1.13 3.44
C ASN D 238 16.29 -0.83 4.84
N ILE D 239 15.96 0.35 5.36
CA ILE D 239 16.36 0.72 6.71
C ILE D 239 15.44 0.04 7.73
N ALA D 240 14.20 -0.20 7.32
CA ALA D 240 13.22 -0.86 8.19
C ALA D 240 13.48 -2.36 8.39
N SER D 241 14.32 -2.96 7.56
CA SER D 241 14.61 -4.39 7.69
C SER D 241 15.87 -4.60 8.55
N GLY D 242 16.18 -3.57 9.33
CA GLY D 242 17.31 -3.60 10.23
C GLY D 242 16.81 -3.82 11.65
N PRO D 243 17.67 -3.62 12.66
CA PRO D 243 17.26 -3.82 14.06
C PRO D 243 16.16 -2.87 14.54
N ASP D 244 15.66 -3.10 15.75
CA ASP D 244 14.60 -2.26 16.31
C ASP D 244 15.00 -0.79 16.37
N GLU D 245 16.29 -0.53 16.43
CA GLU D 245 16.79 0.83 16.50
C GLU D 245 16.40 1.60 15.23
N ALA D 246 16.60 0.94 14.09
CA ALA D 246 16.30 1.53 12.79
C ALA D 246 14.81 1.77 12.66
N ILE D 247 14.02 0.74 12.94
CA ILE D 247 12.60 0.91 12.83
C ILE D 247 12.14 2.06 13.70
N LYS D 248 12.62 2.08 14.94
CA LYS D 248 12.25 3.13 15.88
C LYS D 248 12.47 4.50 15.28
N ALA D 249 13.66 4.70 14.70
CA ALA D 249 14.01 5.97 14.08
C ALA D 249 13.03 6.43 12.99
N ILE D 250 12.52 5.48 12.19
CA ILE D 250 11.57 5.80 11.14
C ILE D 250 10.27 6.23 11.81
N VAL D 251 9.89 5.48 12.83
CA VAL D 251 8.66 5.75 13.57
C VAL D 251 8.72 7.11 14.23
N ASP D 252 9.81 7.36 14.94
CA ASP D 252 9.98 8.63 15.65
C ASP D 252 10.18 9.86 14.75
N ALA D 253 10.36 9.66 13.45
CA ALA D 253 10.53 10.80 12.56
C ALA D 253 9.26 11.11 11.80
N GLY D 254 8.18 10.45 12.18
CA GLY D 254 6.91 10.66 11.50
C GLY D 254 6.81 9.81 10.25
N GLY D 255 7.74 8.86 10.14
CA GLY D 255 7.84 7.97 8.99
C GLY D 255 6.63 7.15 8.57
N VAL D 256 5.96 6.51 9.52
CA VAL D 256 4.79 5.69 9.20
C VAL D 256 3.64 6.42 8.54
N GLU D 257 3.19 7.53 9.12
CA GLU D 257 2.08 8.28 8.58
C GLU D 257 2.29 8.60 7.08
N VAL D 258 3.46 9.09 6.73
CA VAL D 258 3.80 9.45 5.35
C VAL D 258 3.81 8.25 4.41
N LEU D 259 4.32 7.12 4.91
CA LEU D 259 4.36 5.93 4.11
C LEU D 259 2.94 5.49 3.83
N VAL D 260 2.07 5.59 4.83
CA VAL D 260 0.68 5.20 4.63
C VAL D 260 0.01 5.94 3.48
N LYS D 261 0.37 7.21 3.30
CA LYS D 261 -0.19 8.03 2.23
C LYS D 261 0.43 7.62 0.90
N LEU D 262 1.66 7.14 0.96
CA LEU D 262 2.36 6.71 -0.22
C LEU D 262 1.70 5.48 -0.80
N LEU D 263 1.05 4.67 0.05
CA LEU D 263 0.40 3.44 -0.41
C LEU D 263 -0.64 3.72 -1.50
N THR D 264 -1.03 4.99 -1.65
CA THR D 264 -2.00 5.38 -2.65
C THR D 264 -1.38 6.11 -3.84
N SER D 265 -0.08 5.92 -4.01
CA SER D 265 0.63 6.52 -5.13
C SER D 265 0.16 5.79 -6.38
N THR D 266 0.11 6.50 -7.50
CA THR D 266 -0.31 5.91 -8.76
C THR D 266 0.86 5.19 -9.39
N ASP D 267 2.06 5.49 -8.88
CA ASP D 267 3.26 4.84 -9.37
C ASP D 267 3.40 3.48 -8.67
N SER D 268 3.54 2.41 -9.46
CA SER D 268 3.68 1.04 -8.94
C SER D 268 4.81 0.91 -7.94
N GLU D 269 6.00 1.34 -8.35
CA GLU D 269 7.18 1.24 -7.50
C GLU D 269 7.07 1.96 -6.19
N VAL D 270 6.50 3.15 -6.19
CA VAL D 270 6.37 3.86 -4.93
C VAL D 270 5.48 3.01 -4.02
N GLN D 271 4.33 2.62 -4.54
CA GLN D 271 3.36 1.81 -3.81
C GLN D 271 4.02 0.55 -3.22
N LYS D 272 4.81 -0.15 -4.03
CA LYS D 272 5.47 -1.37 -3.56
C LYS D 272 6.56 -1.12 -2.47
N GLU D 273 7.38 -0.10 -2.65
CA GLU D 273 8.41 0.20 -1.66
C GLU D 273 7.78 0.75 -0.39
N ALA D 274 6.62 1.41 -0.53
CA ALA D 274 5.96 1.94 0.64
C ALA D 274 5.42 0.75 1.42
N ALA D 275 4.75 -0.15 0.71
CA ALA D 275 4.17 -1.34 1.34
C ALA D 275 5.29 -2.23 1.97
N ARG D 276 6.39 -2.44 1.24
CA ARG D 276 7.47 -3.24 1.77
C ARG D 276 8.02 -2.54 3.03
N ALA D 277 8.17 -1.23 2.94
CA ALA D 277 8.66 -0.49 4.09
C ALA D 277 7.76 -0.78 5.29
N LEU D 278 6.46 -0.68 5.10
CA LEU D 278 5.53 -0.90 6.21
C LEU D 278 5.53 -2.31 6.77
N ALA D 279 5.73 -3.31 5.92
CA ALA D 279 5.76 -4.68 6.41
C ALA D 279 6.98 -4.84 7.29
N ASN D 280 8.09 -4.24 6.90
CA ASN D 280 9.30 -4.38 7.71
C ASN D 280 9.15 -3.71 9.06
N ILE D 281 8.49 -2.55 9.09
CA ILE D 281 8.28 -1.83 10.33
C ILE D 281 7.35 -2.64 11.23
N ALA D 282 6.39 -3.32 10.62
CA ALA D 282 5.46 -4.15 11.39
C ALA D 282 6.13 -5.35 12.07
N SER D 283 7.37 -5.65 11.70
CA SER D 283 8.10 -6.76 12.31
C SER D 283 7.97 -6.69 13.83
N GLY D 284 8.52 -5.62 14.41
CA GLY D 284 8.43 -5.44 15.85
C GLY D 284 9.10 -4.13 16.15
N PRO D 285 8.89 -3.50 17.31
CA PRO D 285 8.02 -3.92 18.42
C PRO D 285 6.61 -3.34 18.37
N ASP D 286 5.85 -3.58 19.43
CA ASP D 286 4.48 -3.11 19.54
C ASP D 286 4.30 -1.61 19.36
N GLU D 287 5.33 -0.82 19.64
CA GLU D 287 5.20 0.62 19.46
C GLU D 287 5.12 0.91 17.95
N ALA D 288 5.83 0.11 17.17
CA ALA D 288 5.83 0.26 15.72
C ALA D 288 4.47 -0.10 15.12
N ILE D 289 3.97 -1.28 15.45
CA ILE D 289 2.70 -1.70 14.92
C ILE D 289 1.59 -0.75 15.33
N LYS D 290 1.74 -0.15 16.49
CA LYS D 290 0.75 0.78 17.02
C LYS D 290 0.70 2.06 16.19
N ALA D 291 1.84 2.41 15.60
CA ALA D 291 1.96 3.61 14.78
C ALA D 291 1.30 3.42 13.43
N ILE D 292 1.32 2.18 12.93
CA ILE D 292 0.70 1.88 11.65
C ILE D 292 -0.80 1.89 11.82
N VAL D 293 -1.27 1.30 12.92
CA VAL D 293 -2.70 1.25 13.20
C VAL D 293 -3.25 2.65 13.42
N ASP D 294 -2.44 3.50 14.07
CA ASP D 294 -2.87 4.86 14.35
C ASP D 294 -2.84 5.80 13.14
N ALA D 295 -2.21 5.37 12.05
CA ALA D 295 -2.17 6.19 10.86
C ALA D 295 -3.25 5.73 9.88
N GLY D 296 -4.04 4.75 10.31
CA GLY D 296 -5.08 4.22 9.47
C GLY D 296 -4.53 3.26 8.42
N GLY D 297 -3.29 2.83 8.64
CA GLY D 297 -2.64 1.92 7.71
C GLY D 297 -3.34 0.60 7.48
N VAL D 298 -3.86 -0.01 8.54
CA VAL D 298 -4.54 -1.30 8.43
C VAL D 298 -5.63 -1.31 7.36
N GLU D 299 -6.45 -0.28 7.35
CA GLU D 299 -7.52 -0.19 6.39
C GLU D 299 -6.99 -0.11 4.94
N VAL D 300 -5.96 0.71 4.73
CA VAL D 300 -5.37 0.89 3.41
C VAL D 300 -4.70 -0.38 2.91
N LEU D 301 -4.03 -1.08 3.82
CA LEU D 301 -3.36 -2.34 3.52
C LEU D 301 -4.41 -3.39 3.16
N VAL D 302 -5.52 -3.43 3.90
CA VAL D 302 -6.59 -4.37 3.61
C VAL D 302 -7.07 -4.14 2.18
N LYS D 303 -7.11 -2.89 1.74
CA LYS D 303 -7.52 -2.59 0.36
C LYS D 303 -6.51 -3.21 -0.60
N LEU D 304 -5.23 -2.96 -0.32
CA LEU D 304 -4.16 -3.45 -1.15
C LEU D 304 -4.03 -4.97 -1.23
N LEU D 305 -4.74 -5.70 -0.36
CA LEU D 305 -4.68 -7.16 -0.42
C LEU D 305 -5.19 -7.68 -1.76
N THR D 306 -6.02 -6.90 -2.42
CA THR D 306 -6.55 -7.33 -3.69
C THR D 306 -6.04 -6.47 -4.85
N SER D 307 -4.81 -5.99 -4.69
CA SER D 307 -4.15 -5.16 -5.70
C SER D 307 -3.85 -6.00 -6.91
N THR D 308 -4.19 -5.50 -8.09
CA THR D 308 -3.93 -6.24 -9.33
C THR D 308 -2.43 -6.50 -9.49
N ASP D 309 -1.64 -5.83 -8.64
CA ASP D 309 -0.18 -5.94 -8.68
C ASP D 309 0.33 -6.95 -7.65
N SER D 310 0.76 -8.11 -8.14
CA SER D 310 1.25 -9.18 -7.27
C SER D 310 2.30 -8.75 -6.27
N GLU D 311 3.16 -7.81 -6.64
CA GLU D 311 4.19 -7.39 -5.68
C GLU D 311 3.62 -6.57 -4.55
N VAL D 312 2.76 -5.60 -4.85
CA VAL D 312 2.11 -4.80 -3.83
C VAL D 312 1.33 -5.73 -2.92
N GLN D 313 0.54 -6.60 -3.54
CA GLN D 313 -0.29 -7.57 -2.82
C GLN D 313 0.53 -8.42 -1.85
N LYS D 314 1.68 -8.87 -2.30
CA LYS D 314 2.55 -9.70 -1.49
C LYS D 314 3.00 -8.96 -0.22
N GLU D 315 3.46 -7.73 -0.37
CA GLU D 315 3.90 -6.94 0.79
C GLU D 315 2.75 -6.55 1.70
N ALA D 316 1.58 -6.31 1.10
CA ALA D 316 0.43 -5.93 1.90
C ALA D 316 0.04 -7.09 2.84
N ALA D 317 0.12 -8.32 2.33
CA ALA D 317 -0.22 -9.50 3.11
C ALA D 317 0.80 -9.73 4.23
N ARG D 318 2.09 -9.69 3.90
CA ARG D 318 3.11 -9.87 4.91
C ARG D 318 2.90 -8.77 5.94
N ALA D 319 2.69 -7.55 5.44
CA ALA D 319 2.45 -6.41 6.33
C ALA D 319 1.25 -6.65 7.27
N LEU D 320 0.12 -7.11 6.75
CA LEU D 320 -1.00 -7.37 7.64
C LEU D 320 -0.73 -8.56 8.56
N ALA D 321 0.07 -9.53 8.11
CA ALA D 321 0.38 -10.69 8.96
C ALA D 321 1.17 -10.25 10.19
N ASN D 322 2.23 -9.47 9.99
CA ASN D 322 3.04 -9.00 11.11
C ASN D 322 2.23 -8.10 12.04
N ILE D 323 1.21 -7.44 11.49
CA ILE D 323 0.36 -6.55 12.29
C ILE D 323 -0.51 -7.41 13.20
N ALA D 324 -0.93 -8.56 12.70
CA ALA D 324 -1.78 -9.44 13.46
C ALA D 324 -1.06 -10.09 14.66
N SER D 325 0.26 -10.06 14.62
CA SER D 325 1.03 -10.67 15.70
C SER D 325 1.23 -9.65 16.82
N GLY D 326 0.55 -8.51 16.71
CA GLY D 326 0.68 -7.47 17.72
C GLY D 326 -0.40 -7.54 18.78
N PRO D 327 -0.58 -6.46 19.55
CA PRO D 327 -1.62 -6.47 20.59
C PRO D 327 -3.03 -6.59 19.97
N ASP D 328 -4.02 -6.85 20.81
CA ASP D 328 -5.40 -7.01 20.37
C ASP D 328 -5.98 -5.80 19.63
N GLU D 329 -5.50 -4.60 19.98
CA GLU D 329 -5.96 -3.39 19.32
C GLU D 329 -5.66 -3.45 17.82
N ALA D 330 -4.54 -4.07 17.48
CA ALA D 330 -4.11 -4.20 16.11
C ALA D 330 -4.97 -5.26 15.40
N ILE D 331 -5.22 -6.38 16.09
CA ILE D 331 -6.03 -7.43 15.51
C ILE D 331 -7.43 -6.91 15.31
N LYS D 332 -7.89 -6.06 16.22
CA LYS D 332 -9.24 -5.50 16.09
C LYS D 332 -9.35 -4.64 14.83
N ALA D 333 -8.36 -3.82 14.55
CA ALA D 333 -8.38 -2.98 13.36
C ALA D 333 -8.57 -3.80 12.08
N ILE D 334 -7.82 -4.90 11.95
CA ILE D 334 -7.92 -5.76 10.78
C ILE D 334 -9.34 -6.30 10.64
N VAL D 335 -9.86 -6.84 11.74
CA VAL D 335 -11.20 -7.38 11.75
C VAL D 335 -12.24 -6.32 11.33
N ASP D 336 -12.17 -5.16 11.98
CA ASP D 336 -13.10 -4.06 11.72
C ASP D 336 -13.06 -3.57 10.28
N ALA D 337 -11.90 -3.71 9.64
CA ALA D 337 -11.75 -3.28 8.27
C ALA D 337 -12.16 -4.37 7.26
N GLY D 338 -12.75 -5.46 7.76
CA GLY D 338 -13.18 -6.53 6.87
C GLY D 338 -12.00 -7.36 6.38
N GLY D 339 -10.86 -7.21 7.03
CA GLY D 339 -9.68 -7.93 6.63
C GLY D 339 -9.77 -9.45 6.59
N VAL D 340 -10.38 -10.05 7.60
CA VAL D 340 -10.46 -11.50 7.66
C VAL D 340 -11.13 -12.17 6.44
N GLU D 341 -12.18 -11.58 5.92
CA GLU D 341 -12.88 -12.14 4.77
C GLU D 341 -12.00 -12.13 3.53
N VAL D 342 -11.21 -11.08 3.38
CA VAL D 342 -10.32 -10.94 2.23
C VAL D 342 -9.16 -11.95 2.36
N LEU D 343 -8.57 -12.03 3.55
CA LEU D 343 -7.49 -12.96 3.80
C LEU D 343 -7.97 -14.37 3.52
N VAL D 344 -9.15 -14.72 4.02
CA VAL D 344 -9.69 -16.05 3.78
C VAL D 344 -9.75 -16.31 2.28
N LYS D 345 -10.26 -15.33 1.55
CA LYS D 345 -10.36 -15.42 0.11
C LYS D 345 -8.97 -15.71 -0.46
N LEU D 346 -7.98 -15.00 0.06
CA LEU D 346 -6.60 -15.17 -0.39
C LEU D 346 -5.97 -16.52 -0.04
N LEU D 347 -6.58 -17.26 0.88
CA LEU D 347 -6.00 -18.54 1.22
C LEU D 347 -5.98 -19.44 -0.01
N THR D 348 -6.80 -19.12 -0.99
CA THR D 348 -6.87 -19.94 -2.21
C THR D 348 -6.08 -19.35 -3.37
N SER D 349 -5.32 -18.29 -3.11
CA SER D 349 -4.52 -17.65 -4.15
C SER D 349 -3.54 -18.64 -4.75
N THR D 350 -3.33 -18.52 -6.05
CA THR D 350 -2.41 -19.40 -6.75
C THR D 350 -0.98 -19.08 -6.33
N ASP D 351 -0.75 -17.86 -5.88
CA ASP D 351 0.57 -17.43 -5.42
C ASP D 351 0.83 -18.08 -4.07
N SER D 352 1.80 -18.98 -3.99
CA SER D 352 2.09 -19.65 -2.73
C SER D 352 2.61 -18.67 -1.66
N GLU D 353 3.26 -17.60 -2.09
CA GLU D 353 3.75 -16.62 -1.13
C GLU D 353 2.62 -15.76 -0.57
N VAL D 354 1.65 -15.40 -1.41
CA VAL D 354 0.52 -14.61 -0.93
C VAL D 354 -0.19 -15.49 0.09
N GLN D 355 -0.43 -16.73 -0.33
CA GLN D 355 -1.11 -17.78 0.43
C GLN D 355 -0.45 -18.10 1.77
N LYS D 356 0.88 -17.99 1.83
CA LYS D 356 1.58 -18.25 3.09
C LYS D 356 1.42 -17.05 4.05
N GLU D 357 1.25 -15.85 3.53
CA GLU D 357 1.09 -14.68 4.40
C GLU D 357 -0.34 -14.57 4.95
N ALA D 358 -1.34 -15.04 4.18
CA ALA D 358 -2.73 -15.00 4.60
C ALA D 358 -2.98 -16.04 5.67
N ALA D 359 -2.33 -17.20 5.51
CA ALA D 359 -2.48 -18.27 6.46
C ALA D 359 -1.84 -17.86 7.78
N ARG D 360 -0.69 -17.18 7.71
CA ARG D 360 0.00 -16.73 8.92
C ARG D 360 -0.81 -15.62 9.62
N ALA D 361 -1.39 -14.70 8.83
CA ALA D 361 -2.21 -13.62 9.39
C ALA D 361 -3.41 -14.21 10.10
N LEU D 362 -4.05 -15.19 9.47
CA LEU D 362 -5.22 -15.84 10.07
C LEU D 362 -4.88 -16.64 11.33
N ALA D 363 -3.71 -17.28 11.34
CA ALA D 363 -3.34 -18.02 12.53
C ALA D 363 -3.14 -17.03 13.67
N ASN D 364 -2.50 -15.89 13.38
CA ASN D 364 -2.26 -14.91 14.43
C ASN D 364 -3.55 -14.27 14.89
N ILE D 365 -4.44 -13.96 13.95
CA ILE D 365 -5.71 -13.36 14.33
C ILE D 365 -6.54 -14.34 15.19
N ALA D 366 -6.37 -15.63 14.95
CA ALA D 366 -7.10 -16.64 15.68
C ALA D 366 -6.66 -16.75 17.15
N SER D 367 -5.48 -16.24 17.45
CA SER D 367 -4.99 -16.30 18.82
C SER D 367 -5.44 -15.06 19.57
N GLY D 368 -6.25 -14.24 18.91
CA GLY D 368 -6.74 -13.02 19.52
C GLY D 368 -8.01 -13.25 20.31
N PRO D 369 -8.75 -12.19 20.64
CA PRO D 369 -9.99 -12.37 21.39
C PRO D 369 -11.11 -13.14 20.67
N THR D 370 -12.10 -13.55 21.46
CA THR D 370 -13.26 -14.29 20.97
C THR D 370 -13.87 -13.74 19.68
N SER D 371 -13.94 -12.42 19.56
CA SER D 371 -14.54 -11.80 18.39
C SER D 371 -13.75 -11.96 17.10
N ALA D 372 -12.44 -12.09 17.20
CA ALA D 372 -11.60 -12.28 16.02
C ALA D 372 -11.76 -13.71 15.54
N ILE D 373 -11.87 -14.63 16.49
CA ILE D 373 -12.04 -16.03 16.14
C ILE D 373 -13.37 -16.19 15.43
N LYS D 374 -14.38 -15.51 15.94
CA LYS D 374 -15.69 -15.60 15.34
C LYS D 374 -15.64 -15.06 13.92
N ALA D 375 -14.89 -13.98 13.72
CA ALA D 375 -14.78 -13.38 12.39
C ALA D 375 -14.31 -14.42 11.40
N ILE D 376 -13.31 -15.22 11.78
CA ILE D 376 -12.81 -16.26 10.90
C ILE D 376 -13.87 -17.33 10.64
N VAL D 377 -14.55 -17.79 11.68
CA VAL D 377 -15.57 -18.80 11.51
C VAL D 377 -16.71 -18.30 10.63
N ASP D 378 -17.14 -17.06 10.88
CA ASP D 378 -18.23 -16.44 10.10
C ASP D 378 -17.93 -16.32 8.61
N ALA D 379 -16.67 -16.20 8.26
CA ALA D 379 -16.24 -16.08 6.87
C ALA D 379 -16.06 -17.45 6.22
N GLY D 380 -16.30 -18.50 7.00
CA GLY D 380 -16.15 -19.86 6.49
C GLY D 380 -14.68 -20.23 6.43
N GLY D 381 -13.89 -19.53 7.23
CA GLY D 381 -12.45 -19.78 7.26
C GLY D 381 -12.01 -21.17 7.63
N VAL D 382 -12.71 -21.82 8.57
CA VAL D 382 -12.35 -23.18 8.99
C VAL D 382 -12.35 -24.11 7.79
N GLU D 383 -13.44 -24.08 7.02
CA GLU D 383 -13.57 -24.91 5.82
C GLU D 383 -12.33 -24.79 4.92
N VAL D 384 -11.99 -23.56 4.57
CA VAL D 384 -10.84 -23.31 3.72
C VAL D 384 -9.53 -23.70 4.40
N LEU D 385 -9.40 -23.38 5.68
CA LEU D 385 -8.21 -23.71 6.41
C LEU D 385 -8.00 -25.22 6.50
N GLN D 386 -9.11 -25.96 6.49
CA GLN D 386 -9.05 -27.40 6.59
C GLN D 386 -8.46 -28.08 5.34
N LYS D 387 -8.89 -27.66 4.16
CA LYS D 387 -8.35 -28.23 2.93
C LYS D 387 -6.85 -27.94 2.83
N LEU D 388 -6.44 -26.81 3.40
CA LEU D 388 -5.03 -26.42 3.36
C LEU D 388 -4.18 -27.31 4.27
N LEU D 389 -4.82 -28.13 5.08
CA LEU D 389 -4.07 -29.02 5.97
C LEU D 389 -3.34 -30.04 5.11
N THR D 390 -3.73 -30.11 3.83
CA THR D 390 -3.13 -31.03 2.90
C THR D 390 -2.55 -30.30 1.69
N SER D 391 -1.97 -29.13 1.95
CA SER D 391 -1.35 -28.32 0.90
C SER D 391 0.04 -28.86 0.65
N THR D 392 0.64 -28.47 -0.46
CA THR D 392 1.97 -28.92 -0.81
C THR D 392 3.04 -28.13 -0.07
N ASP D 393 2.72 -26.88 0.27
CA ASP D 393 3.63 -25.97 0.95
C ASP D 393 3.63 -26.18 2.46
N SER D 394 4.71 -26.75 2.98
CA SER D 394 4.86 -27.01 4.42
C SER D 394 4.42 -25.81 5.26
N GLU D 395 4.91 -24.64 4.90
CA GLU D 395 4.56 -23.44 5.65
C GLU D 395 3.06 -23.13 5.65
N VAL D 396 2.44 -23.27 4.49
CA VAL D 396 1.02 -23.02 4.40
C VAL D 396 0.33 -24.07 5.25
N GLN D 397 0.90 -25.27 5.23
CA GLN D 397 0.36 -26.38 5.99
C GLN D 397 0.49 -26.08 7.47
N LYS D 398 1.69 -25.66 7.88
CA LYS D 398 1.97 -25.34 9.28
C LYS D 398 1.08 -24.22 9.84
N GLU D 399 0.96 -23.11 9.12
CA GLU D 399 0.14 -22.00 9.58
C GLU D 399 -1.35 -22.33 9.55
N ALA D 400 -1.78 -23.09 8.55
CA ALA D 400 -3.17 -23.47 8.46
C ALA D 400 -3.50 -24.28 9.72
N GLN D 401 -2.59 -25.17 10.09
CA GLN D 401 -2.76 -26.03 11.24
C GLN D 401 -2.77 -25.25 12.54
N ARG D 402 -1.97 -24.18 12.63
CA ARG D 402 -1.92 -23.39 13.85
C ARG D 402 -3.20 -22.55 14.02
N ALA D 403 -3.82 -22.18 12.91
CA ALA D 403 -5.03 -21.39 12.99
C ALA D 403 -6.19 -22.25 13.47
N LEU D 404 -6.25 -23.49 12.99
CA LEU D 404 -7.30 -24.41 13.37
C LEU D 404 -7.23 -24.74 14.86
N GLU D 405 -6.02 -24.93 15.36
CA GLU D 405 -5.85 -25.27 16.77
C GLU D 405 -6.24 -24.08 17.62
N ASN D 406 -5.94 -22.87 17.13
CA ASN D 406 -6.31 -21.67 17.87
C ASN D 406 -7.83 -21.48 17.90
N ILE D 407 -8.50 -21.84 16.81
CA ILE D 407 -9.95 -21.73 16.76
C ILE D 407 -10.60 -22.81 17.62
N LYS D 408 -10.32 -24.07 17.29
CA LYS D 408 -10.86 -25.23 18.01
C LYS D 408 -10.67 -25.10 19.53
N SER D 409 -9.50 -24.59 19.93
CA SER D 409 -9.16 -24.42 21.35
C SER D 409 -9.98 -23.36 22.06
N GLY D 410 -9.79 -22.11 21.66
CA GLY D 410 -10.49 -21.01 22.29
C GLY D 410 -9.43 -19.98 22.62
N GLY D 411 -8.28 -20.13 21.98
CA GLY D 411 -7.18 -19.20 22.18
C GLY D 411 -6.18 -19.62 23.24
N TRP D 412 -6.48 -20.70 23.95
CA TRP D 412 -5.61 -21.19 25.01
C TRP D 412 -4.45 -22.08 24.54
N LEU D 413 -3.73 -21.65 23.52
CA LEU D 413 -2.62 -22.45 23.01
C LEU D 413 -1.34 -21.66 22.74
N GLU D 414 -1.41 -20.33 22.85
CA GLU D 414 -0.25 -19.48 22.59
C GLU D 414 0.59 -19.12 23.83
N HIS D 415 1.81 -18.63 23.57
CA HIS D 415 2.75 -18.20 24.60
C HIS D 415 3.48 -16.95 24.14
N MET E 1 2.21 -67.55 67.67
CA MET E 1 1.13 -66.53 67.49
C MET E 1 1.34 -65.34 68.42
N ASN E 2 2.11 -64.36 67.94
CA ASN E 2 2.43 -63.16 68.71
C ASN E 2 1.20 -62.35 69.12
N ASP E 3 1.44 -61.38 69.99
CA ASP E 3 0.39 -60.51 70.51
C ASP E 3 -0.46 -59.83 69.43
N VAL E 4 0.13 -59.62 68.25
CA VAL E 4 -0.58 -58.96 67.16
C VAL E 4 -1.42 -59.91 66.31
N GLU E 5 -0.82 -61.03 65.91
CA GLU E 5 -1.52 -62.04 65.10
C GLU E 5 -2.73 -62.57 65.84
N LYS E 6 -2.59 -62.68 67.15
CA LYS E 6 -3.66 -63.17 68.01
C LYS E 6 -4.85 -62.20 68.02
N LEU E 7 -4.56 -60.91 67.86
CA LEU E 7 -5.59 -59.89 67.88
C LEU E 7 -6.44 -59.92 66.61
N VAL E 8 -5.81 -60.26 65.49
CA VAL E 8 -6.51 -60.34 64.19
C VAL E 8 -7.53 -61.46 64.21
N LYS E 9 -7.20 -62.53 64.94
CA LYS E 9 -8.07 -63.71 65.05
C LYS E 9 -9.31 -63.39 65.87
N LEU E 10 -9.10 -62.68 66.99
CA LEU E 10 -10.20 -62.28 67.87
C LEU E 10 -11.17 -61.38 67.11
N LEU E 11 -10.61 -60.54 66.26
CA LEU E 11 -11.38 -59.61 65.43
C LEU E 11 -12.46 -60.34 64.62
N THR E 12 -12.17 -61.58 64.26
CA THR E 12 -13.08 -62.40 63.45
C THR E 12 -14.18 -63.08 64.27
N SER E 13 -14.21 -62.81 65.57
CA SER E 13 -15.22 -63.40 66.46
C SER E 13 -16.61 -62.93 66.01
N THR E 14 -17.50 -63.87 65.74
CA THR E 14 -18.86 -63.55 65.29
C THR E 14 -19.52 -62.53 66.21
N ASP E 15 -18.91 -62.31 67.37
CA ASP E 15 -19.41 -61.35 68.35
C ASP E 15 -19.38 -59.94 67.77
N SER E 16 -20.51 -59.23 67.87
CA SER E 16 -20.63 -57.87 67.35
C SER E 16 -19.89 -56.82 68.20
N GLU E 17 -19.60 -57.18 69.45
CA GLU E 17 -18.91 -56.27 70.36
C GLU E 17 -17.44 -56.67 70.57
N THR E 18 -17.16 -57.99 70.51
CA THR E 18 -15.80 -58.48 70.68
C THR E 18 -15.02 -58.12 69.42
N GLN E 19 -15.76 -57.65 68.43
CA GLN E 19 -15.19 -57.25 67.14
C GLN E 19 -14.74 -55.79 67.24
N LYS E 20 -15.65 -54.95 67.73
CA LYS E 20 -15.39 -53.51 67.89
C LYS E 20 -14.13 -53.22 68.70
N GLU E 21 -13.89 -54.06 69.72
CA GLU E 21 -12.72 -53.88 70.59
C GLU E 21 -11.43 -54.41 69.97
N ALA E 22 -11.55 -55.40 69.08
CA ALA E 22 -10.39 -55.99 68.43
C ALA E 22 -9.91 -55.06 67.32
N ALA E 23 -10.74 -54.06 66.99
CA ALA E 23 -10.42 -53.10 65.94
C ALA E 23 -9.85 -51.81 66.53
N ARG E 24 -10.36 -51.44 67.71
CA ARG E 24 -9.89 -50.23 68.39
C ARG E 24 -8.45 -50.44 68.86
N ASP E 25 -8.18 -51.64 69.40
CA ASP E 25 -6.83 -51.98 69.87
C ASP E 25 -5.85 -52.07 68.72
N LEU E 26 -6.28 -52.71 67.62
CA LEU E 26 -5.42 -52.83 66.46
C LEU E 26 -5.05 -51.44 65.94
N ALA E 27 -5.96 -50.50 66.11
CA ALA E 27 -5.73 -49.12 65.68
C ALA E 27 -4.49 -48.54 66.37
N GLU E 28 -4.21 -49.03 67.58
CA GLU E 28 -3.07 -48.56 68.37
C GLU E 28 -1.74 -48.94 67.72
N ILE E 29 -1.51 -50.25 67.56
CA ILE E 29 -0.28 -50.73 66.93
C ILE E 29 -0.16 -50.01 65.59
N ALA E 30 -1.29 -49.61 65.03
CA ALA E 30 -1.37 -48.90 63.76
C ALA E 30 -0.90 -47.45 63.88
N SER E 31 -1.53 -46.69 64.77
CA SER E 31 -1.17 -45.30 64.96
C SER E 31 0.28 -45.14 65.44
N GLY E 32 0.99 -46.26 65.51
CA GLY E 32 2.37 -46.25 65.96
C GLY E 32 3.41 -46.07 64.87
N PRO E 33 4.63 -46.59 65.07
CA PRO E 33 5.74 -46.50 64.12
C PRO E 33 5.60 -47.48 62.94
N ALA E 34 6.44 -47.28 61.93
CA ALA E 34 6.43 -48.13 60.73
C ALA E 34 6.70 -49.59 61.12
N SER E 35 7.82 -49.82 61.81
CA SER E 35 8.19 -51.16 62.23
C SER E 35 6.95 -51.88 62.76
N ALA E 36 6.18 -51.17 63.58
CA ALA E 36 4.97 -51.72 64.15
C ALA E 36 3.91 -51.97 63.09
N ILE E 37 3.49 -50.90 62.42
CA ILE E 37 2.47 -50.99 61.38
C ILE E 37 2.80 -52.00 60.30
N LYS E 38 4.08 -52.27 60.12
CA LYS E 38 4.50 -53.22 59.12
C LYS E 38 4.22 -54.63 59.66
N ALA E 39 4.08 -54.75 60.97
CA ALA E 39 3.82 -56.04 61.60
C ALA E 39 2.36 -56.47 61.41
N ILE E 40 1.43 -55.52 61.52
CA ILE E 40 0.01 -55.80 61.33
C ILE E 40 -0.19 -56.28 59.89
N VAL E 41 0.53 -55.63 58.99
CA VAL E 41 0.50 -55.92 57.56
C VAL E 41 1.01 -57.33 57.29
N ASP E 42 2.25 -57.58 57.74
CA ASP E 42 2.92 -58.86 57.55
C ASP E 42 2.30 -59.98 58.38
N ALA E 43 1.10 -59.74 58.88
CA ALA E 43 0.37 -60.73 59.65
C ALA E 43 -0.78 -61.17 58.74
N GLY E 44 -1.01 -60.37 57.70
CA GLY E 44 -2.07 -60.64 56.74
C GLY E 44 -3.43 -60.34 57.34
N GLY E 45 -3.47 -59.35 58.23
CA GLY E 45 -4.72 -58.99 58.88
C GLY E 45 -5.61 -58.03 58.12
N VAL E 46 -4.99 -57.01 57.52
CA VAL E 46 -5.69 -55.98 56.74
C VAL E 46 -6.85 -56.49 55.89
N GLU E 47 -6.73 -57.73 55.42
CA GLU E 47 -7.74 -58.33 54.56
C GLU E 47 -9.10 -58.54 55.22
N VAL E 48 -9.12 -59.19 56.38
CA VAL E 48 -10.40 -59.41 57.07
C VAL E 48 -11.01 -58.06 57.47
N LEU E 49 -10.16 -57.13 57.92
CA LEU E 49 -10.62 -55.81 58.33
C LEU E 49 -11.52 -55.25 57.26
N VAL E 50 -11.00 -55.19 56.04
CA VAL E 50 -11.74 -54.69 54.90
C VAL E 50 -13.16 -55.22 54.94
N LYS E 51 -13.28 -56.53 55.12
CA LYS E 51 -14.57 -57.20 55.18
C LYS E 51 -15.49 -56.67 56.28
N LEU E 52 -14.91 -56.35 57.44
CA LEU E 52 -15.68 -55.84 58.57
C LEU E 52 -16.47 -54.58 58.22
N LEU E 53 -16.07 -53.92 57.12
CA LEU E 53 -16.73 -52.70 56.68
C LEU E 53 -18.17 -52.98 56.28
N THR E 54 -18.40 -54.21 55.83
CA THR E 54 -19.73 -54.62 55.41
C THR E 54 -20.62 -55.15 56.55
N SER E 55 -20.14 -55.02 57.79
CA SER E 55 -20.93 -55.45 58.93
C SER E 55 -22.23 -54.65 58.92
N THR E 56 -23.29 -55.20 59.50
CA THR E 56 -24.57 -54.52 59.53
C THR E 56 -24.67 -53.64 60.76
N ASP E 57 -23.61 -53.66 61.57
CA ASP E 57 -23.55 -52.86 62.79
C ASP E 57 -22.70 -51.61 62.48
N SER E 58 -23.37 -50.47 62.35
CA SER E 58 -22.70 -49.21 62.01
C SER E 58 -21.41 -48.93 62.78
N GLU E 59 -21.30 -49.46 63.99
CA GLU E 59 -20.10 -49.24 64.80
C GLU E 59 -18.98 -50.24 64.50
N VAL E 60 -19.34 -51.40 63.94
CA VAL E 60 -18.32 -52.40 63.60
C VAL E 60 -17.64 -51.89 62.33
N GLN E 61 -18.42 -51.17 61.53
CA GLN E 61 -17.96 -50.59 60.28
C GLN E 61 -17.06 -49.41 60.63
N LYS E 62 -17.54 -48.58 61.55
CA LYS E 62 -16.80 -47.40 62.00
C LYS E 62 -15.38 -47.75 62.48
N GLU E 63 -15.27 -48.70 63.40
CA GLU E 63 -13.97 -49.08 63.92
C GLU E 63 -13.13 -49.91 62.96
N ALA E 64 -13.69 -50.27 61.82
CA ALA E 64 -12.93 -51.04 60.84
C ALA E 64 -12.27 -50.02 59.91
N ALA E 65 -13.01 -48.95 59.62
CA ALA E 65 -12.54 -47.87 58.77
C ALA E 65 -11.46 -47.06 59.49
N ARG E 66 -11.70 -46.79 60.77
CA ARG E 66 -10.74 -46.04 61.57
C ARG E 66 -9.48 -46.89 61.68
N ALA E 67 -9.64 -48.20 61.52
CA ALA E 67 -8.55 -49.15 61.58
C ALA E 67 -7.72 -49.10 60.29
N LEU E 68 -8.36 -49.47 59.18
CA LEU E 68 -7.69 -49.46 57.88
C LEU E 68 -7.05 -48.10 57.61
N ALA E 69 -7.76 -47.03 58.00
CA ALA E 69 -7.28 -45.66 57.81
C ALA E 69 -5.92 -45.43 58.47
N ASN E 70 -5.68 -46.07 59.62
CA ASN E 70 -4.41 -45.90 60.32
C ASN E 70 -3.27 -46.66 59.66
N ILE E 71 -3.60 -47.80 59.05
CA ILE E 71 -2.59 -48.61 58.39
C ILE E 71 -2.13 -47.87 57.14
N ALA E 72 -3.07 -47.15 56.54
CA ALA E 72 -2.83 -46.39 55.31
C ALA E 72 -1.68 -45.39 55.34
N SER E 73 -1.26 -44.95 56.52
CA SER E 73 -0.19 -43.96 56.60
C SER E 73 1.23 -44.50 56.66
N GLY E 74 1.40 -45.80 56.53
CA GLY E 74 2.74 -46.38 56.59
C GLY E 74 3.32 -46.72 55.22
N PRO E 75 4.38 -47.55 55.16
CA PRO E 75 5.02 -47.96 53.92
C PRO E 75 4.03 -48.24 52.78
N ASP E 76 4.48 -48.07 51.55
CA ASP E 76 3.62 -48.29 50.39
C ASP E 76 2.94 -49.65 50.42
N GLU E 77 3.68 -50.66 50.87
CA GLU E 77 3.14 -52.01 50.96
C GLU E 77 1.85 -52.04 51.78
N ALA E 78 1.71 -51.08 52.68
CA ALA E 78 0.52 -50.99 53.52
C ALA E 78 -0.68 -50.65 52.67
N ILE E 79 -0.55 -49.60 51.86
CA ILE E 79 -1.64 -49.17 51.01
C ILE E 79 -1.87 -50.22 49.93
N LYS E 80 -0.80 -50.84 49.45
CA LYS E 80 -0.92 -51.87 48.44
C LYS E 80 -1.69 -53.06 49.01
N ALA E 81 -1.73 -53.14 50.34
CA ALA E 81 -2.45 -54.23 50.99
C ALA E 81 -3.94 -53.93 50.85
N ILE E 82 -4.33 -52.72 51.23
CA ILE E 82 -5.72 -52.27 51.13
C ILE E 82 -6.13 -52.23 49.67
N VAL E 83 -5.17 -51.87 48.82
CA VAL E 83 -5.37 -51.79 47.37
C VAL E 83 -5.71 -53.16 46.80
N ASP E 84 -4.77 -54.09 46.96
CA ASP E 84 -4.95 -55.45 46.47
C ASP E 84 -5.83 -56.24 47.43
N ALA E 85 -6.91 -55.61 47.87
CA ALA E 85 -7.85 -56.25 48.77
C ALA E 85 -9.25 -55.70 48.52
N GLY E 86 -9.38 -54.88 47.48
CA GLY E 86 -10.67 -54.30 47.15
C GLY E 86 -11.10 -53.34 48.22
N GLY E 87 -10.14 -52.90 49.02
CA GLY E 87 -10.41 -51.97 50.09
C GLY E 87 -10.88 -50.62 49.57
N VAL E 88 -10.52 -50.32 48.34
CA VAL E 88 -10.88 -49.05 47.72
C VAL E 88 -12.37 -48.94 47.36
N GLU E 89 -12.87 -49.91 46.60
CA GLU E 89 -14.28 -49.87 46.22
C GLU E 89 -15.20 -49.94 47.43
N VAL E 90 -14.91 -50.86 48.34
CA VAL E 90 -15.70 -51.01 49.55
C VAL E 90 -15.72 -49.71 50.34
N LEU E 91 -14.54 -49.11 50.46
CA LEU E 91 -14.37 -47.86 51.17
C LEU E 91 -15.09 -46.72 50.46
N VAL E 92 -15.20 -46.82 49.13
CA VAL E 92 -15.87 -45.79 48.37
C VAL E 92 -17.39 -45.84 48.56
N LYS E 93 -17.93 -47.04 48.66
CA LYS E 93 -19.38 -47.20 48.85
C LYS E 93 -19.75 -46.78 50.25
N LEU E 94 -18.78 -46.85 51.15
CA LEU E 94 -18.99 -46.46 52.54
C LEU E 94 -19.03 -44.95 52.67
N LEU E 95 -18.49 -44.25 51.68
CA LEU E 95 -18.47 -42.80 51.72
C LEU E 95 -19.88 -42.24 51.71
N THR E 96 -20.86 -43.10 51.47
CA THR E 96 -22.26 -42.67 51.41
C THR E 96 -23.13 -43.19 52.56
N SER E 97 -22.56 -43.99 53.45
CA SER E 97 -23.32 -44.55 54.57
C SER E 97 -24.06 -43.44 55.32
N THR E 98 -25.31 -43.73 55.70
CA THR E 98 -26.15 -42.77 56.41
C THR E 98 -25.50 -42.22 57.68
N ASP E 99 -24.57 -42.98 58.25
CA ASP E 99 -23.86 -42.58 59.47
C ASP E 99 -23.03 -41.32 59.27
N SER E 100 -22.74 -40.63 60.38
CA SER E 100 -21.93 -39.43 60.31
C SER E 100 -20.50 -39.79 60.69
N GLU E 101 -20.37 -40.79 61.56
CA GLU E 101 -19.06 -41.24 62.02
C GLU E 101 -18.53 -42.50 61.31
N VAL E 102 -19.12 -42.80 60.16
CA VAL E 102 -18.69 -43.95 59.36
C VAL E 102 -18.25 -43.40 58.00
N GLN E 103 -18.70 -42.18 57.72
CA GLN E 103 -18.39 -41.49 56.48
C GLN E 103 -17.07 -40.73 56.64
N LYS E 104 -16.79 -40.31 57.88
CA LYS E 104 -15.58 -39.56 58.19
C LYS E 104 -14.31 -40.40 58.10
N GLU E 105 -14.19 -41.39 58.98
CA GLU E 105 -13.00 -42.25 58.99
C GLU E 105 -12.85 -43.14 57.77
N ALA E 106 -13.85 -43.12 56.91
CA ALA E 106 -13.82 -43.91 55.69
C ALA E 106 -13.07 -43.10 54.65
N ALA E 107 -13.45 -41.83 54.52
CA ALA E 107 -12.84 -40.90 53.58
C ALA E 107 -11.43 -40.59 54.03
N ARG E 108 -11.19 -40.73 55.33
CA ARG E 108 -9.88 -40.47 55.90
C ARG E 108 -8.94 -41.60 55.50
N ALA E 109 -9.52 -42.78 55.26
CA ALA E 109 -8.74 -43.94 54.85
C ALA E 109 -8.25 -43.71 53.42
N LEU E 110 -9.18 -43.34 52.55
CA LEU E 110 -8.86 -43.07 51.15
C LEU E 110 -7.92 -41.86 51.06
N ALA E 111 -8.22 -40.82 51.85
CA ALA E 111 -7.41 -39.61 51.88
C ALA E 111 -5.97 -39.95 52.26
N ASN E 112 -5.80 -41.05 52.99
CA ASN E 112 -4.46 -41.47 53.38
C ASN E 112 -3.92 -42.40 52.30
N ILE E 113 -4.84 -43.09 51.62
CA ILE E 113 -4.47 -43.99 50.54
C ILE E 113 -4.00 -43.15 49.36
N ALA E 114 -4.53 -41.94 49.28
CA ALA E 114 -4.23 -40.99 48.20
C ALA E 114 -2.87 -40.28 48.33
N SER E 115 -2.21 -40.41 49.47
CA SER E 115 -0.92 -39.76 49.66
C SER E 115 0.19 -40.73 49.30
N GLY E 116 -0.21 -41.88 48.76
CA GLY E 116 0.75 -42.88 48.35
C GLY E 116 1.16 -42.73 46.90
N PRO E 117 1.58 -43.82 46.25
CA PRO E 117 2.00 -43.82 44.84
C PRO E 117 0.84 -43.63 43.86
N ASP E 118 1.13 -43.04 42.70
CA ASP E 118 0.11 -42.79 41.68
C ASP E 118 -0.78 -44.02 41.50
N GLU E 119 -0.15 -45.19 41.53
CA GLU E 119 -0.85 -46.46 41.38
C GLU E 119 -2.14 -46.45 42.20
N ALA E 120 -2.01 -46.07 43.47
CA ALA E 120 -3.15 -46.00 44.39
C ALA E 120 -4.07 -44.85 44.02
N ILE E 121 -3.48 -43.69 43.74
CA ILE E 121 -4.23 -42.50 43.38
C ILE E 121 -5.22 -42.83 42.27
N LYS E 122 -4.76 -43.59 41.28
CA LYS E 122 -5.63 -43.98 40.18
C LYS E 122 -6.56 -45.12 40.60
N ALA E 123 -6.07 -45.99 41.47
CA ALA E 123 -6.88 -47.11 41.95
C ALA E 123 -8.17 -46.58 42.57
N ILE E 124 -8.10 -45.36 43.10
CA ILE E 124 -9.26 -44.74 43.72
C ILE E 124 -10.15 -44.13 42.65
N VAL E 125 -9.51 -43.44 41.71
CA VAL E 125 -10.23 -42.81 40.60
C VAL E 125 -10.96 -43.88 39.79
N ASP E 126 -10.26 -44.98 39.52
CA ASP E 126 -10.81 -46.10 38.77
C ASP E 126 -12.07 -46.60 39.46
N ALA E 127 -12.07 -46.58 40.80
CA ALA E 127 -13.22 -47.03 41.57
C ALA E 127 -14.36 -46.00 41.51
N GLY E 128 -14.05 -44.81 40.99
CA GLY E 128 -15.05 -43.77 40.87
C GLY E 128 -15.26 -42.94 42.12
N GLY E 129 -14.26 -42.95 43.00
CA GLY E 129 -14.35 -42.22 44.25
C GLY E 129 -14.36 -40.71 44.15
N VAL E 130 -13.72 -40.18 43.12
CA VAL E 130 -13.67 -38.73 42.94
C VAL E 130 -15.08 -38.12 42.88
N GLU E 131 -15.89 -38.58 41.93
CA GLU E 131 -17.26 -38.09 41.77
C GLU E 131 -18.02 -38.10 43.10
N VAL E 132 -17.76 -39.14 43.90
CA VAL E 132 -18.41 -39.28 45.19
C VAL E 132 -17.77 -38.30 46.17
N LEU E 133 -16.45 -38.32 46.25
CA LEU E 133 -15.73 -37.43 47.16
C LEU E 133 -16.11 -35.99 46.87
N VAL E 134 -16.26 -35.67 45.58
CA VAL E 134 -16.62 -34.32 45.19
C VAL E 134 -18.02 -33.95 45.64
N LYS E 135 -18.84 -34.96 45.95
CA LYS E 135 -20.20 -34.68 46.41
C LYS E 135 -20.23 -34.33 47.91
N LEU E 136 -19.55 -35.13 48.74
CA LEU E 136 -19.55 -34.84 50.18
C LEU E 136 -18.76 -33.60 50.53
N LEU E 137 -18.19 -32.94 49.52
CA LEU E 137 -17.43 -31.71 49.77
C LEU E 137 -18.41 -30.70 50.35
N THR E 138 -19.66 -30.82 49.92
CA THR E 138 -20.73 -29.92 50.37
C THR E 138 -21.41 -30.45 51.64
N SER E 139 -20.95 -31.59 52.12
CA SER E 139 -21.51 -32.20 53.32
C SER E 139 -21.57 -31.18 54.46
N THR E 140 -22.72 -31.09 55.10
CA THR E 140 -22.93 -30.16 56.21
C THR E 140 -22.10 -30.53 57.43
N ASP E 141 -21.48 -31.72 57.38
CA ASP E 141 -20.64 -32.20 58.48
C ASP E 141 -19.19 -31.78 58.20
N SER E 142 -18.79 -30.64 58.76
CA SER E 142 -17.44 -30.10 58.56
C SER E 142 -16.33 -31.13 58.77
N GLU E 143 -16.59 -32.15 59.57
CA GLU E 143 -15.58 -33.15 59.84
C GLU E 143 -15.39 -34.11 58.67
N VAL E 144 -16.47 -34.43 57.97
CA VAL E 144 -16.37 -35.32 56.83
C VAL E 144 -15.95 -34.52 55.60
N GLN E 145 -16.36 -33.25 55.57
CA GLN E 145 -16.03 -32.33 54.49
C GLN E 145 -14.52 -32.08 54.43
N LYS E 146 -13.86 -32.21 55.57
CA LYS E 146 -12.42 -32.00 55.66
C LYS E 146 -11.60 -33.10 54.99
N GLU E 147 -11.90 -34.35 55.34
CA GLU E 147 -11.17 -35.48 54.75
C GLU E 147 -11.42 -35.59 53.25
N ALA E 148 -12.59 -35.13 52.80
CA ALA E 148 -12.93 -35.17 51.38
C ALA E 148 -12.07 -34.16 50.63
N ALA E 149 -11.91 -32.97 51.20
CA ALA E 149 -11.10 -31.94 50.58
C ALA E 149 -9.62 -32.31 50.73
N ARG E 150 -9.34 -33.24 51.65
CA ARG E 150 -7.98 -33.68 51.88
C ARG E 150 -7.61 -34.75 50.86
N ALA E 151 -8.48 -35.74 50.69
CA ALA E 151 -8.23 -36.79 49.72
C ALA E 151 -8.11 -36.19 48.31
N LEU E 152 -9.08 -35.36 47.92
CA LEU E 152 -9.03 -34.75 46.60
C LEU E 152 -7.72 -33.99 46.38
N ALA E 153 -7.33 -33.19 47.35
CA ALA E 153 -6.08 -32.44 47.24
C ALA E 153 -4.92 -33.41 47.09
N ASN E 154 -5.05 -34.59 47.72
CA ASN E 154 -4.02 -35.61 47.66
C ASN E 154 -3.98 -36.25 46.28
N ILE E 155 -5.15 -36.43 45.68
CA ILE E 155 -5.24 -37.02 44.36
C ILE E 155 -4.71 -36.02 43.33
N ALA E 156 -5.08 -34.75 43.48
CA ALA E 156 -4.65 -33.71 42.56
C ALA E 156 -3.14 -33.58 42.40
N SER E 157 -2.38 -34.30 43.21
CA SER E 157 -0.91 -34.25 43.10
C SER E 157 -0.45 -35.43 42.26
N GLY E 158 -1.40 -36.30 41.94
CA GLY E 158 -1.12 -37.48 41.14
C GLY E 158 -1.12 -37.21 39.65
N PRO E 159 -1.35 -38.26 38.82
CA PRO E 159 -1.38 -38.19 37.36
C PRO E 159 -2.41 -37.23 36.77
N ASP E 160 -2.14 -36.77 35.55
CA ASP E 160 -3.03 -35.85 34.85
C ASP E 160 -4.42 -36.49 34.82
N GLU E 161 -4.45 -37.80 34.59
CA GLU E 161 -5.69 -38.56 34.52
C GLU E 161 -6.52 -38.34 35.79
N ALA E 162 -5.87 -38.37 36.95
CA ALA E 162 -6.56 -38.16 38.21
C ALA E 162 -7.08 -36.72 38.26
N ILE E 163 -6.30 -35.78 37.73
CA ILE E 163 -6.70 -34.39 37.72
C ILE E 163 -7.93 -34.23 36.82
N LYS E 164 -7.87 -34.91 35.68
CA LYS E 164 -8.95 -34.92 34.71
C LYS E 164 -10.21 -35.33 35.47
N ALA E 165 -10.11 -36.45 36.18
CA ALA E 165 -11.22 -36.95 36.97
C ALA E 165 -11.97 -35.86 37.74
N ILE E 166 -11.25 -35.15 38.60
CA ILE E 166 -11.86 -34.10 39.42
C ILE E 166 -12.54 -33.02 38.59
N VAL E 167 -11.83 -32.48 37.61
CA VAL E 167 -12.38 -31.43 36.78
C VAL E 167 -13.56 -31.94 35.97
N ASP E 168 -13.69 -33.25 35.88
CA ASP E 168 -14.80 -33.84 35.14
C ASP E 168 -16.03 -33.99 36.03
N ALA E 169 -15.81 -34.00 37.34
CA ALA E 169 -16.92 -34.14 38.28
C ALA E 169 -17.39 -32.77 38.75
N GLY E 170 -16.80 -31.72 38.20
CA GLY E 170 -17.17 -30.36 38.58
C GLY E 170 -16.45 -29.94 39.85
N GLY E 171 -15.44 -30.73 40.22
CA GLY E 171 -14.66 -30.45 41.40
C GLY E 171 -14.17 -29.02 41.55
N VAL E 172 -13.48 -28.51 40.53
CA VAL E 172 -12.95 -27.16 40.58
C VAL E 172 -13.96 -26.12 41.05
N GLU E 173 -15.17 -26.17 40.51
CA GLU E 173 -16.20 -25.21 40.90
C GLU E 173 -16.46 -25.25 42.41
N VAL E 174 -16.69 -26.45 42.94
CA VAL E 174 -16.94 -26.63 44.37
C VAL E 174 -15.73 -26.16 45.18
N LEU E 175 -14.56 -26.71 44.87
CA LEU E 175 -13.32 -26.34 45.57
C LEU E 175 -13.12 -24.83 45.55
N VAL E 176 -13.40 -24.22 44.42
CA VAL E 176 -13.26 -22.77 44.29
C VAL E 176 -14.16 -22.09 45.32
N LYS E 177 -15.20 -22.80 45.76
CA LYS E 177 -16.07 -22.24 46.77
C LYS E 177 -15.52 -22.52 48.16
N LEU E 178 -15.01 -23.73 48.35
CA LEU E 178 -14.45 -24.10 49.64
C LEU E 178 -13.31 -23.18 50.08
N LEU E 179 -12.82 -22.35 49.17
CA LEU E 179 -11.74 -21.43 49.52
C LEU E 179 -12.25 -20.35 50.47
N THR E 180 -13.47 -19.89 50.25
CA THR E 180 -14.08 -18.88 51.10
C THR E 180 -14.78 -19.52 52.29
N SER E 181 -14.30 -20.70 52.69
CA SER E 181 -14.89 -21.45 53.80
C SER E 181 -14.41 -20.93 55.16
N THR E 182 -15.26 -21.06 56.16
CA THR E 182 -14.94 -20.61 57.52
C THR E 182 -14.06 -21.63 58.22
N ASP E 183 -13.97 -22.83 57.65
CA ASP E 183 -13.14 -23.87 58.23
C ASP E 183 -11.73 -23.79 57.64
N SER E 184 -10.74 -23.57 58.49
CA SER E 184 -9.35 -23.46 58.05
C SER E 184 -8.80 -24.62 57.23
N GLU E 185 -9.17 -25.85 57.59
CA GLU E 185 -8.71 -27.03 56.87
C GLU E 185 -9.42 -27.20 55.54
N VAL E 186 -10.75 -27.12 55.56
CA VAL E 186 -11.51 -27.26 54.34
C VAL E 186 -11.01 -26.19 53.38
N GLN E 187 -10.41 -25.14 53.95
CA GLN E 187 -9.87 -24.03 53.18
C GLN E 187 -8.47 -24.36 52.68
N LYS E 188 -7.57 -24.73 53.59
CA LYS E 188 -6.20 -25.07 53.21
C LYS E 188 -6.15 -26.28 52.28
N GLU E 189 -6.99 -27.29 52.54
CA GLU E 189 -7.02 -28.48 51.71
C GLU E 189 -7.54 -28.13 50.32
N ALA E 190 -8.44 -27.16 50.28
CA ALA E 190 -9.00 -26.72 49.01
C ALA E 190 -7.92 -25.94 48.27
N ALA E 191 -7.37 -24.95 48.95
CA ALA E 191 -6.32 -24.13 48.36
C ALA E 191 -5.17 -25.03 47.89
N ARG E 192 -4.95 -26.10 48.65
CA ARG E 192 -3.89 -27.04 48.35
C ARG E 192 -4.28 -27.85 47.13
N ALA E 193 -5.54 -28.29 47.10
CA ALA E 193 -6.04 -29.09 45.98
C ALA E 193 -5.94 -28.30 44.68
N LEU E 194 -6.47 -27.07 44.69
CA LEU E 194 -6.45 -26.22 43.49
C LEU E 194 -5.06 -25.96 42.98
N ALA E 195 -4.12 -25.73 43.90
CA ALA E 195 -2.74 -25.47 43.52
C ALA E 195 -2.16 -26.68 42.79
N ASN E 196 -2.56 -27.87 43.23
CA ASN E 196 -2.10 -29.12 42.63
C ASN E 196 -2.71 -29.35 41.26
N ILE E 197 -3.99 -28.99 41.11
CA ILE E 197 -4.69 -29.14 39.85
C ILE E 197 -4.05 -28.23 38.82
N ALA E 198 -3.84 -26.97 39.19
CA ALA E 198 -3.23 -25.99 38.30
C ALA E 198 -1.88 -26.45 37.75
N SER E 199 -1.25 -27.41 38.41
CA SER E 199 0.05 -27.91 37.95
C SER E 199 -0.10 -28.84 36.77
N GLY E 200 -1.32 -29.25 36.49
CA GLY E 200 -1.57 -30.14 35.36
C GLY E 200 -1.72 -29.42 34.04
N PRO E 201 -2.36 -30.03 33.03
CA PRO E 201 -2.56 -29.41 31.71
C PRO E 201 -3.35 -28.09 31.72
N THR E 202 -3.51 -27.51 30.54
CA THR E 202 -4.22 -26.25 30.38
C THR E 202 -5.72 -26.39 30.69
N SER E 203 -6.23 -27.60 30.52
CA SER E 203 -7.64 -27.88 30.79
C SER E 203 -7.93 -27.67 32.27
N ALA E 204 -6.91 -27.92 33.09
CA ALA E 204 -7.02 -27.75 34.53
C ALA E 204 -7.03 -26.27 34.86
N ILE E 205 -6.02 -25.55 34.38
CA ILE E 205 -5.94 -24.11 34.64
C ILE E 205 -7.18 -23.47 34.08
N LYS E 206 -7.54 -23.84 32.86
CA LYS E 206 -8.74 -23.30 32.24
C LYS E 206 -9.90 -23.39 33.21
N ALA E 207 -10.17 -24.61 33.69
CA ALA E 207 -11.27 -24.86 34.63
C ALA E 207 -11.30 -23.89 35.81
N ILE E 208 -10.15 -23.75 36.47
CA ILE E 208 -10.04 -22.88 37.65
C ILE E 208 -10.36 -21.42 37.31
N VAL E 209 -9.86 -20.96 36.17
CA VAL E 209 -10.08 -19.58 35.73
C VAL E 209 -11.53 -19.35 35.32
N ASP E 210 -12.09 -20.29 34.56
CA ASP E 210 -13.47 -20.16 34.12
C ASP E 210 -14.43 -20.15 35.30
N ALA E 211 -14.10 -20.91 36.34
CA ALA E 211 -14.93 -20.99 37.53
C ALA E 211 -14.72 -19.82 38.47
N GLY E 212 -13.98 -18.82 38.01
CA GLY E 212 -13.72 -17.63 38.81
C GLY E 212 -12.78 -17.81 39.99
N GLY E 213 -11.94 -18.85 39.94
CA GLY E 213 -11.00 -19.12 41.02
C GLY E 213 -9.85 -18.14 41.15
N VAL E 214 -9.40 -17.57 40.03
CA VAL E 214 -8.29 -16.62 40.05
C VAL E 214 -8.55 -15.47 41.02
N GLU E 215 -9.80 -15.04 41.09
CA GLU E 215 -10.19 -13.96 41.99
C GLU E 215 -10.02 -14.41 43.44
N VAL E 216 -10.75 -15.46 43.82
CA VAL E 216 -10.72 -16.01 45.17
C VAL E 216 -9.31 -16.29 45.70
N LEU E 217 -8.42 -16.73 44.81
CA LEU E 217 -7.04 -17.02 45.17
C LEU E 217 -6.25 -15.74 45.38
N VAL E 218 -6.56 -14.72 44.58
CA VAL E 218 -5.88 -13.44 44.71
C VAL E 218 -6.10 -12.88 46.10
N LYS E 219 -7.31 -13.06 46.63
CA LYS E 219 -7.62 -12.56 47.96
C LYS E 219 -6.98 -13.44 49.03
N LEU E 220 -7.07 -14.76 48.87
CA LEU E 220 -6.47 -15.69 49.82
C LEU E 220 -5.01 -15.38 50.10
N LEU E 221 -4.37 -14.64 49.20
CA LEU E 221 -2.97 -14.26 49.39
C LEU E 221 -2.82 -13.38 50.62
N THR E 222 -3.87 -12.60 50.92
CA THR E 222 -3.86 -11.70 52.07
C THR E 222 -4.33 -12.36 53.37
N SER E 223 -4.39 -13.69 53.37
CA SER E 223 -4.79 -14.42 54.58
C SER E 223 -3.68 -14.17 55.60
N THR E 224 -4.05 -14.00 56.87
CA THR E 224 -3.06 -13.75 57.91
C THR E 224 -2.10 -14.94 58.06
N ASP E 225 -2.60 -16.13 57.71
CA ASP E 225 -1.79 -17.33 57.80
C ASP E 225 -0.91 -17.57 56.57
N SER E 226 0.40 -17.65 56.79
CA SER E 226 1.35 -17.86 55.72
C SER E 226 1.15 -19.22 55.05
N GLU E 227 0.55 -20.15 55.78
CA GLU E 227 0.32 -21.48 55.24
C GLU E 227 -0.75 -21.41 54.15
N VAL E 228 -1.73 -20.54 54.34
CA VAL E 228 -2.79 -20.36 53.36
C VAL E 228 -2.20 -19.60 52.17
N GLN E 229 -1.42 -18.57 52.49
CA GLN E 229 -0.81 -17.74 51.47
C GLN E 229 0.08 -18.49 50.47
N LYS E 230 0.95 -19.37 50.95
CA LYS E 230 1.83 -20.11 50.07
C LYS E 230 1.06 -20.97 49.07
N GLU E 231 -0.01 -21.60 49.54
CA GLU E 231 -0.84 -22.43 48.68
C GLU E 231 -1.52 -21.57 47.62
N ALA E 232 -2.18 -20.51 48.07
CA ALA E 232 -2.86 -19.62 47.15
C ALA E 232 -1.84 -19.03 46.18
N ALA E 233 -0.62 -18.85 46.66
CA ALA E 233 0.44 -18.30 45.81
C ALA E 233 0.93 -19.39 44.85
N ARG E 234 1.05 -20.61 45.34
CA ARG E 234 1.51 -21.70 44.49
C ARG E 234 0.49 -21.94 43.37
N ALA E 235 -0.78 -21.70 43.66
CA ALA E 235 -1.84 -21.85 42.67
C ALA E 235 -1.68 -20.79 41.59
N LEU E 236 -1.50 -19.55 42.01
CA LEU E 236 -1.32 -18.46 41.07
C LEU E 236 -0.11 -18.70 40.18
N ALA E 237 0.97 -19.20 40.78
CA ALA E 237 2.18 -19.48 40.02
C ALA E 237 1.94 -20.58 38.99
N ASN E 238 1.30 -21.66 39.41
CA ASN E 238 1.02 -22.76 38.48
C ASN E 238 0.16 -22.28 37.32
N ILE E 239 -0.76 -21.36 37.61
CA ILE E 239 -1.67 -20.79 36.61
C ILE E 239 -0.93 -19.85 35.66
N ALA E 240 -0.05 -19.01 36.23
CA ALA E 240 0.71 -18.04 35.45
C ALA E 240 1.76 -18.68 34.55
N SER E 241 1.77 -20.00 34.46
CA SER E 241 2.74 -20.68 33.61
C SER E 241 2.03 -21.12 32.33
N GLY E 242 0.70 -21.13 32.40
CA GLY E 242 -0.09 -21.52 31.26
C GLY E 242 -0.08 -20.41 30.20
N PRO E 243 -0.91 -20.54 29.15
CA PRO E 243 -0.98 -19.54 28.09
C PRO E 243 -1.40 -18.13 28.54
N ASP E 244 -1.31 -17.18 27.61
CA ASP E 244 -1.65 -15.79 27.89
C ASP E 244 -2.99 -15.50 28.56
N GLU E 245 -4.06 -16.17 28.13
CA GLU E 245 -5.37 -15.95 28.73
C GLU E 245 -5.28 -16.15 30.24
N ALA E 246 -4.57 -17.21 30.64
CA ALA E 246 -4.39 -17.54 32.05
C ALA E 246 -3.61 -16.46 32.80
N ILE E 247 -2.63 -15.84 32.14
CA ILE E 247 -1.85 -14.78 32.77
C ILE E 247 -2.70 -13.53 32.88
N LYS E 248 -3.41 -13.24 31.79
CA LYS E 248 -4.29 -12.08 31.71
C LYS E 248 -5.28 -12.11 32.86
N ALA E 249 -5.91 -13.26 33.06
CA ALA E 249 -6.90 -13.44 34.12
C ALA E 249 -6.42 -12.88 35.46
N ILE E 250 -5.19 -13.17 35.82
CA ILE E 250 -4.61 -12.69 37.08
C ILE E 250 -4.49 -11.17 37.06
N VAL E 251 -4.00 -10.64 35.94
CA VAL E 251 -3.83 -9.20 35.77
C VAL E 251 -5.17 -8.48 35.93
N ASP E 252 -6.22 -9.08 35.38
CA ASP E 252 -7.56 -8.49 35.46
C ASP E 252 -8.09 -8.50 36.88
N ALA E 253 -7.67 -9.50 37.65
CA ALA E 253 -8.11 -9.62 39.03
C ALA E 253 -7.21 -8.78 39.92
N GLY E 254 -6.28 -8.06 39.29
CA GLY E 254 -5.37 -7.22 40.03
C GLY E 254 -4.55 -8.04 41.03
N GLY E 255 -4.15 -9.23 40.60
CA GLY E 255 -3.38 -10.10 41.45
C GLY E 255 -1.92 -9.66 41.53
N VAL E 256 -1.41 -9.12 40.43
CA VAL E 256 -0.02 -8.68 40.36
C VAL E 256 0.27 -7.69 41.49
N GLU E 257 -0.55 -6.65 41.57
CA GLU E 257 -0.41 -5.63 42.60
C GLU E 257 -0.43 -6.27 44.00
N VAL E 258 -1.10 -7.41 44.12
CA VAL E 258 -1.18 -8.11 45.40
C VAL E 258 0.04 -8.99 45.61
N LEU E 259 0.50 -9.65 44.54
CA LEU E 259 1.66 -10.53 44.59
C LEU E 259 2.93 -9.74 44.90
N VAL E 260 3.05 -8.55 44.33
CA VAL E 260 4.22 -7.71 44.58
C VAL E 260 4.39 -7.50 46.08
N LYS E 261 3.28 -7.20 46.75
CA LYS E 261 3.25 -6.98 48.19
C LYS E 261 3.67 -8.26 48.91
N LEU E 262 3.15 -9.39 48.44
CA LEU E 262 3.43 -10.69 49.02
C LEU E 262 4.91 -11.06 48.89
N LEU E 263 5.64 -10.31 48.07
CA LEU E 263 7.07 -10.55 47.85
C LEU E 263 7.83 -10.20 49.11
N THR E 264 7.29 -9.25 49.87
CA THR E 264 7.90 -8.79 51.10
C THR E 264 7.35 -9.55 52.31
N SER E 265 6.99 -10.81 52.12
CA SER E 265 6.47 -11.62 53.21
C SER E 265 7.64 -12.07 54.08
N THR E 266 7.39 -12.25 55.37
CA THR E 266 8.43 -12.69 56.30
C THR E 266 8.66 -14.20 56.19
N ASP E 267 8.10 -14.80 55.14
CA ASP E 267 8.26 -16.22 54.93
C ASP E 267 9.29 -16.52 53.86
N SER E 268 9.28 -17.76 53.39
CA SER E 268 10.20 -18.22 52.36
C SER E 268 9.36 -18.74 51.21
N GLU E 269 8.53 -19.73 51.50
CA GLU E 269 7.66 -20.30 50.49
C GLU E 269 6.75 -19.23 49.92
N VAL E 270 6.04 -18.52 50.80
CA VAL E 270 5.17 -17.46 50.36
C VAL E 270 5.94 -16.51 49.47
N GLN E 271 7.14 -16.14 49.93
CA GLN E 271 8.00 -15.23 49.20
C GLN E 271 8.44 -15.82 47.86
N LYS E 272 8.96 -17.04 47.89
CA LYS E 272 9.44 -17.71 46.68
C LYS E 272 8.33 -18.03 45.67
N GLU E 273 7.17 -18.43 46.16
CA GLU E 273 6.07 -18.77 45.26
C GLU E 273 5.46 -17.51 44.65
N ALA E 274 5.55 -16.40 45.36
CA ALA E 274 4.99 -15.16 44.84
C ALA E 274 5.95 -14.61 43.80
N ALA E 275 7.23 -14.91 43.96
CA ALA E 275 8.24 -14.46 43.01
C ALA E 275 8.22 -15.37 41.80
N ARG E 276 8.09 -16.67 42.04
CA ARG E 276 8.04 -17.64 40.95
C ARG E 276 6.81 -17.32 40.09
N ALA E 277 5.75 -16.86 40.75
CA ALA E 277 4.51 -16.51 40.07
C ALA E 277 4.72 -15.26 39.21
N LEU E 278 5.27 -14.21 39.83
CA LEU E 278 5.52 -12.97 39.12
C LEU E 278 6.44 -13.18 37.92
N ALA E 279 7.41 -14.07 38.07
CA ALA E 279 8.35 -14.36 36.98
C ALA E 279 7.59 -14.94 35.79
N ASN E 280 6.63 -15.82 36.08
CA ASN E 280 5.83 -16.44 35.03
C ASN E 280 4.97 -15.40 34.30
N ILE E 281 4.57 -14.38 35.05
CA ILE E 281 3.75 -13.32 34.47
C ILE E 281 4.63 -12.41 33.62
N ALA E 282 5.91 -12.37 33.93
CA ALA E 282 6.85 -11.54 33.18
C ALA E 282 7.19 -12.21 31.84
N SER E 283 7.00 -13.51 31.77
CA SER E 283 7.28 -14.26 30.55
C SER E 283 6.11 -14.13 29.58
N GLY E 284 5.16 -13.27 29.94
CA GLY E 284 4.00 -13.07 29.10
C GLY E 284 4.05 -11.79 28.29
N PRO E 285 2.93 -11.42 27.63
CA PRO E 285 2.86 -10.21 26.81
C PRO E 285 3.23 -8.94 27.59
N ASP E 286 3.64 -7.90 26.85
CA ASP E 286 4.06 -6.62 27.42
C ASP E 286 3.13 -6.03 28.50
N GLU E 287 1.82 -6.05 28.25
CA GLU E 287 0.87 -5.49 29.23
C GLU E 287 1.11 -6.13 30.59
N ALA E 288 1.41 -7.43 30.58
CA ALA E 288 1.68 -8.14 31.82
C ALA E 288 2.87 -7.50 32.50
N ILE E 289 3.97 -7.33 31.78
CA ILE E 289 5.17 -6.72 32.35
C ILE E 289 4.89 -5.33 32.89
N LYS E 290 4.15 -4.53 32.12
CA LYS E 290 3.83 -3.18 32.54
C LYS E 290 3.08 -3.18 33.87
N ALA E 291 2.19 -4.15 34.06
CA ALA E 291 1.43 -4.25 35.29
C ALA E 291 2.38 -4.45 36.47
N ILE E 292 3.46 -5.18 36.24
CA ILE E 292 4.46 -5.43 37.27
C ILE E 292 5.26 -4.15 37.51
N VAL E 293 5.48 -3.39 36.45
CA VAL E 293 6.23 -2.14 36.54
C VAL E 293 5.36 -1.03 37.12
N ASP E 294 4.05 -1.16 36.97
CA ASP E 294 3.12 -0.16 37.49
C ASP E 294 2.88 -0.31 39.00
N ALA E 295 2.82 -1.56 39.47
CA ALA E 295 2.60 -1.81 40.89
C ALA E 295 3.88 -1.53 41.69
N GLY E 296 4.98 -1.33 40.98
CA GLY E 296 6.25 -1.05 41.63
C GLY E 296 7.02 -2.30 41.96
N GLY E 297 6.70 -3.39 41.28
CA GLY E 297 7.37 -4.65 41.51
C GLY E 297 8.82 -4.71 41.10
N VAL E 298 9.24 -3.82 40.19
CA VAL E 298 10.61 -3.82 39.73
C VAL E 298 11.60 -3.60 40.86
N GLU E 299 11.37 -2.56 41.66
CA GLU E 299 12.28 -2.25 42.76
C GLU E 299 12.24 -3.26 43.92
N VAL E 300 11.10 -3.94 44.09
CA VAL E 300 10.96 -4.92 45.17
C VAL E 300 11.84 -6.14 44.87
N LEU E 301 11.89 -6.53 43.60
CA LEU E 301 12.71 -7.65 43.15
C LEU E 301 14.18 -7.27 43.18
N VAL E 302 14.44 -5.97 43.31
CA VAL E 302 15.80 -5.46 43.37
C VAL E 302 16.40 -5.82 44.72
N LYS E 303 15.59 -5.67 45.76
CA LYS E 303 16.03 -5.99 47.11
C LYS E 303 15.96 -7.50 47.31
N LEU E 304 15.09 -8.17 46.56
CA LEU E 304 14.95 -9.61 46.65
C LEU E 304 16.17 -10.33 46.07
N LEU E 305 17.01 -9.57 45.38
CA LEU E 305 18.23 -10.15 44.80
C LEU E 305 19.24 -10.29 45.93
N THR E 306 18.99 -9.57 47.01
CA THR E 306 19.86 -9.59 48.18
C THR E 306 19.13 -10.36 49.29
N SER E 307 18.75 -11.59 48.97
CA SER E 307 18.04 -12.45 49.91
C SER E 307 18.90 -13.60 50.41
N THR E 308 18.58 -14.05 51.63
CA THR E 308 19.28 -15.15 52.26
C THR E 308 19.06 -16.46 51.49
N ASP E 309 17.80 -16.69 51.06
CA ASP E 309 17.46 -17.89 50.31
C ASP E 309 18.01 -17.80 48.89
N SER E 310 18.27 -18.95 48.29
CA SER E 310 18.80 -19.01 46.93
C SER E 310 17.67 -18.95 45.90
N GLU E 311 16.63 -19.75 46.13
CA GLU E 311 15.48 -19.77 45.23
C GLU E 311 14.84 -18.41 45.16
N VAL E 312 14.56 -17.83 46.32
CA VAL E 312 13.93 -16.52 46.34
C VAL E 312 14.77 -15.53 45.55
N GLN E 313 16.07 -15.79 45.48
CA GLN E 313 17.00 -14.93 44.77
C GLN E 313 17.03 -15.31 43.30
N LYS E 314 16.76 -16.58 43.03
CA LYS E 314 16.74 -17.10 41.67
C LYS E 314 15.48 -16.71 40.90
N GLU E 315 14.31 -17.02 41.46
CA GLU E 315 13.06 -16.70 40.81
C GLU E 315 12.85 -15.20 40.63
N ALA E 316 13.55 -14.40 41.43
CA ALA E 316 13.45 -12.96 41.32
C ALA E 316 14.37 -12.54 40.17
N ALA E 317 15.44 -13.29 39.98
CA ALA E 317 16.37 -13.00 38.89
C ALA E 317 15.62 -13.35 37.61
N ARG E 318 15.13 -14.59 37.55
CA ARG E 318 14.38 -15.08 36.40
C ARG E 318 13.28 -14.10 36.06
N ALA E 319 12.65 -13.56 37.10
CA ALA E 319 11.58 -12.59 36.93
C ALA E 319 12.12 -11.32 36.30
N LEU E 320 13.10 -10.69 36.96
CA LEU E 320 13.68 -9.48 36.42
C LEU E 320 14.23 -9.70 35.02
N ALA E 321 14.85 -10.84 34.79
CA ALA E 321 15.38 -11.13 33.47
C ALA E 321 14.25 -11.05 32.47
N ASN E 322 13.16 -11.78 32.75
CA ASN E 322 12.00 -11.79 31.86
C ASN E 322 11.44 -10.40 31.64
N ILE E 323 11.57 -9.55 32.65
CA ILE E 323 11.06 -8.20 32.56
C ILE E 323 11.92 -7.30 31.67
N ALA E 324 13.20 -7.60 31.58
CA ALA E 324 14.12 -6.81 30.77
C ALA E 324 14.06 -7.19 29.29
N SER E 325 13.15 -8.09 28.94
CA SER E 325 13.01 -8.53 27.56
C SER E 325 11.87 -7.79 26.86
N GLY E 326 11.08 -7.06 27.65
CA GLY E 326 9.97 -6.32 27.08
C GLY E 326 10.38 -4.98 26.48
N PRO E 327 9.58 -3.92 26.69
CA PRO E 327 9.84 -2.58 26.18
C PRO E 327 11.03 -1.88 26.86
N ASP E 328 11.27 -0.63 26.47
CA ASP E 328 12.36 0.17 27.02
C ASP E 328 12.01 0.79 28.38
N GLU E 329 10.73 1.15 28.57
CA GLU E 329 10.26 1.73 29.82
C GLU E 329 10.43 0.76 30.98
N ALA E 330 10.41 -0.53 30.67
CA ALA E 330 10.58 -1.56 31.68
C ALA E 330 12.06 -1.75 31.96
N ILE E 331 12.86 -1.79 30.91
CA ILE E 331 14.31 -1.95 31.06
C ILE E 331 14.83 -0.77 31.85
N LYS E 332 14.24 0.39 31.61
CA LYS E 332 14.62 1.62 32.28
C LYS E 332 14.17 1.58 33.75
N ALA E 333 13.06 0.88 34.00
CA ALA E 333 12.55 0.74 35.35
C ALA E 333 13.59 -0.01 36.19
N ILE E 334 14.17 -1.05 35.59
CA ILE E 334 15.19 -1.85 36.24
C ILE E 334 16.35 -0.95 36.60
N VAL E 335 16.81 -0.18 35.62
CA VAL E 335 17.92 0.74 35.81
C VAL E 335 17.59 1.78 36.88
N ASP E 336 16.51 2.52 36.67
CA ASP E 336 16.11 3.57 37.62
C ASP E 336 16.07 3.08 39.07
N ALA E 337 15.83 1.79 39.26
CA ALA E 337 15.77 1.21 40.60
C ALA E 337 17.14 0.76 41.09
N GLY E 338 18.18 1.22 40.41
CA GLY E 338 19.54 0.85 40.78
C GLY E 338 19.71 -0.64 40.69
N GLY E 339 18.71 -1.31 40.12
CA GLY E 339 18.76 -2.76 39.98
C GLY E 339 19.93 -3.25 39.18
N VAL E 340 20.41 -2.43 38.25
CA VAL E 340 21.54 -2.80 37.41
C VAL E 340 22.82 -3.02 38.21
N GLU E 341 23.07 -2.13 39.17
CA GLU E 341 24.27 -2.21 39.99
C GLU E 341 24.37 -3.52 40.80
N VAL E 342 23.22 -4.12 41.10
CA VAL E 342 23.19 -5.36 41.87
C VAL E 342 23.42 -6.58 40.96
N LEU E 343 22.65 -6.64 39.86
CA LEU E 343 22.77 -7.74 38.90
C LEU E 343 24.21 -7.93 38.44
N VAL E 344 24.87 -6.82 38.13
CA VAL E 344 26.25 -6.88 37.66
C VAL E 344 27.16 -7.51 38.69
N LYS E 345 26.71 -7.55 39.95
CA LYS E 345 27.51 -8.16 41.00
C LYS E 345 27.22 -9.65 41.12
N LEU E 346 25.94 -10.01 41.13
CA LEU E 346 25.54 -11.42 41.23
C LEU E 346 26.12 -12.24 40.09
N LEU E 347 26.69 -11.57 39.09
CA LEU E 347 27.29 -12.24 37.94
C LEU E 347 28.34 -13.24 38.39
N THR E 348 28.97 -12.95 39.53
CA THR E 348 29.98 -13.83 40.10
C THR E 348 29.45 -14.36 41.43
N SER E 349 28.56 -15.34 41.34
CA SER E 349 27.96 -15.99 42.50
C SER E 349 28.12 -17.50 42.38
N THR E 350 28.41 -18.14 43.52
CA THR E 350 28.60 -19.59 43.56
C THR E 350 27.42 -20.33 42.92
N ASP E 351 26.26 -19.68 42.92
CA ASP E 351 25.06 -20.29 42.37
C ASP E 351 25.02 -20.26 40.84
N SER E 352 24.87 -21.44 40.25
CA SER E 352 24.81 -21.61 38.80
C SER E 352 23.56 -20.96 38.21
N GLU E 353 22.45 -21.06 38.93
CA GLU E 353 21.19 -20.50 38.48
C GLU E 353 21.13 -19.00 38.63
N VAL E 354 21.44 -18.52 39.83
CA VAL E 354 21.42 -17.07 40.10
C VAL E 354 22.39 -16.35 39.15
N GLN E 355 23.28 -17.10 38.52
CA GLN E 355 24.27 -16.53 37.61
C GLN E 355 23.78 -16.39 36.17
N LYS E 356 23.16 -17.43 35.62
CA LYS E 356 22.66 -17.34 34.25
C LYS E 356 21.44 -16.40 34.17
N GLU E 357 20.69 -16.30 35.26
CA GLU E 357 19.51 -15.42 35.33
C GLU E 357 19.92 -13.96 35.37
N ALA E 358 20.90 -13.65 36.21
CA ALA E 358 21.38 -12.28 36.32
C ALA E 358 22.09 -11.92 35.02
N ALA E 359 22.55 -12.95 34.31
CA ALA E 359 23.26 -12.78 33.04
C ALA E 359 22.26 -12.51 31.91
N ARG E 360 21.20 -13.30 31.86
CA ARG E 360 20.19 -13.13 30.83
C ARG E 360 19.50 -11.79 31.03
N ALA E 361 19.37 -11.39 32.31
CA ALA E 361 18.74 -10.12 32.67
C ALA E 361 19.52 -8.93 32.11
N LEU E 362 20.85 -8.99 32.25
CA LEU E 362 21.70 -7.91 31.74
C LEU E 362 21.76 -8.00 30.22
N ALA E 363 21.78 -9.24 29.71
CA ALA E 363 21.83 -9.46 28.28
C ALA E 363 20.61 -8.84 27.62
N ASN E 364 19.54 -8.67 28.41
CA ASN E 364 18.32 -8.06 27.89
C ASN E 364 18.25 -6.58 28.24
N ILE E 365 19.01 -6.16 29.24
CA ILE E 365 19.07 -4.76 29.64
C ILE E 365 20.04 -4.13 28.66
N ALA E 366 20.75 -5.00 27.94
CA ALA E 366 21.75 -4.59 26.95
C ALA E 366 21.11 -4.25 25.62
N SER E 367 20.01 -4.92 25.29
CA SER E 367 19.30 -4.66 24.03
C SER E 367 18.53 -3.36 24.16
N GLY E 368 18.47 -2.85 25.39
CA GLY E 368 17.74 -1.63 25.68
C GLY E 368 18.36 -0.38 25.10
N PRO E 369 17.98 0.80 25.61
CA PRO E 369 18.47 2.10 25.17
C PRO E 369 19.95 2.28 25.50
N THR E 370 20.52 3.40 25.08
CA THR E 370 21.92 3.69 25.37
C THR E 370 21.95 4.08 26.84
N SER E 371 20.75 4.28 27.38
CA SER E 371 20.56 4.67 28.79
C SER E 371 20.92 3.52 29.72
N ALA E 372 20.48 2.32 29.35
CA ALA E 372 20.74 1.12 30.15
C ALA E 372 22.16 0.60 29.94
N ILE E 373 22.64 0.65 28.71
CA ILE E 373 23.98 0.17 28.41
C ILE E 373 25.02 0.97 29.18
N LYS E 374 24.74 2.26 29.37
CA LYS E 374 25.66 3.14 30.10
C LYS E 374 25.68 2.78 31.58
N ALA E 375 24.54 2.33 32.09
CA ALA E 375 24.43 1.94 33.51
C ALA E 375 25.26 0.69 33.78
N ILE E 376 25.27 -0.23 32.81
CA ILE E 376 26.02 -1.48 32.94
C ILE E 376 27.51 -1.21 32.85
N VAL E 377 27.91 -0.31 31.95
CA VAL E 377 29.31 0.02 31.77
C VAL E 377 29.80 0.89 32.91
N ASP E 378 28.89 1.68 33.46
CA ASP E 378 29.21 2.57 34.57
C ASP E 378 29.23 1.80 35.89
N ALA E 379 29.06 0.48 35.80
CA ALA E 379 29.06 -0.38 36.98
C ALA E 379 30.11 -1.48 36.82
N GLY E 380 31.12 -1.20 35.99
CA GLY E 380 32.17 -2.19 35.77
C GLY E 380 31.63 -3.47 35.19
N GLY E 381 30.39 -3.42 34.72
CA GLY E 381 29.77 -4.60 34.15
C GLY E 381 30.53 -5.27 33.03
N VAL E 382 31.12 -4.47 32.14
CA VAL E 382 31.87 -5.01 31.02
C VAL E 382 32.88 -6.07 31.43
N GLU E 383 33.90 -5.66 32.19
CA GLU E 383 34.96 -6.56 32.66
C GLU E 383 34.39 -7.82 33.31
N VAL E 384 33.38 -7.65 34.15
CA VAL E 384 32.74 -8.76 34.85
C VAL E 384 32.20 -9.84 33.90
N LEU E 385 31.61 -9.41 32.79
CA LEU E 385 31.06 -10.31 31.79
C LEU E 385 32.16 -11.02 30.99
N GLN E 386 33.16 -10.25 30.57
CA GLN E 386 34.27 -10.81 29.80
C GLN E 386 34.89 -11.99 30.54
N LYS E 387 35.11 -11.83 31.84
CA LYS E 387 35.70 -12.89 32.64
C LYS E 387 34.79 -14.13 32.62
N LEU E 388 33.50 -13.90 32.40
CA LEU E 388 32.53 -14.99 32.36
C LEU E 388 32.51 -15.73 31.02
N LEU E 389 33.17 -15.17 30.01
CA LEU E 389 33.20 -15.80 28.69
C LEU E 389 33.86 -17.16 28.78
N THR E 390 34.56 -17.39 29.88
CA THR E 390 35.26 -18.65 30.09
C THR E 390 34.83 -19.43 31.33
N SER E 391 33.53 -19.43 31.63
CA SER E 391 33.02 -20.18 32.79
C SER E 391 32.68 -21.58 32.28
N THR E 392 32.52 -22.53 33.20
CA THR E 392 32.22 -23.89 32.81
C THR E 392 30.74 -24.13 32.49
N ASP E 393 29.88 -23.22 32.92
CA ASP E 393 28.44 -23.33 32.64
C ASP E 393 28.17 -22.87 31.22
N SER E 394 27.80 -23.82 30.36
CA SER E 394 27.54 -23.51 28.96
C SER E 394 26.66 -22.28 28.73
N GLU E 395 25.54 -22.18 29.45
CA GLU E 395 24.65 -21.04 29.25
C GLU E 395 25.05 -19.75 29.95
N VAL E 396 25.76 -19.83 31.07
CA VAL E 396 26.21 -18.60 31.73
C VAL E 396 27.07 -17.89 30.69
N GLN E 397 27.86 -18.68 29.97
CA GLN E 397 28.75 -18.21 28.93
C GLN E 397 27.96 -17.58 27.75
N LYS E 398 26.88 -18.25 27.31
CA LYS E 398 26.04 -17.77 26.21
C LYS E 398 25.37 -16.45 26.52
N GLU E 399 24.78 -16.35 27.71
CA GLU E 399 24.10 -15.14 28.14
C GLU E 399 25.08 -13.97 28.16
N ALA E 400 26.35 -14.28 28.42
CA ALA E 400 27.40 -13.27 28.45
C ALA E 400 27.81 -12.92 27.03
N GLN E 401 28.05 -13.96 26.22
CA GLN E 401 28.44 -13.78 24.83
C GLN E 401 27.40 -12.90 24.14
N ARG E 402 26.13 -13.21 24.36
CA ARG E 402 25.04 -12.46 23.76
C ARG E 402 24.88 -11.08 24.40
N ALA E 403 25.20 -10.99 25.69
CA ALA E 403 25.09 -9.73 26.41
C ALA E 403 26.16 -8.73 26.00
N LEU E 404 27.35 -9.23 25.68
CA LEU E 404 28.45 -8.36 25.27
C LEU E 404 28.20 -7.75 23.88
N GLU E 405 27.68 -8.57 22.97
CA GLU E 405 27.37 -8.13 21.61
C GLU E 405 26.56 -6.84 21.68
N ASN E 406 25.50 -6.87 22.47
CA ASN E 406 24.64 -5.72 22.63
C ASN E 406 25.47 -4.51 23.00
N ILE E 407 26.27 -4.64 24.04
CA ILE E 407 27.10 -3.51 24.44
C ILE E 407 28.06 -3.16 23.31
N LYS E 408 28.27 -4.12 22.40
CA LYS E 408 29.14 -3.93 21.24
C LYS E 408 28.45 -3.07 20.18
N SER E 409 27.43 -3.65 19.55
CA SER E 409 26.65 -2.98 18.50
C SER E 409 25.86 -1.80 19.01
N GLY E 410 25.90 -1.58 20.33
CA GLY E 410 25.14 -0.49 20.90
C GLY E 410 23.68 -0.84 21.14
N GLY E 411 23.33 -2.11 20.96
CA GLY E 411 21.95 -2.54 21.18
C GLY E 411 21.23 -2.68 19.86
N TRP E 412 22.00 -2.68 18.78
CA TRP E 412 21.47 -2.83 17.42
C TRP E 412 21.42 -4.30 17.00
N MET F 1 7.16 -39.51 12.53
CA MET F 1 8.26 -39.25 13.52
C MET F 1 8.22 -37.77 13.93
N ASN F 2 7.63 -37.54 15.11
CA ASN F 2 7.46 -36.20 15.67
C ASN F 2 8.71 -35.66 16.37
N ASP F 3 8.55 -34.43 16.89
CA ASP F 3 9.59 -33.71 17.64
C ASP F 3 10.39 -34.59 18.62
N VAL F 4 9.69 -35.15 19.60
CA VAL F 4 10.30 -36.03 20.61
C VAL F 4 10.92 -37.26 19.97
N GLU F 5 10.06 -38.13 19.44
CA GLU F 5 10.49 -39.37 18.79
C GLU F 5 11.75 -39.17 17.98
N LYS F 6 11.75 -38.13 17.14
CA LYS F 6 12.90 -37.83 16.32
C LYS F 6 14.13 -37.66 17.21
N LEU F 7 14.09 -36.66 18.08
CA LEU F 7 15.20 -36.39 18.99
C LEU F 7 15.71 -37.69 19.62
N VAL F 8 14.81 -38.65 19.79
CA VAL F 8 15.16 -39.96 20.36
C VAL F 8 16.19 -40.66 19.46
N LYS F 9 15.88 -40.72 18.17
CA LYS F 9 16.77 -41.36 17.20
C LYS F 9 18.15 -40.74 17.32
N LEU F 10 18.22 -39.42 17.17
CA LEU F 10 19.46 -38.64 17.26
C LEU F 10 20.30 -38.98 18.49
N LEU F 11 19.61 -39.37 19.57
CA LEU F 11 20.27 -39.72 20.81
C LEU F 11 21.21 -40.91 20.62
N THR F 12 20.95 -41.71 19.59
CA THR F 12 21.75 -42.90 19.30
C THR F 12 22.80 -42.71 18.19
N SER F 13 22.70 -41.60 17.45
CA SER F 13 23.62 -41.30 16.34
C SER F 13 25.08 -41.32 16.81
N THR F 14 25.97 -41.83 15.96
CA THR F 14 27.39 -41.91 16.30
C THR F 14 28.06 -40.54 16.47
N ASP F 15 27.36 -39.47 16.12
CA ASP F 15 27.92 -38.13 16.25
C ASP F 15 27.68 -37.59 17.64
N SER F 16 28.77 -37.25 18.34
CA SER F 16 28.69 -36.72 19.70
C SER F 16 27.88 -35.41 19.86
N GLU F 17 28.03 -34.51 18.90
CA GLU F 17 27.31 -33.23 18.94
C GLU F 17 25.83 -33.39 18.59
N THR F 18 25.52 -34.44 17.86
CA THR F 18 24.13 -34.72 17.48
C THR F 18 23.39 -35.16 18.75
N GLN F 19 24.01 -36.05 19.51
CA GLN F 19 23.46 -36.54 20.77
C GLN F 19 23.17 -35.34 21.64
N LYS F 20 24.24 -34.61 21.97
CA LYS F 20 24.18 -33.42 22.80
C LYS F 20 22.95 -32.55 22.56
N GLU F 21 22.86 -31.97 21.35
CA GLU F 21 21.74 -31.11 21.02
C GLU F 21 20.39 -31.80 21.18
N ALA F 22 20.31 -33.08 20.83
CA ALA F 22 19.07 -33.84 20.97
C ALA F 22 18.63 -33.87 22.43
N ALA F 23 19.55 -34.27 23.31
CA ALA F 23 19.28 -34.35 24.73
C ALA F 23 19.01 -32.96 25.33
N ARG F 24 19.77 -31.96 24.90
CA ARG F 24 19.57 -30.59 25.38
C ARG F 24 18.13 -30.15 25.11
N ASP F 25 17.58 -30.59 23.98
CA ASP F 25 16.21 -30.25 23.61
C ASP F 25 15.22 -30.95 24.52
N LEU F 26 15.32 -32.27 24.60
CA LEU F 26 14.42 -33.04 25.45
C LEU F 26 14.47 -32.48 26.87
N ALA F 27 15.65 -32.07 27.31
CA ALA F 27 15.82 -31.49 28.64
C ALA F 27 14.80 -30.39 28.81
N GLU F 28 14.63 -29.59 27.76
CA GLU F 28 13.68 -28.49 27.76
C GLU F 28 12.26 -29.00 27.50
N ILE F 29 12.14 -30.07 26.71
CA ILE F 29 10.84 -30.66 26.41
C ILE F 29 10.21 -31.27 27.66
N ALA F 30 11.03 -32.02 28.41
CA ALA F 30 10.60 -32.66 29.64
C ALA F 30 10.45 -31.66 30.76
N SER F 31 10.77 -30.40 30.49
CA SER F 31 10.66 -29.38 31.51
C SER F 31 9.25 -28.78 31.50
N GLY F 32 8.51 -29.03 30.42
CA GLY F 32 7.17 -28.51 30.32
C GLY F 32 6.15 -29.44 30.95
N PRO F 33 4.90 -29.46 30.44
CA PRO F 33 3.80 -30.31 30.91
C PRO F 33 4.18 -31.75 31.20
N ALA F 34 3.34 -32.43 31.96
CA ALA F 34 3.57 -33.81 32.32
C ALA F 34 3.55 -34.71 31.09
N SER F 35 2.46 -34.63 30.32
CA SER F 35 2.30 -35.43 29.11
C SER F 35 3.53 -35.34 28.22
N ALA F 36 4.30 -34.27 28.41
CA ALA F 36 5.52 -34.05 27.65
C ALA F 36 6.57 -35.08 28.01
N ILE F 37 6.52 -35.57 29.25
CA ILE F 37 7.47 -36.58 29.69
C ILE F 37 6.87 -37.97 29.54
N LYS F 38 5.55 -38.04 29.48
CA LYS F 38 4.86 -39.30 29.31
C LYS F 38 5.04 -39.79 27.88
N ALA F 39 5.45 -38.86 27.01
CA ALA F 39 5.68 -39.17 25.61
C ALA F 39 7.11 -39.67 25.45
N ILE F 40 8.01 -39.14 26.27
CA ILE F 40 9.42 -39.54 26.21
C ILE F 40 9.55 -40.96 26.75
N VAL F 41 8.64 -41.32 27.65
CA VAL F 41 8.62 -42.66 28.25
C VAL F 41 7.77 -43.54 27.34
N ASP F 42 7.11 -42.89 26.40
CA ASP F 42 6.28 -43.57 25.43
C ASP F 42 7.17 -44.07 24.27
N ALA F 43 8.10 -43.20 23.86
CA ALA F 43 9.02 -43.51 22.78
C ALA F 43 10.20 -44.33 23.28
N GLY F 44 10.40 -44.35 24.59
CA GLY F 44 11.50 -45.09 25.16
C GLY F 44 12.75 -44.23 25.21
N GLY F 45 12.53 -42.93 25.36
CA GLY F 45 13.64 -41.99 25.41
C GLY F 45 14.58 -42.23 26.60
N VAL F 46 14.01 -42.50 27.77
CA VAL F 46 14.82 -42.73 28.95
C VAL F 46 15.68 -43.98 28.79
N GLU F 47 15.03 -45.09 28.46
CA GLU F 47 15.71 -46.38 28.25
C GLU F 47 17.02 -46.15 27.51
N VAL F 48 16.99 -45.24 26.55
CA VAL F 48 18.15 -44.92 25.74
C VAL F 48 18.98 -43.77 26.35
N LEU F 49 18.28 -42.72 26.78
CA LEU F 49 18.92 -41.54 27.36
C LEU F 49 19.87 -41.91 28.49
N VAL F 50 19.45 -42.89 29.31
CA VAL F 50 20.24 -43.36 30.43
C VAL F 50 21.55 -44.00 29.97
N LYS F 51 21.49 -44.77 28.88
CA LYS F 51 22.65 -45.44 28.32
C LYS F 51 23.70 -44.40 27.94
N LEU F 52 23.22 -43.29 27.40
CA LEU F 52 24.07 -42.19 26.98
C LEU F 52 24.85 -41.58 28.15
N LEU F 53 24.37 -41.81 29.37
CA LEU F 53 25.05 -41.28 30.54
C LEU F 53 26.49 -41.72 30.50
N THR F 54 26.71 -43.03 30.60
CA THR F 54 28.06 -43.58 30.56
C THR F 54 28.72 -43.32 29.21
N SER F 55 29.24 -42.11 29.06
CA SER F 55 29.94 -41.67 27.85
C SER F 55 31.24 -41.03 28.31
N THR F 56 32.32 -41.30 27.59
CA THR F 56 33.63 -40.76 27.96
C THR F 56 33.77 -39.24 27.88
N ASP F 57 32.70 -38.57 27.47
CA ASP F 57 32.73 -37.12 27.34
C ASP F 57 32.05 -36.51 28.57
N SER F 58 32.78 -35.64 29.27
CA SER F 58 32.26 -34.98 30.49
C SER F 58 31.16 -33.95 30.19
N GLU F 59 30.82 -33.79 28.91
CA GLU F 59 29.78 -32.85 28.50
C GLU F 59 28.55 -33.62 28.02
N VAL F 60 28.77 -34.83 27.52
CA VAL F 60 27.67 -35.68 27.06
C VAL F 60 26.94 -36.19 28.30
N GLN F 61 27.53 -35.91 29.45
CA GLN F 61 26.96 -36.32 30.73
C GLN F 61 26.19 -35.12 31.28
N LYS F 62 26.79 -33.94 31.12
CA LYS F 62 26.20 -32.69 31.60
C LYS F 62 24.78 -32.43 31.12
N GLU F 63 24.43 -32.91 29.93
CA GLU F 63 23.08 -32.71 29.40
C GLU F 63 22.29 -34.02 29.30
N ALA F 64 22.99 -35.13 29.54
CA ALA F 64 22.34 -36.44 29.52
C ALA F 64 21.77 -36.61 30.92
N ALA F 65 22.18 -35.72 31.81
CA ALA F 65 21.73 -35.71 33.19
C ALA F 65 20.63 -34.69 33.36
N ARG F 66 20.85 -33.49 32.83
CA ARG F 66 19.86 -32.43 32.93
C ARG F 66 18.56 -32.96 32.32
N ALA F 67 18.70 -33.88 31.38
CA ALA F 67 17.53 -34.46 30.72
C ALA F 67 16.74 -35.35 31.67
N LEU F 68 17.39 -36.39 32.19
CA LEU F 68 16.75 -37.31 33.11
C LEU F 68 16.26 -36.56 34.33
N ALA F 69 17.06 -35.58 34.76
CA ALA F 69 16.71 -34.76 35.91
C ALA F 69 15.30 -34.20 35.79
N ASN F 70 14.94 -33.75 34.59
CA ASN F 70 13.61 -33.21 34.35
C ASN F 70 12.59 -34.34 34.22
N ILE F 71 13.05 -35.47 33.69
CA ILE F 71 12.18 -36.62 33.51
C ILE F 71 11.87 -37.25 34.87
N ALA F 72 12.84 -37.15 35.77
CA ALA F 72 12.72 -37.71 37.12
C ALA F 72 11.72 -36.94 37.98
N SER F 73 11.40 -35.72 37.58
CA SER F 73 10.44 -34.92 38.32
C SER F 73 9.03 -35.13 37.77
N GLY F 74 8.90 -36.09 36.86
CA GLY F 74 7.60 -36.39 36.26
C GLY F 74 6.81 -37.39 37.07
N PRO F 75 5.72 -37.96 36.51
CA PRO F 75 4.90 -38.94 37.22
C PRO F 75 5.68 -40.17 37.68
N ASP F 76 5.02 -41.05 38.42
CA ASP F 76 5.66 -42.27 38.92
C ASP F 76 6.32 -43.09 37.82
N GLU F 77 5.52 -43.55 36.86
CA GLU F 77 6.01 -44.35 35.74
C GLU F 77 7.28 -43.77 35.13
N ALA F 78 7.41 -42.46 35.18
CA ALA F 78 8.59 -41.79 34.65
C ALA F 78 9.84 -42.30 35.34
N ILE F 79 9.78 -42.37 36.66
CA ILE F 79 10.91 -42.86 37.45
C ILE F 79 10.99 -44.38 37.40
N LYS F 80 9.84 -45.02 37.21
CA LYS F 80 9.76 -46.47 37.13
C LYS F 80 10.66 -46.98 36.01
N ALA F 81 10.79 -46.18 34.96
CA ALA F 81 11.62 -46.54 33.83
C ALA F 81 13.08 -46.21 34.11
N ILE F 82 13.32 -45.00 34.59
CA ILE F 82 14.67 -44.54 34.91
C ILE F 82 15.44 -45.53 35.75
N VAL F 83 14.77 -46.14 36.72
CA VAL F 83 15.44 -47.12 37.58
C VAL F 83 15.53 -48.47 36.89
N ASP F 84 14.46 -48.87 36.22
CA ASP F 84 14.43 -50.14 35.49
C ASP F 84 15.45 -50.10 34.37
N ALA F 85 15.97 -48.90 34.11
CA ALA F 85 16.98 -48.71 33.08
C ALA F 85 18.33 -48.53 33.77
N GLY F 86 18.34 -48.74 35.08
CA GLY F 86 19.56 -48.63 35.84
C GLY F 86 20.12 -47.23 36.02
N GLY F 87 19.30 -46.22 35.78
CA GLY F 87 19.76 -44.85 35.92
C GLY F 87 20.20 -44.61 37.35
N VAL F 88 19.83 -45.57 38.20
CA VAL F 88 20.14 -45.54 39.61
C VAL F 88 21.64 -45.56 39.93
N GLU F 89 22.27 -46.71 39.72
CA GLU F 89 23.70 -46.85 40.00
C GLU F 89 24.57 -45.86 39.22
N VAL F 90 24.16 -45.58 37.99
CA VAL F 90 24.91 -44.68 37.13
C VAL F 90 25.12 -43.32 37.77
N LEU F 91 24.02 -42.58 37.94
CA LEU F 91 24.06 -41.25 38.53
C LEU F 91 24.77 -41.22 39.87
N VAL F 92 24.54 -42.25 40.69
CA VAL F 92 25.17 -42.32 42.01
C VAL F 92 26.66 -42.02 41.92
N LYS F 93 27.42 -42.93 41.30
CA LYS F 93 28.85 -42.72 41.18
C LYS F 93 29.18 -41.43 40.44
N LEU F 94 28.19 -40.91 39.72
CA LEU F 94 28.37 -39.67 38.98
C LEU F 94 28.30 -38.49 39.95
N LEU F 95 28.01 -38.78 41.22
CA LEU F 95 27.95 -37.73 42.24
C LEU F 95 29.38 -37.32 42.55
N THR F 96 30.29 -38.24 42.23
CA THR F 96 31.72 -38.04 42.44
C THR F 96 32.44 -37.69 41.12
N SER F 97 31.71 -37.04 40.22
CA SER F 97 32.24 -36.65 38.92
C SER F 97 33.30 -35.56 38.98
N THR F 98 33.99 -35.39 37.85
CA THR F 98 35.07 -34.41 37.71
C THR F 98 34.68 -32.94 37.92
N ASP F 99 33.80 -32.44 37.07
CA ASP F 99 33.36 -31.05 37.15
C ASP F 99 32.11 -30.93 38.03
N SER F 100 32.13 -29.93 38.90
CA SER F 100 31.02 -29.68 39.82
C SER F 100 29.67 -29.46 39.12
N GLU F 101 29.70 -28.75 37.99
CA GLU F 101 28.48 -28.46 37.22
C GLU F 101 27.95 -29.67 36.46
N VAL F 102 28.50 -30.84 36.76
CA VAL F 102 28.07 -32.07 36.11
C VAL F 102 27.66 -33.07 37.19
N GLN F 103 28.33 -32.97 38.33
CA GLN F 103 28.04 -33.84 39.46
C GLN F 103 26.76 -33.33 40.10
N LYS F 104 26.57 -32.02 40.04
CA LYS F 104 25.41 -31.36 40.60
C LYS F 104 24.12 -31.83 39.93
N GLU F 105 23.98 -31.57 38.63
CA GLU F 105 22.80 -31.97 37.91
C GLU F 105 22.54 -33.47 38.04
N ALA F 106 23.53 -34.20 38.54
CA ALA F 106 23.40 -35.64 38.73
C ALA F 106 22.62 -35.84 40.02
N ALA F 107 22.89 -34.96 40.97
CA ALA F 107 22.24 -34.98 42.28
C ALA F 107 20.76 -34.67 42.16
N ARG F 108 20.43 -33.54 41.53
CA ARG F 108 19.04 -33.14 41.36
C ARG F 108 18.28 -34.27 40.65
N ALA F 109 19.00 -35.07 39.88
CA ALA F 109 18.36 -36.18 39.18
C ALA F 109 17.82 -37.12 40.24
N LEU F 110 18.69 -37.51 41.17
CA LEU F 110 18.33 -38.40 42.27
C LEU F 110 17.30 -37.75 43.19
N ALA F 111 17.55 -36.49 43.53
CA ALA F 111 16.66 -35.73 44.39
C ALA F 111 15.21 -35.88 43.96
N ASN F 112 14.96 -35.75 42.66
CA ASN F 112 13.61 -35.89 42.14
C ASN F 112 13.14 -37.34 42.24
N ILE F 113 14.09 -38.26 42.03
CA ILE F 113 13.77 -39.68 42.12
C ILE F 113 13.31 -40.01 43.53
N ALA F 114 13.90 -39.31 44.51
CA ALA F 114 13.58 -39.50 45.91
C ALA F 114 12.25 -38.90 46.36
N SER F 115 11.50 -38.33 45.41
CA SER F 115 10.21 -37.74 45.73
C SER F 115 9.13 -38.65 45.18
N GLY F 116 9.57 -39.80 44.66
CA GLY F 116 8.64 -40.76 44.11
C GLY F 116 8.30 -41.79 45.17
N PRO F 117 7.80 -42.97 44.79
CA PRO F 117 7.46 -44.00 45.78
C PRO F 117 8.70 -44.45 46.55
N ASP F 118 8.50 -45.26 47.59
CA ASP F 118 9.63 -45.74 48.39
C ASP F 118 10.55 -46.66 47.58
N GLU F 119 9.99 -47.37 46.62
CA GLU F 119 10.76 -48.28 45.78
C GLU F 119 11.99 -47.60 45.19
N ALA F 120 11.77 -46.43 44.60
CA ALA F 120 12.86 -45.66 44.00
C ALA F 120 13.86 -45.26 45.08
N ILE F 121 13.33 -44.92 46.25
CA ILE F 121 14.18 -44.51 47.37
C ILE F 121 15.09 -45.64 47.85
N LYS F 122 14.64 -46.89 47.73
CA LYS F 122 15.46 -48.01 48.16
C LYS F 122 16.64 -48.16 47.19
N ALA F 123 16.33 -48.12 45.90
CA ALA F 123 17.35 -48.24 44.86
C ALA F 123 18.46 -47.23 45.13
N ILE F 124 18.07 -46.00 45.43
CA ILE F 124 19.02 -44.92 45.71
C ILE F 124 19.94 -45.27 46.88
N VAL F 125 19.40 -46.00 47.85
CA VAL F 125 20.18 -46.39 49.02
C VAL F 125 21.00 -47.64 48.75
N ASP F 126 20.35 -48.67 48.20
CA ASP F 126 21.05 -49.91 47.89
C ASP F 126 22.25 -49.62 47.02
N ALA F 127 22.06 -48.73 46.04
CA ALA F 127 23.14 -48.36 45.13
C ALA F 127 24.30 -47.74 45.93
N GLY F 128 23.98 -47.22 47.12
CA GLY F 128 25.00 -46.63 47.96
C GLY F 128 25.17 -45.13 47.80
N GLY F 129 24.08 -44.43 47.52
CA GLY F 129 24.16 -43.00 47.34
C GLY F 129 24.10 -42.21 48.65
N VAL F 130 23.58 -42.85 49.69
CA VAL F 130 23.44 -42.19 50.98
C VAL F 130 24.75 -41.62 51.55
N GLU F 131 25.80 -42.43 51.61
CA GLU F 131 27.08 -41.96 52.15
C GLU F 131 27.73 -40.87 51.32
N VAL F 132 27.73 -41.03 50.00
CA VAL F 132 28.32 -40.04 49.12
C VAL F 132 27.63 -38.69 49.29
N LEU F 133 26.30 -38.72 49.32
CA LEU F 133 25.50 -37.51 49.50
C LEU F 133 25.84 -36.84 50.83
N VAL F 134 25.90 -37.65 51.88
CA VAL F 134 26.21 -37.11 53.20
C VAL F 134 27.50 -36.29 53.13
N LYS F 135 28.55 -36.88 52.57
CA LYS F 135 29.84 -36.20 52.45
C LYS F 135 29.73 -34.90 51.67
N LEU F 136 29.12 -34.97 50.48
CA LEU F 136 28.97 -33.79 49.63
C LEU F 136 28.24 -32.65 50.30
N LEU F 137 27.87 -32.84 51.56
CA LEU F 137 27.17 -31.79 52.31
C LEU F 137 28.17 -30.70 52.70
N THR F 138 29.45 -31.04 52.62
CA THR F 138 30.51 -30.11 52.96
C THR F 138 31.13 -29.46 51.72
N SER F 139 30.68 -29.89 50.54
CA SER F 139 31.17 -29.36 49.28
C SER F 139 31.08 -27.85 49.24
N THR F 140 31.99 -27.23 48.49
CA THR F 140 32.01 -25.77 48.37
C THR F 140 30.88 -25.33 47.44
N ASP F 141 30.58 -26.16 46.45
CA ASP F 141 29.52 -25.86 45.51
C ASP F 141 28.24 -25.61 46.26
N SER F 142 27.83 -24.35 46.30
CA SER F 142 26.61 -23.93 46.99
C SER F 142 25.34 -24.66 46.54
N GLU F 143 25.29 -25.05 45.26
CA GLU F 143 24.13 -25.74 44.69
C GLU F 143 24.25 -27.26 44.69
N VAL F 144 25.40 -27.78 45.13
CA VAL F 144 25.59 -29.22 45.15
C VAL F 144 25.12 -29.80 46.50
N GLN F 145 25.35 -29.05 47.58
CA GLN F 145 24.94 -29.51 48.91
C GLN F 145 23.46 -29.20 49.11
N LYS F 146 23.04 -28.03 48.63
CA LYS F 146 21.66 -27.60 48.76
C LYS F 146 20.76 -28.54 47.97
N GLU F 147 21.36 -29.29 47.05
CA GLU F 147 20.62 -30.22 46.22
C GLU F 147 20.79 -31.61 46.84
N ALA F 148 21.89 -31.78 47.56
CA ALA F 148 22.18 -33.05 48.21
C ALA F 148 21.26 -33.20 49.43
N ALA F 149 21.06 -32.09 50.13
CA ALA F 149 20.21 -32.06 51.32
C ALA F 149 18.76 -32.38 50.95
N ARG F 150 18.35 -31.94 49.76
CA ARG F 150 16.98 -32.20 49.31
C ARG F 150 16.90 -33.69 49.02
N ALA F 151 17.89 -34.20 48.32
CA ALA F 151 17.92 -35.61 47.98
C ALA F 151 17.82 -36.41 49.26
N LEU F 152 18.61 -36.06 50.26
CA LEU F 152 18.60 -36.78 51.53
C LEU F 152 17.27 -36.63 52.26
N ALA F 153 16.76 -35.42 52.33
CA ALA F 153 15.49 -35.17 53.00
C ALA F 153 14.40 -36.05 52.40
N ASN F 154 14.37 -36.15 51.08
CA ASN F 154 13.37 -36.96 50.40
C ASN F 154 13.46 -38.45 50.75
N ILE F 155 14.67 -38.97 50.85
CA ILE F 155 14.88 -40.37 51.18
C ILE F 155 14.41 -40.69 52.62
N ALA F 156 14.46 -39.67 53.48
CA ALA F 156 14.05 -39.84 54.87
C ALA F 156 12.55 -40.04 55.04
N SER F 157 11.78 -39.73 53.99
CA SER F 157 10.33 -39.88 54.04
C SER F 157 9.87 -41.25 53.52
N GLY F 158 10.83 -42.15 53.37
CA GLY F 158 10.51 -43.50 52.89
C GLY F 158 10.59 -44.51 54.03
N PRO F 159 10.97 -45.77 53.73
CA PRO F 159 11.09 -46.80 54.77
C PRO F 159 12.21 -46.48 55.75
N ASP F 160 12.04 -46.86 57.02
CA ASP F 160 13.04 -46.58 58.05
C ASP F 160 14.40 -47.16 57.70
N GLU F 161 14.42 -48.18 56.86
CA GLU F 161 15.66 -48.80 56.44
C GLU F 161 16.59 -47.70 55.93
N ALA F 162 16.03 -46.82 55.10
CA ALA F 162 16.77 -45.71 54.55
C ALA F 162 17.11 -44.72 55.66
N ILE F 163 16.21 -44.62 56.64
CA ILE F 163 16.44 -43.71 57.75
C ILE F 163 17.65 -44.17 58.55
N LYS F 164 17.79 -45.49 58.69
CA LYS F 164 18.93 -46.02 59.42
C LYS F 164 20.21 -45.83 58.62
N ALA F 165 20.11 -45.96 57.30
CA ALA F 165 21.27 -45.77 56.44
C ALA F 165 21.85 -44.37 56.64
N ILE F 166 20.97 -43.36 56.63
CA ILE F 166 21.40 -41.97 56.81
C ILE F 166 22.21 -41.78 58.10
N VAL F 167 21.77 -42.43 59.17
CA VAL F 167 22.44 -42.33 60.46
C VAL F 167 23.73 -43.14 60.48
N ASP F 168 23.69 -44.33 59.89
CA ASP F 168 24.86 -45.20 59.84
C ASP F 168 26.04 -44.55 59.11
N ALA F 169 25.82 -43.36 58.55
CA ALA F 169 26.85 -42.63 57.84
C ALA F 169 27.19 -41.34 58.59
N GLY F 170 26.48 -41.12 59.69
CA GLY F 170 26.72 -39.92 60.49
C GLY F 170 26.22 -38.65 59.84
N GLY F 171 25.21 -38.77 58.98
CA GLY F 171 24.68 -37.61 58.31
C GLY F 171 23.78 -36.81 59.24
N VAL F 172 23.36 -37.47 60.31
CA VAL F 172 22.49 -36.83 61.29
C VAL F 172 23.25 -35.70 61.96
N GLU F 173 24.46 -36.01 62.43
CA GLU F 173 25.30 -35.02 63.08
C GLU F 173 25.69 -33.96 62.06
N VAL F 174 25.63 -34.33 60.78
CA VAL F 174 25.98 -33.42 59.70
C VAL F 174 24.79 -32.56 59.28
N LEU F 175 23.58 -33.01 59.60
CA LEU F 175 22.40 -32.24 59.27
C LEU F 175 22.17 -31.18 60.34
N VAL F 176 22.55 -31.52 61.57
CA VAL F 176 22.38 -30.62 62.70
C VAL F 176 23.30 -29.39 62.61
N LYS F 177 24.59 -29.64 62.45
CA LYS F 177 25.58 -28.57 62.34
C LYS F 177 25.40 -27.83 61.02
N LEU F 178 24.47 -28.32 60.20
CA LEU F 178 24.17 -27.71 58.90
C LEU F 178 22.95 -26.81 59.04
N LEU F 179 22.19 -27.02 60.09
CA LEU F 179 20.99 -26.22 60.35
C LEU F 179 21.45 -24.82 60.71
N THR F 180 22.77 -24.62 60.71
CA THR F 180 23.34 -23.33 61.05
C THR F 180 23.75 -22.53 59.81
N SER F 181 23.52 -23.08 58.63
CA SER F 181 23.86 -22.39 57.38
C SER F 181 23.10 -21.06 57.27
N THR F 182 23.74 -20.05 56.68
CA THR F 182 23.10 -18.74 56.52
C THR F 182 22.02 -18.82 55.45
N ASP F 183 22.29 -19.62 54.41
CA ASP F 183 21.33 -19.82 53.32
C ASP F 183 20.14 -20.52 53.97
N SER F 184 19.00 -19.84 54.01
CA SER F 184 17.82 -20.42 54.61
C SER F 184 17.16 -21.48 53.75
N GLU F 185 17.90 -22.04 52.80
CA GLU F 185 17.33 -23.07 51.95
C GLU F 185 17.88 -24.42 52.36
N VAL F 186 19.21 -24.56 52.32
CA VAL F 186 19.81 -25.82 52.72
C VAL F 186 19.45 -26.06 54.18
N GLN F 187 19.06 -24.97 54.86
CA GLN F 187 18.68 -25.03 56.26
C GLN F 187 17.30 -25.66 56.39
N LYS F 188 16.42 -25.37 55.45
CA LYS F 188 15.09 -25.94 55.45
C LYS F 188 15.15 -27.44 55.18
N GLU F 189 15.91 -27.83 54.15
CA GLU F 189 16.06 -29.24 53.78
C GLU F 189 16.67 -30.01 54.95
N ALA F 190 17.55 -29.35 55.68
CA ALA F 190 18.20 -29.95 56.83
C ALA F 190 17.15 -30.28 57.89
N ALA F 191 16.27 -29.32 58.14
CA ALA F 191 15.22 -29.48 59.13
C ALA F 191 14.24 -30.59 58.73
N ARG F 192 13.77 -30.56 57.49
CA ARG F 192 12.84 -31.58 57.00
C ARG F 192 13.48 -32.96 57.09
N ALA F 193 14.74 -33.02 56.68
CA ALA F 193 15.47 -34.27 56.72
C ALA F 193 15.42 -34.77 58.15
N LEU F 194 15.82 -33.92 59.08
CA LEU F 194 15.81 -34.29 60.48
C LEU F 194 14.40 -34.69 60.97
N ALA F 195 13.39 -33.91 60.61
CA ALA F 195 12.01 -34.22 61.01
C ALA F 195 11.66 -35.62 60.53
N ASN F 196 11.84 -35.87 59.23
CA ASN F 196 11.53 -37.18 58.68
C ASN F 196 12.28 -38.27 59.44
N ILE F 197 13.57 -38.03 59.70
CA ILE F 197 14.40 -39.00 60.42
C ILE F 197 13.81 -39.25 61.80
N ALA F 198 13.35 -38.18 62.42
CA ALA F 198 12.75 -38.24 63.75
C ALA F 198 11.57 -39.20 63.76
N SER F 199 10.86 -39.27 62.64
CA SER F 199 9.71 -40.14 62.50
C SER F 199 10.10 -41.61 62.56
N GLY F 200 11.39 -41.88 62.46
CA GLY F 200 11.85 -43.26 62.50
C GLY F 200 11.65 -43.95 63.84
N PRO F 201 12.20 -45.16 64.01
CA PRO F 201 12.06 -45.89 65.27
C PRO F 201 13.06 -45.35 66.31
N THR F 202 13.02 -45.92 67.52
CA THR F 202 13.89 -45.51 68.62
C THR F 202 15.30 -45.07 68.22
N SER F 203 16.02 -45.95 67.52
CA SER F 203 17.38 -45.66 67.10
C SER F 203 17.56 -44.27 66.47
N ALA F 204 16.66 -43.92 65.57
CA ALA F 204 16.69 -42.64 64.86
C ALA F 204 16.73 -41.44 65.81
N ILE F 205 15.73 -41.33 66.67
CA ILE F 205 15.65 -40.22 67.61
C ILE F 205 16.88 -40.20 68.52
N LYS F 206 17.37 -41.38 68.87
CA LYS F 206 18.55 -41.48 69.71
C LYS F 206 19.69 -40.72 69.05
N ALA F 207 19.98 -41.11 67.81
CA ALA F 207 21.05 -40.48 67.05
C ALA F 207 20.91 -38.97 66.99
N ILE F 208 19.68 -38.50 66.78
CA ILE F 208 19.41 -37.07 66.67
C ILE F 208 19.67 -36.30 67.98
N VAL F 209 19.26 -36.87 69.11
CA VAL F 209 19.46 -36.22 70.38
C VAL F 209 20.94 -36.22 70.74
N ASP F 210 21.65 -37.25 70.28
CA ASP F 210 23.08 -37.38 70.55
C ASP F 210 23.92 -36.30 69.91
N ALA F 211 23.73 -36.07 68.61
CA ALA F 211 24.49 -35.04 67.93
C ALA F 211 24.27 -33.69 68.62
N GLY F 212 23.08 -33.50 69.16
CA GLY F 212 22.75 -32.25 69.83
C GLY F 212 21.81 -31.39 69.01
N GLY F 213 20.91 -32.04 68.28
CA GLY F 213 19.97 -31.33 67.45
C GLY F 213 18.86 -30.61 68.20
N VAL F 214 18.42 -31.20 69.30
CA VAL F 214 17.36 -30.62 70.11
C VAL F 214 17.64 -29.16 70.43
N GLU F 215 18.86 -28.89 70.90
CA GLU F 215 19.26 -27.53 71.23
C GLU F 215 19.14 -26.64 69.99
N VAL F 216 19.79 -27.09 68.92
CA VAL F 216 19.76 -26.37 67.65
C VAL F 216 18.33 -26.08 67.21
N LEU F 217 17.53 -27.13 67.11
CA LEU F 217 16.13 -27.03 66.70
C LEU F 217 15.36 -25.96 67.47
N VAL F 218 15.53 -25.93 68.79
CA VAL F 218 14.81 -24.96 69.61
C VAL F 218 15.11 -23.52 69.20
N LYS F 219 16.33 -23.26 68.72
CA LYS F 219 16.67 -21.90 68.32
C LYS F 219 15.94 -21.56 67.04
N LEU F 220 15.86 -22.53 66.12
CA LEU F 220 15.16 -22.32 64.85
C LEU F 220 13.72 -21.95 65.14
N LEU F 221 13.17 -22.49 66.23
CA LEU F 221 11.80 -22.22 66.60
C LEU F 221 11.54 -20.71 66.69
N THR F 222 12.60 -19.92 66.68
CA THR F 222 12.45 -18.48 66.73
C THR F 222 12.89 -17.85 65.42
N SER F 223 13.13 -18.69 64.41
CA SER F 223 13.53 -18.19 63.10
C SER F 223 12.47 -17.21 62.61
N THR F 224 12.83 -16.38 61.66
CA THR F 224 11.88 -15.41 61.12
C THR F 224 11.17 -16.02 59.92
N ASP F 225 11.57 -17.23 59.56
CA ASP F 225 10.99 -17.95 58.43
C ASP F 225 10.02 -19.02 58.91
N SER F 226 8.72 -18.71 58.85
CA SER F 226 7.67 -19.63 59.30
C SER F 226 7.83 -21.08 58.86
N GLU F 227 8.49 -21.32 57.73
CA GLU F 227 8.66 -22.69 57.24
C GLU F 227 9.79 -23.43 57.94
N VAL F 228 10.90 -22.74 58.17
CA VAL F 228 12.02 -23.39 58.86
C VAL F 228 11.52 -23.62 60.29
N GLN F 229 10.73 -22.66 60.76
CA GLN F 229 10.13 -22.70 62.07
C GLN F 229 9.19 -23.91 62.13
N LYS F 230 8.50 -24.14 61.01
CA LYS F 230 7.56 -25.23 60.86
C LYS F 230 8.21 -26.61 60.90
N GLU F 231 9.20 -26.83 60.06
CA GLU F 231 9.91 -28.12 60.03
C GLU F 231 10.66 -28.37 61.34
N ALA F 232 11.16 -27.30 61.96
CA ALA F 232 11.85 -27.42 63.22
C ALA F 232 10.81 -27.90 64.23
N ALA F 233 9.72 -27.15 64.32
CA ALA F 233 8.63 -27.49 65.22
C ALA F 233 8.25 -28.95 65.04
N ARG F 234 8.11 -29.38 63.80
CA ARG F 234 7.74 -30.76 63.51
C ARG F 234 8.85 -31.72 63.90
N ALA F 235 10.08 -31.37 63.61
CA ALA F 235 11.19 -32.23 63.95
C ALA F 235 11.13 -32.55 65.44
N LEU F 236 10.84 -31.53 66.25
CA LEU F 236 10.75 -31.71 67.69
C LEU F 236 9.57 -32.59 68.07
N ALA F 237 8.38 -32.23 67.60
CA ALA F 237 7.17 -32.98 67.90
C ALA F 237 7.33 -34.48 67.72
N ASN F 238 8.10 -34.89 66.71
CA ASN F 238 8.31 -36.32 66.49
C ASN F 238 9.28 -36.92 67.50
N ILE F 239 10.11 -36.07 68.08
CA ILE F 239 11.08 -36.53 69.06
C ILE F 239 10.38 -36.83 70.40
N ALA F 240 9.40 -36.00 70.76
CA ALA F 240 8.66 -36.15 72.00
C ALA F 240 7.84 -37.43 72.06
N SER F 241 7.53 -37.96 70.88
CA SER F 241 6.75 -39.18 70.78
C SER F 241 7.62 -40.37 71.16
N GLY F 242 8.91 -40.10 71.36
CA GLY F 242 9.84 -41.15 71.71
C GLY F 242 9.99 -41.28 73.21
N PRO F 243 10.98 -42.07 73.68
CA PRO F 243 11.30 -42.32 75.09
C PRO F 243 11.47 -41.05 75.91
N ASP F 244 11.30 -41.19 77.23
CA ASP F 244 11.41 -40.06 78.15
C ASP F 244 12.72 -39.27 77.99
N GLU F 245 13.82 -39.98 77.82
CA GLU F 245 15.12 -39.33 77.65
C GLU F 245 15.01 -38.28 76.56
N ALA F 246 14.27 -38.61 75.50
CA ALA F 246 14.06 -37.70 74.39
C ALA F 246 13.36 -36.43 74.87
N ILE F 247 12.30 -36.60 75.65
CA ILE F 247 11.56 -35.46 76.17
C ILE F 247 12.49 -34.65 77.05
N LYS F 248 13.15 -35.35 77.98
CA LYS F 248 14.09 -34.75 78.91
C LYS F 248 14.97 -33.75 78.18
N ALA F 249 15.42 -34.13 76.97
CA ALA F 249 16.26 -33.26 76.16
C ALA F 249 15.52 -32.00 75.75
N ILE F 250 14.25 -32.13 75.37
CA ILE F 250 13.43 -30.99 74.95
C ILE F 250 13.25 -29.98 76.09
N VAL F 251 12.86 -30.48 77.27
CA VAL F 251 12.65 -29.63 78.42
C VAL F 251 13.97 -29.08 78.93
N ASP F 252 14.92 -29.97 79.19
CA ASP F 252 16.23 -29.54 79.68
C ASP F 252 16.91 -28.56 78.72
N ALA F 253 16.38 -28.45 77.50
CA ALA F 253 16.93 -27.53 76.50
C ALA F 253 16.17 -26.20 76.52
N GLY F 254 15.07 -26.16 77.26
CA GLY F 254 14.28 -24.95 77.34
C GLY F 254 13.37 -24.66 76.16
N GLY F 255 13.05 -25.71 75.39
CA GLY F 255 12.18 -25.52 74.24
C GLY F 255 10.73 -25.35 74.65
N VAL F 256 10.33 -26.02 75.73
CA VAL F 256 8.97 -25.94 76.25
C VAL F 256 8.55 -24.47 76.35
N GLU F 257 9.53 -23.63 76.68
CA GLU F 257 9.30 -22.20 76.81
C GLU F 257 9.13 -21.54 75.44
N VAL F 258 9.86 -22.03 74.45
CA VAL F 258 9.78 -21.48 73.10
C VAL F 258 8.59 -22.03 72.32
N LEU F 259 8.23 -23.30 72.56
CA LEU F 259 7.09 -23.89 71.88
C LEU F 259 5.83 -23.16 72.31
N VAL F 260 5.72 -22.89 73.61
CA VAL F 260 4.57 -22.19 74.13
C VAL F 260 4.44 -20.83 73.47
N LYS F 261 5.55 -20.31 72.96
CA LYS F 261 5.57 -19.01 72.29
C LYS F 261 5.01 -19.13 70.86
N LEU F 262 5.31 -20.24 70.21
CA LEU F 262 4.85 -20.51 68.86
C LEU F 262 3.35 -20.79 68.79
N LEU F 263 2.77 -21.17 69.91
CA LEU F 263 1.34 -21.47 69.96
C LEU F 263 0.51 -20.25 69.52
N THR F 264 1.19 -19.12 69.32
CA THR F 264 0.52 -17.89 68.90
C THR F 264 0.99 -17.47 67.51
N SER F 265 1.81 -18.32 66.87
CA SER F 265 2.31 -18.03 65.54
C SER F 265 1.16 -17.89 64.54
N THR F 266 1.18 -16.81 63.78
CA THR F 266 0.15 -16.56 62.79
C THR F 266 0.14 -17.66 61.73
N ASP F 267 1.20 -18.45 61.69
CA ASP F 267 1.29 -19.54 60.73
C ASP F 267 0.53 -20.73 61.28
N SER F 268 -0.60 -21.02 60.64
CA SER F 268 -1.46 -22.12 61.03
C SER F 268 -0.70 -23.43 61.23
N GLU F 269 0.32 -23.66 60.40
CA GLU F 269 1.10 -24.89 60.49
C GLU F 269 2.11 -24.95 61.62
N VAL F 270 2.68 -23.80 61.97
CA VAL F 270 3.64 -23.77 63.05
C VAL F 270 2.84 -24.04 64.32
N GLN F 271 1.66 -23.45 64.37
CA GLN F 271 0.78 -23.57 65.51
C GLN F 271 0.40 -25.01 65.85
N LYS F 272 -0.22 -25.70 64.92
CA LYS F 272 -0.63 -27.08 65.14
C LYS F 272 0.55 -27.98 65.48
N GLU F 273 1.68 -27.76 64.82
CA GLU F 273 2.84 -28.58 65.04
C GLU F 273 3.48 -28.27 66.39
N ALA F 274 3.48 -27.00 66.77
CA ALA F 274 4.05 -26.60 68.07
C ALA F 274 3.19 -27.18 69.20
N ALA F 275 1.90 -27.33 68.93
CA ALA F 275 0.97 -27.89 69.91
C ALA F 275 1.13 -29.40 69.95
N ARG F 276 1.41 -29.99 68.80
CA ARG F 276 1.57 -31.44 68.73
C ARG F 276 2.72 -31.83 69.65
N ALA F 277 3.80 -31.06 69.58
CA ALA F 277 4.97 -31.30 70.42
C ALA F 277 4.59 -31.11 71.89
N LEU F 278 3.93 -29.98 72.18
CA LEU F 278 3.52 -29.72 73.55
C LEU F 278 2.59 -30.81 74.05
N ALA F 279 1.75 -31.33 73.16
CA ALA F 279 0.84 -32.40 73.56
C ALA F 279 1.64 -33.68 73.80
N ASN F 280 2.71 -33.87 73.03
CA ASN F 280 3.55 -35.05 73.18
C ASN F 280 4.38 -34.97 74.45
N ILE F 281 4.98 -33.80 74.69
CA ILE F 281 5.77 -33.60 75.88
C ILE F 281 4.93 -33.94 77.10
N ALA F 282 3.73 -33.38 77.14
CA ALA F 282 2.81 -33.60 78.26
C ALA F 282 2.38 -35.06 78.47
N SER F 283 2.96 -35.97 77.71
CA SER F 283 2.59 -37.38 77.88
C SER F 283 3.67 -38.06 78.71
N GLY F 284 4.83 -37.40 78.79
CA GLY F 284 5.95 -37.93 79.55
C GLY F 284 5.87 -37.80 81.05
N PRO F 285 7.01 -37.49 81.72
CA PRO F 285 7.10 -37.33 83.18
C PRO F 285 6.48 -36.04 83.72
N ASP F 286 6.01 -36.10 84.96
CA ASP F 286 5.39 -34.96 85.61
C ASP F 286 6.26 -33.70 85.56
N GLU F 287 7.57 -33.89 85.39
CA GLU F 287 8.46 -32.74 85.32
C GLU F 287 8.22 -31.93 84.04
N ALA F 288 7.98 -32.64 82.94
CA ALA F 288 7.72 -32.00 81.66
C ALA F 288 6.43 -31.18 81.77
N ILE F 289 5.38 -31.80 82.30
CA ILE F 289 4.11 -31.12 82.47
C ILE F 289 4.41 -29.81 83.17
N LYS F 290 4.94 -29.92 84.39
CA LYS F 290 5.26 -28.72 85.16
C LYS F 290 6.04 -27.70 84.33
N ALA F 291 6.84 -28.17 83.37
CA ALA F 291 7.59 -27.25 82.52
C ALA F 291 6.61 -26.44 81.68
N ILE F 292 5.54 -27.10 81.26
CA ILE F 292 4.49 -26.48 80.45
C ILE F 292 3.66 -25.51 81.27
N VAL F 293 3.42 -25.86 82.54
CA VAL F 293 2.65 -24.98 83.42
C VAL F 293 3.56 -23.84 83.87
N ASP F 294 4.82 -24.18 84.14
CA ASP F 294 5.79 -23.18 84.57
C ASP F 294 6.04 -22.18 83.46
N ALA F 295 5.53 -22.48 82.27
CA ALA F 295 5.72 -21.56 81.14
C ALA F 295 4.41 -20.85 80.81
N GLY F 296 3.42 -21.04 81.67
CA GLY F 296 2.12 -20.41 81.45
C GLY F 296 1.48 -20.98 80.20
N GLY F 297 2.03 -22.09 79.73
CA GLY F 297 1.50 -22.72 78.53
C GLY F 297 0.04 -23.10 78.64
N VAL F 298 -0.36 -23.60 79.80
CA VAL F 298 -1.73 -24.02 80.02
C VAL F 298 -2.72 -22.93 79.61
N GLU F 299 -2.43 -21.70 79.99
CA GLU F 299 -3.30 -20.58 79.66
C GLU F 299 -3.45 -20.45 78.14
N VAL F 300 -2.32 -20.60 77.44
CA VAL F 300 -2.29 -20.51 75.99
C VAL F 300 -3.05 -21.66 75.32
N LEU F 301 -2.82 -22.88 75.78
CA LEU F 301 -3.50 -24.05 75.23
C LEU F 301 -5.01 -23.95 75.40
N VAL F 302 -5.44 -23.53 76.59
CA VAL F 302 -6.85 -23.39 76.91
C VAL F 302 -7.48 -22.46 75.88
N LYS F 303 -6.74 -21.43 75.48
CA LYS F 303 -7.22 -20.46 74.50
C LYS F 303 -7.37 -21.13 73.12
N LEU F 304 -6.31 -21.78 72.64
CA LEU F 304 -6.36 -22.47 71.36
C LEU F 304 -7.39 -23.60 71.35
N LEU F 305 -7.98 -23.87 72.51
CA LEU F 305 -8.97 -24.94 72.63
C LEU F 305 -10.28 -24.58 71.92
N THR F 306 -10.36 -23.35 71.43
CA THR F 306 -11.54 -22.87 70.73
C THR F 306 -11.14 -22.19 69.42
N SER F 307 -10.49 -22.94 68.55
CA SER F 307 -10.06 -22.39 67.27
C SER F 307 -10.86 -22.93 66.10
N THR F 308 -11.00 -22.12 65.07
CA THR F 308 -11.72 -22.50 63.86
C THR F 308 -10.91 -23.55 63.12
N ASP F 309 -9.69 -23.72 63.58
CA ASP F 309 -8.75 -24.67 62.98
C ASP F 309 -8.83 -26.02 63.70
N SER F 310 -9.56 -26.96 63.10
CA SER F 310 -9.73 -28.30 63.63
C SER F 310 -8.41 -28.93 64.10
N GLU F 311 -7.41 -28.89 63.23
CA GLU F 311 -6.09 -29.44 63.51
C GLU F 311 -5.55 -28.99 64.87
N VAL F 312 -5.30 -27.68 64.98
CA VAL F 312 -4.77 -27.07 66.20
C VAL F 312 -5.60 -27.46 67.42
N GLN F 313 -6.83 -26.93 67.43
CA GLN F 313 -7.76 -27.17 68.51
C GLN F 313 -7.88 -28.63 68.96
N LYS F 314 -7.63 -29.57 68.05
CA LYS F 314 -7.75 -30.98 68.39
C LYS F 314 -6.55 -31.47 69.18
N GLU F 315 -5.36 -31.01 68.79
CA GLU F 315 -4.14 -31.40 69.47
C GLU F 315 -4.05 -30.67 70.81
N ALA F 316 -4.37 -29.37 70.79
CA ALA F 316 -4.34 -28.56 71.99
C ALA F 316 -5.20 -29.21 73.09
N ALA F 317 -6.19 -29.99 72.68
CA ALA F 317 -7.07 -30.66 73.63
C ALA F 317 -6.40 -31.92 74.16
N ARG F 318 -5.66 -32.60 73.31
CA ARG F 318 -4.98 -33.81 73.74
C ARG F 318 -3.93 -33.37 74.75
N ALA F 319 -3.40 -32.17 74.55
CA ALA F 319 -2.37 -31.60 75.41
C ALA F 319 -2.88 -31.40 76.85
N LEU F 320 -3.98 -30.66 77.00
CA LEU F 320 -4.56 -30.38 78.31
C LEU F 320 -5.06 -31.64 79.00
N ALA F 321 -5.35 -32.68 78.22
CA ALA F 321 -5.82 -33.93 78.79
C ALA F 321 -4.64 -34.62 79.44
N ASN F 322 -3.47 -34.45 78.84
CA ASN F 322 -2.25 -35.06 79.38
C ASN F 322 -1.76 -34.22 80.55
N ILE F 323 -1.84 -32.91 80.40
CA ILE F 323 -1.43 -32.01 81.45
C ILE F 323 -2.29 -32.23 82.69
N ALA F 324 -3.56 -32.60 82.45
CA ALA F 324 -4.51 -32.85 83.53
C ALA F 324 -4.35 -34.27 84.11
N SER F 325 -3.54 -35.09 83.45
CA SER F 325 -3.30 -36.45 83.93
C SER F 325 -2.14 -36.43 84.89
N GLY F 326 -1.57 -35.25 85.10
CA GLY F 326 -0.45 -35.11 86.01
C GLY F 326 -0.86 -34.70 87.41
N PRO F 327 0.02 -33.99 88.13
CA PRO F 327 -0.26 -33.54 89.50
C PRO F 327 -1.29 -32.42 89.57
N ASP F 328 -1.82 -32.23 90.77
CA ASP F 328 -2.83 -31.20 91.05
C ASP F 328 -2.42 -29.78 90.67
N GLU F 329 -1.13 -29.46 90.74
CA GLU F 329 -0.67 -28.12 90.41
C GLU F 329 -1.08 -27.75 88.99
N ALA F 330 -0.84 -28.68 88.07
CA ALA F 330 -1.20 -28.47 86.68
C ALA F 330 -2.71 -28.56 86.57
N ILE F 331 -3.29 -29.59 87.17
CA ILE F 331 -4.73 -29.80 87.14
C ILE F 331 -5.47 -28.54 87.58
N LYS F 332 -4.82 -27.75 88.42
CA LYS F 332 -5.45 -26.52 88.91
C LYS F 332 -5.17 -25.31 88.03
N ALA F 333 -4.03 -25.29 87.36
CA ALA F 333 -3.67 -24.18 86.48
C ALA F 333 -4.62 -24.19 85.29
N ILE F 334 -5.26 -25.33 85.06
CA ILE F 334 -6.24 -25.47 83.99
C ILE F 334 -7.50 -24.71 84.41
N VAL F 335 -7.94 -25.01 85.63
CA VAL F 335 -9.13 -24.41 86.19
C VAL F 335 -9.00 -22.89 86.28
N ASP F 336 -7.83 -22.42 86.69
CA ASP F 336 -7.58 -20.99 86.81
C ASP F 336 -7.76 -20.24 85.51
N ALA F 337 -7.20 -20.77 84.43
CA ALA F 337 -7.30 -20.14 83.13
C ALA F 337 -8.75 -20.28 82.63
N GLY F 338 -9.59 -20.89 83.45
CA GLY F 338 -10.97 -21.07 83.06
C GLY F 338 -11.07 -22.02 81.89
N GLY F 339 -10.46 -23.20 82.04
CA GLY F 339 -10.49 -24.18 80.98
C GLY F 339 -11.55 -25.23 81.21
N VAL F 340 -12.03 -25.31 82.45
CA VAL F 340 -13.06 -26.29 82.80
C VAL F 340 -14.35 -26.14 82.00
N GLU F 341 -14.93 -24.94 82.02
CA GLU F 341 -16.18 -24.69 81.31
C GLU F 341 -16.03 -24.75 79.78
N VAL F 342 -14.88 -24.30 79.28
CA VAL F 342 -14.61 -24.34 77.85
C VAL F 342 -14.69 -25.81 77.43
N LEU F 343 -13.95 -26.65 78.14
CA LEU F 343 -13.92 -28.09 77.88
C LEU F 343 -15.32 -28.70 77.97
N VAL F 344 -16.13 -28.19 78.90
CA VAL F 344 -17.48 -28.70 79.08
C VAL F 344 -18.28 -28.66 77.78
N LYS F 345 -18.36 -27.49 77.17
CA LYS F 345 -19.10 -27.29 75.92
C LYS F 345 -18.60 -28.11 74.74
N LEU F 346 -17.29 -28.34 74.66
CA LEU F 346 -16.74 -29.12 73.57
C LEU F 346 -17.14 -30.58 73.69
N LEU F 347 -17.76 -30.93 74.82
CA LEU F 347 -18.22 -32.30 75.07
C LEU F 347 -19.42 -32.56 74.17
N THR F 348 -19.84 -31.52 73.46
CA THR F 348 -20.98 -31.60 72.56
C THR F 348 -20.68 -30.98 71.20
N SER F 349 -19.43 -31.13 70.76
CA SER F 349 -19.01 -30.61 69.47
C SER F 349 -19.00 -31.75 68.45
N THR F 350 -19.59 -31.49 67.30
CA THR F 350 -19.69 -32.46 66.21
C THR F 350 -18.42 -33.30 66.05
N ASP F 351 -17.26 -32.68 66.26
CA ASP F 351 -15.98 -33.36 66.12
C ASP F 351 -15.85 -34.51 67.11
N SER F 352 -16.04 -35.73 66.62
CA SER F 352 -15.97 -36.93 67.45
C SER F 352 -14.57 -37.17 67.99
N GLU F 353 -13.62 -36.31 67.61
CA GLU F 353 -12.25 -36.47 68.08
C GLU F 353 -11.90 -35.52 69.23
N VAL F 354 -12.25 -34.25 69.08
CA VAL F 354 -11.98 -33.27 70.13
C VAL F 354 -12.90 -33.54 71.32
N GLN F 355 -13.90 -34.40 71.10
CA GLN F 355 -14.87 -34.77 72.12
C GLN F 355 -14.31 -35.92 72.95
N LYS F 356 -13.54 -36.79 72.31
CA LYS F 356 -12.93 -37.91 73.02
C LYS F 356 -11.83 -37.35 73.91
N GLU F 357 -11.13 -36.33 73.43
CA GLU F 357 -10.04 -35.71 74.19
C GLU F 357 -10.54 -34.76 75.30
N ALA F 358 -11.64 -34.06 75.03
CA ALA F 358 -12.19 -33.14 76.03
C ALA F 358 -12.83 -33.98 77.11
N ALA F 359 -13.20 -35.21 76.75
CA ALA F 359 -13.81 -36.16 77.67
C ALA F 359 -12.74 -36.73 78.58
N ARG F 360 -11.60 -37.10 78.00
CA ARG F 360 -10.51 -37.64 78.79
C ARG F 360 -10.04 -36.58 79.78
N ALA F 361 -9.81 -35.39 79.26
CA ALA F 361 -9.36 -34.26 80.07
C ALA F 361 -10.23 -34.03 81.30
N LEU F 362 -11.52 -33.75 81.11
CA LEU F 362 -12.41 -33.51 82.25
C LEU F 362 -12.50 -34.70 83.21
N ALA F 363 -12.19 -35.90 82.71
CA ALA F 363 -12.22 -37.08 83.55
C ALA F 363 -11.05 -36.99 84.51
N ASN F 364 -9.90 -36.56 84.00
CA ASN F 364 -8.71 -36.43 84.83
C ASN F 364 -8.81 -35.18 85.70
N ILE F 365 -9.50 -34.17 85.18
CA ILE F 365 -9.67 -32.92 85.92
C ILE F 365 -10.52 -33.17 87.18
N ALA F 366 -11.38 -34.17 87.12
CA ALA F 366 -12.25 -34.50 88.25
C ALA F 366 -11.53 -35.28 89.34
N SER F 367 -10.56 -36.10 88.96
CA SER F 367 -9.83 -36.90 89.94
C SER F 367 -8.91 -36.03 90.79
N GLY F 368 -8.96 -34.72 90.58
CA GLY F 368 -8.12 -33.80 91.33
C GLY F 368 -8.80 -33.20 92.55
N PRO F 369 -8.28 -32.08 93.09
CA PRO F 369 -8.88 -31.44 94.27
C PRO F 369 -10.37 -31.13 94.08
N THR F 370 -11.08 -31.02 95.20
CA THR F 370 -12.50 -30.73 95.15
C THR F 370 -12.77 -29.34 94.55
N SER F 371 -11.76 -28.47 94.59
CA SER F 371 -11.91 -27.11 94.04
C SER F 371 -12.25 -27.17 92.55
N ALA F 372 -11.54 -28.01 91.82
CA ALA F 372 -11.77 -28.17 90.39
C ALA F 372 -13.05 -28.97 90.17
N ILE F 373 -13.24 -30.01 90.97
CA ILE F 373 -14.43 -30.85 90.88
C ILE F 373 -15.68 -29.98 91.05
N LYS F 374 -15.53 -28.90 91.81
CA LYS F 374 -16.59 -27.95 92.09
C LYS F 374 -16.74 -27.02 90.89
N ALA F 375 -15.63 -26.79 90.19
CA ALA F 375 -15.59 -25.93 89.01
C ALA F 375 -16.31 -26.59 87.83
N ILE F 376 -16.33 -27.91 87.83
CA ILE F 376 -16.99 -28.68 86.78
C ILE F 376 -18.50 -28.65 87.00
N VAL F 377 -18.92 -29.05 88.20
CA VAL F 377 -20.34 -29.08 88.55
C VAL F 377 -20.99 -27.70 88.39
N ASP F 378 -20.26 -26.64 88.77
CA ASP F 378 -20.77 -25.28 88.66
C ASP F 378 -21.14 -24.96 87.21
N ALA F 379 -20.36 -25.50 86.28
CA ALA F 379 -20.61 -25.29 84.87
C ALA F 379 -21.51 -26.42 84.38
N GLY F 380 -22.47 -26.80 85.22
CA GLY F 380 -23.43 -27.86 84.91
C GLY F 380 -22.85 -29.10 84.27
N GLY F 381 -21.57 -29.35 84.54
CA GLY F 381 -20.91 -30.51 83.97
C GLY F 381 -21.66 -31.82 84.17
N VAL F 382 -22.01 -32.12 85.41
CA VAL F 382 -22.70 -33.36 85.74
C VAL F 382 -23.82 -33.72 84.76
N GLU F 383 -24.58 -32.71 84.34
CA GLU F 383 -25.69 -32.94 83.41
C GLU F 383 -25.23 -33.39 82.01
N VAL F 384 -24.34 -32.63 81.41
CA VAL F 384 -23.83 -32.95 80.08
C VAL F 384 -23.12 -34.30 80.02
N LEU F 385 -22.29 -34.58 81.02
CA LEU F 385 -21.56 -35.83 81.06
C LEU F 385 -22.52 -37.00 81.25
N GLN F 386 -23.60 -36.75 82.00
CA GLN F 386 -24.60 -37.78 82.26
C GLN F 386 -25.18 -38.27 80.94
N LYS F 387 -25.70 -37.36 80.12
CA LYS F 387 -26.29 -37.73 78.84
C LYS F 387 -25.30 -38.41 77.89
N LEU F 388 -24.01 -38.28 78.18
CA LEU F 388 -22.99 -38.91 77.34
C LEU F 388 -22.78 -40.38 77.71
N LEU F 389 -23.40 -40.81 78.81
CA LEU F 389 -23.31 -42.21 79.24
C LEU F 389 -24.04 -43.07 78.21
N THR F 390 -25.00 -42.43 77.55
CA THR F 390 -25.80 -43.09 76.53
C THR F 390 -25.39 -42.62 75.14
N SER F 391 -24.18 -43.00 74.72
CA SER F 391 -23.65 -42.62 73.42
C SER F 391 -23.17 -43.86 72.65
N THR F 392 -23.32 -43.82 71.32
CA THR F 392 -22.90 -44.95 70.48
C THR F 392 -21.42 -45.26 70.68
N ASP F 393 -20.59 -44.23 70.51
CA ASP F 393 -19.15 -44.38 70.68
C ASP F 393 -18.87 -44.89 72.10
N SER F 394 -18.48 -46.16 72.19
CA SER F 394 -18.20 -46.79 73.48
C SER F 394 -17.05 -46.10 74.20
N GLU F 395 -16.11 -45.56 73.45
CA GLU F 395 -14.98 -44.88 74.04
C GLU F 395 -15.44 -43.64 74.78
N VAL F 396 -16.27 -42.82 74.12
CA VAL F 396 -16.79 -41.59 74.71
C VAL F 396 -17.71 -41.88 75.91
N GLN F 397 -18.11 -43.15 76.06
CA GLN F 397 -18.94 -43.55 77.18
C GLN F 397 -18.04 -43.80 78.40
N LYS F 398 -16.94 -44.53 78.19
CA LYS F 398 -16.01 -44.82 79.27
C LYS F 398 -15.61 -43.53 79.99
N GLU F 399 -15.07 -42.58 79.24
CA GLU F 399 -14.65 -41.29 79.78
C GLU F 399 -15.83 -40.62 80.49
N ALA F 400 -16.99 -40.65 79.85
CA ALA F 400 -18.19 -40.03 80.39
C ALA F 400 -18.48 -40.43 81.84
N GLN F 401 -18.28 -41.70 82.16
CA GLN F 401 -18.54 -42.18 83.52
C GLN F 401 -17.34 -42.06 84.46
N ARG F 402 -16.12 -42.23 83.93
CA ARG F 402 -14.95 -42.11 84.78
C ARG F 402 -14.90 -40.70 85.34
N ALA F 403 -15.49 -39.76 84.62
CA ALA F 403 -15.54 -38.37 85.06
C ALA F 403 -16.56 -38.18 86.20
N LEU F 404 -17.79 -38.62 85.96
CA LEU F 404 -18.83 -38.51 86.97
C LEU F 404 -18.37 -39.29 88.20
N GLU F 405 -17.76 -40.44 87.96
CA GLU F 405 -17.25 -41.30 89.04
C GLU F 405 -16.27 -40.54 89.93
N ASN F 406 -15.37 -39.78 89.28
CA ASN F 406 -14.38 -39.00 89.99
C ASN F 406 -15.03 -37.87 90.77
N ILE F 407 -16.22 -37.46 90.34
CA ILE F 407 -16.94 -36.39 91.02
C ILE F 407 -17.61 -36.99 92.26
N LYS F 408 -17.87 -38.30 92.18
CA LYS F 408 -18.50 -39.04 93.28
C LYS F 408 -17.64 -38.96 94.54
N SER F 409 -16.32 -38.99 94.34
CA SER F 409 -15.37 -38.93 95.45
C SER F 409 -14.40 -37.75 95.27
N GLY F 410 -14.10 -37.03 96.35
CA GLY F 410 -13.20 -35.89 96.27
C GLY F 410 -11.76 -36.25 95.89
N GLY F 411 -10.83 -35.35 96.21
CA GLY F 411 -9.42 -35.59 95.90
C GLY F 411 -9.14 -35.84 94.43
C ACT G . 24.06 -3.94 -19.91
O ACT G . 24.52 -4.58 -20.84
OXT ACT G . 23.07 -3.23 -20.08
CH3 ACT G . 24.70 -4.02 -18.54
C ACT H . -1.40 20.40 -28.65
O ACT H . -0.95 20.29 -27.53
OXT ACT H . -1.02 21.32 -29.34
CH3 ACT H . -2.39 19.42 -29.16
#